data_5IT5
#
_entry.id   5IT5
#
_cell.length_a   107.550
_cell.length_b   133.560
_cell.length_c   208.420
_cell.angle_alpha   90.000
_cell.angle_beta   90.000
_cell.angle_gamma   90.000
#
_symmetry.space_group_name_H-M   'P 2 21 21'
#
loop_
_entity.id
_entity.type
_entity.pdbx_description
1 polymer 'ATP binding motif-containing protein PilF'
2 non-polymer 'ZINC ION'
3 non-polymer "ADENOSINE-5'-TRIPHOSPHATE"
4 non-polymer 'PHOSPHOTHIOPHOSPHORIC ACID-ADENYLATE ESTER'
5 non-polymer 'MAGNESIUM ION'
6 water water
#
_entity_poly.entity_id   1
_entity_poly.type   'polypeptide(L)'
_entity_poly.pdbx_seq_one_letter_code
;SAAQKFVKQVIREAFLQDASDIHIEPRQNDVQVRLRIDGALRPYSTLPKGALNAVISVVKIMGGLNIAEKRLPQDGRVRY
REGAIDVDLRLSTLPTVYGEKAVMRLLKKASDIPEIEDLGFAPGVFERFKEVISKPYGIFLITGPTGSGKSFTTFSILKR
IATPDKNTQTIEDPVEYEIPGINQTQVNPQAGLTFARALRAFLRQDPDIIMVGEIRDSETAKIATEAALTGHLVIATLHT
NDAAQAITRLDEMGVEPFNISAALIGVLSQRLVRRVCEHCKVEVKPDPETLRRLGLSEAEIQGARLYKGMGCERCGGTGY
KGRYAIHELLVVDDEIRHAIVAGKSATEIKEIARRKGMKTLREDGLYKALQGITTLEEVLARTIE
;
_entity_poly.pdbx_strand_id   F,A,B,E,C,D
#
# COMPACT_ATOMS: atom_id res chain seq x y z
N SER A 1 9.06 -37.14 -48.58
CA SER A 1 10.37 -37.08 -47.95
C SER A 1 10.75 -38.43 -47.38
N ALA A 2 11.97 -38.50 -46.86
CA ALA A 2 12.35 -39.63 -46.01
C ALA A 2 12.00 -39.24 -44.59
N ALA A 3 11.93 -37.93 -44.36
CA ALA A 3 11.41 -37.40 -43.12
C ALA A 3 9.98 -37.85 -42.91
N GLN A 4 9.14 -37.65 -43.91
CA GLN A 4 7.75 -38.07 -43.80
C GLN A 4 7.64 -39.55 -43.51
N LYS A 5 8.52 -40.36 -44.08
CA LYS A 5 8.49 -41.80 -43.85
C LYS A 5 8.75 -42.01 -42.36
N PHE A 6 9.81 -41.39 -41.83
CA PHE A 6 10.25 -41.68 -40.47
C PHE A 6 9.17 -41.42 -39.42
N VAL A 7 8.53 -40.25 -39.51
CA VAL A 7 7.44 -39.87 -38.62
C VAL A 7 6.25 -40.84 -38.69
N LYS A 8 6.00 -41.40 -39.87
CA LYS A 8 4.93 -42.41 -40.02
C LYS A 8 5.30 -43.71 -39.32
N GLN A 9 6.56 -44.12 -39.42
CA GLN A 9 7.02 -45.40 -38.87
C GLN A 9 7.06 -45.37 -37.36
N VAL A 10 7.65 -44.31 -36.81
CA VAL A 10 7.84 -44.25 -35.37
C VAL A 10 6.46 -44.12 -34.71
N ILE A 11 5.55 -43.38 -35.33
CA ILE A 11 4.22 -43.28 -34.76
C ILE A 11 3.53 -44.64 -34.85
N ARG A 12 3.66 -45.31 -35.98
CA ARG A 12 3.12 -46.64 -36.15
C ARG A 12 3.69 -47.66 -35.16
N GLU A 13 4.99 -47.59 -34.95
CA GLU A 13 5.65 -48.48 -33.98
C GLU A 13 5.17 -48.18 -32.56
N ALA A 14 5.10 -46.90 -32.24
CA ALA A 14 4.66 -46.49 -30.92
C ALA A 14 3.25 -46.99 -30.66
N PHE A 15 2.34 -46.76 -31.60
CA PHE A 15 0.95 -47.21 -31.46
C PHE A 15 0.87 -48.75 -31.38
N LEU A 16 1.69 -49.45 -32.18
CA LEU A 16 1.75 -50.91 -32.13
C LEU A 16 2.27 -51.43 -30.77
N GLN A 17 3.36 -50.84 -30.29
CA GLN A 17 4.02 -51.29 -29.04
C GLN A 17 3.41 -50.71 -27.74
N ASP A 18 2.48 -49.76 -27.88
CA ASP A 18 1.84 -49.06 -26.75
C ASP A 18 2.86 -48.19 -26.04
N ALA A 19 3.53 -47.37 -26.82
CA ALA A 19 4.39 -46.36 -26.27
C ALA A 19 3.54 -45.13 -26.03
N SER A 20 3.71 -44.52 -24.87
CA SER A 20 2.95 -43.31 -24.53
C SER A 20 3.59 -42.09 -25.15
N ASP A 21 4.93 -42.12 -25.27
CA ASP A 21 5.70 -40.96 -25.72
C ASP A 21 6.78 -41.29 -26.74
N ILE A 22 7.02 -40.34 -27.64
CA ILE A 22 8.10 -40.38 -28.64
C ILE A 22 8.96 -39.09 -28.48
N HIS A 23 10.25 -39.33 -28.37
CA HIS A 23 11.32 -38.49 -27.92
C HIS A 23 12.24 -38.37 -29.15
N ILE A 24 12.14 -37.29 -29.92
CA ILE A 24 13.12 -37.05 -30.99
C ILE A 24 14.13 -36.01 -30.50
N GLU A 25 15.37 -36.45 -30.24
CA GLU A 25 16.35 -35.63 -29.49
C GLU A 25 17.70 -35.42 -30.18
N PRO A 26 17.98 -34.18 -30.59
CA PRO A 26 19.27 -33.87 -31.21
C PRO A 26 20.37 -33.92 -30.18
N ARG A 27 21.50 -34.47 -30.61
CA ARG A 27 22.65 -34.73 -29.76
C ARG A 27 23.87 -34.13 -30.42
N GLN A 28 25.01 -34.30 -29.78
CA GLN A 28 26.22 -33.71 -30.30
C GLN A 28 26.54 -34.15 -31.75
N ASN A 29 26.40 -35.44 -32.05
CA ASN A 29 26.77 -35.94 -33.39
C ASN A 29 25.69 -36.70 -34.15
N ASP A 30 24.52 -36.83 -33.54
CA ASP A 30 23.39 -37.47 -34.21
C ASP A 30 22.05 -37.02 -33.62
N VAL A 31 21.00 -37.71 -34.02
CA VAL A 31 19.67 -37.49 -33.50
C VAL A 31 19.23 -38.77 -32.83
N GLN A 32 18.94 -38.69 -31.54
CA GLN A 32 18.55 -39.86 -30.77
C GLN A 32 17.03 -39.99 -30.76
N VAL A 33 16.52 -41.20 -30.87
CA VAL A 33 15.07 -41.37 -30.81
C VAL A 33 14.67 -42.48 -29.84
N ARG A 34 13.90 -42.11 -28.82
CA ARG A 34 13.50 -43.06 -27.78
C ARG A 34 12.00 -43.15 -27.68
N LEU A 35 11.54 -44.30 -27.21
CA LEU A 35 10.13 -44.56 -26.96
C LEU A 35 9.94 -44.79 -25.49
N ARG A 36 8.88 -44.22 -24.92
CA ARG A 36 8.52 -44.56 -23.56
C ARG A 36 7.51 -45.70 -23.58
N ILE A 37 7.81 -46.76 -22.84
CA ILE A 37 6.94 -47.94 -22.78
C ILE A 37 6.90 -48.43 -21.34
N ASP A 38 5.69 -48.58 -20.82
CA ASP A 38 5.51 -48.97 -19.43
C ASP A 38 6.19 -47.97 -18.49
N GLY A 39 6.24 -46.70 -18.90
CA GLY A 39 6.85 -45.66 -18.10
C GLY A 39 8.35 -45.51 -18.25
N ALA A 40 9.02 -46.43 -18.93
CA ALA A 40 10.47 -46.38 -19.11
C ALA A 40 10.85 -46.16 -20.57
N LEU A 41 11.93 -45.40 -20.78
CA LEU A 41 12.36 -45.09 -22.14
C LEU A 41 13.24 -46.20 -22.71
N ARG A 42 13.08 -46.46 -24.00
CA ARG A 42 13.88 -47.43 -24.76
C ARG A 42 14.51 -46.77 -25.97
N PRO A 43 15.68 -47.25 -26.36
CA PRO A 43 16.26 -46.81 -27.64
C PRO A 43 15.32 -47.14 -28.79
N TYR A 44 15.15 -46.25 -29.77
CA TYR A 44 14.41 -46.66 -30.97
C TYR A 44 15.26 -46.57 -32.22
N SER A 45 15.74 -45.39 -32.53
CA SER A 45 16.49 -45.20 -33.74
C SER A 45 17.60 -44.18 -33.50
N THR A 46 18.60 -44.18 -34.37
CA THR A 46 19.55 -43.07 -34.42
C THR A 46 19.54 -42.48 -35.83
N LEU A 47 19.56 -41.16 -35.92
CA LEU A 47 19.49 -40.49 -37.22
C LEU A 47 20.71 -39.63 -37.40
N PRO A 48 21.07 -39.35 -38.67
CA PRO A 48 22.15 -38.39 -38.96
C PRO A 48 21.74 -36.97 -38.52
N LYS A 49 22.67 -36.27 -37.87
CA LYS A 49 22.40 -34.91 -37.37
C LYS A 49 21.70 -34.03 -38.41
N GLY A 50 22.05 -34.19 -39.68
CA GLY A 50 21.45 -33.40 -40.74
C GLY A 50 19.99 -33.70 -41.01
N ALA A 51 19.51 -34.83 -40.49
CA ALA A 51 18.10 -35.19 -40.70
C ALA A 51 17.17 -34.39 -39.79
N LEU A 52 17.76 -33.65 -38.85
CA LEU A 52 17.00 -32.98 -37.80
C LEU A 52 15.90 -32.08 -38.32
N ASN A 53 16.26 -31.06 -39.08
CA ASN A 53 15.27 -30.06 -39.48
C ASN A 53 14.17 -30.65 -40.35
N ALA A 54 14.51 -31.66 -41.15
CA ALA A 54 13.54 -32.28 -42.04
C ALA A 54 12.44 -32.96 -41.24
N VAL A 55 12.84 -33.57 -40.13
CA VAL A 55 11.93 -34.24 -39.22
C VAL A 55 11.12 -33.21 -38.39
N ILE A 56 11.81 -32.30 -37.70
CA ILE A 56 11.14 -31.23 -36.97
C ILE A 56 10.08 -30.51 -37.82
N SER A 57 10.34 -30.33 -39.11
CA SER A 57 9.40 -29.63 -39.97
C SER A 57 8.14 -30.44 -40.18
N VAL A 58 8.30 -31.73 -40.46
CA VAL A 58 7.15 -32.64 -40.59
C VAL A 58 6.29 -32.62 -39.32
N VAL A 59 6.93 -32.81 -38.16
CA VAL A 59 6.22 -32.72 -36.89
C VAL A 59 5.56 -31.37 -36.73
N LYS A 60 6.30 -30.29 -36.99
CA LYS A 60 5.72 -28.96 -36.83
C LYS A 60 4.54 -28.76 -37.76
N ILE A 61 4.65 -29.25 -38.98
CA ILE A 61 3.57 -29.08 -39.95
C ILE A 61 2.30 -29.75 -39.45
N MET A 62 2.45 -30.90 -38.80
CA MET A 62 1.32 -31.70 -38.32
C MET A 62 0.41 -30.96 -37.36
N GLY A 63 0.98 -30.18 -36.45
CA GLY A 63 0.18 -29.51 -35.43
C GLY A 63 0.03 -28.02 -35.63
N GLY A 64 0.44 -27.55 -36.81
CA GLY A 64 0.33 -26.15 -37.15
C GLY A 64 1.25 -25.33 -36.28
N LEU A 65 2.49 -25.78 -36.16
CA LEU A 65 3.51 -25.10 -35.36
C LEU A 65 4.48 -24.33 -36.27
N ASN A 66 4.86 -23.13 -35.87
CA ASN A 66 5.71 -22.30 -36.74
C ASN A 66 7.13 -22.87 -36.96
N ILE A 67 7.46 -23.18 -38.21
CA ILE A 67 8.79 -23.66 -38.57
C ILE A 67 9.88 -22.58 -38.44
N ALA A 68 9.52 -21.33 -38.72
CA ALA A 68 10.49 -20.22 -38.63
C ALA A 68 10.95 -19.98 -37.19
N GLU A 69 10.03 -20.13 -36.23
CA GLU A 69 10.37 -20.01 -34.81
C GLU A 69 11.11 -21.25 -34.29
N LYS A 70 12.35 -21.05 -33.86
CA LYS A 70 13.15 -22.15 -33.31
C LYS A 70 13.75 -21.77 -31.96
N ARG A 71 13.63 -20.50 -31.58
CA ARG A 71 14.24 -20.04 -30.33
C ARG A 71 13.27 -20.17 -29.17
N LEU A 72 12.02 -20.51 -29.48
CA LEU A 72 11.00 -20.57 -28.46
C LEU A 72 10.31 -21.92 -28.43
N PRO A 73 9.83 -22.33 -27.25
CA PRO A 73 9.05 -23.56 -27.11
C PRO A 73 7.72 -23.45 -27.84
N GLN A 74 7.27 -24.56 -28.40
CA GLN A 74 5.96 -24.61 -29.03
C GLN A 74 5.23 -25.90 -28.67
N ASP A 75 3.90 -25.85 -28.71
CA ASP A 75 3.10 -27.06 -28.55
C ASP A 75 1.87 -27.00 -29.43
N GLY A 76 1.39 -28.16 -29.85
CA GLY A 76 0.24 -28.23 -30.71
C GLY A 76 -0.40 -29.60 -30.63
N ARG A 77 -1.35 -29.85 -31.52
CA ARG A 77 -2.07 -31.11 -31.46
C ARG A 77 -2.50 -31.57 -32.86
N VAL A 78 -2.47 -32.88 -33.08
CA VAL A 78 -2.79 -33.44 -34.38
C VAL A 78 -3.58 -34.74 -34.25
N ARG A 79 -4.71 -34.83 -34.95
CA ARG A 79 -5.31 -36.13 -35.15
C ARG A 79 -4.59 -36.81 -36.32
N TYR A 80 -3.55 -37.54 -35.99
CA TYR A 80 -2.83 -38.34 -36.98
C TYR A 80 -3.67 -39.56 -37.40
N ARG A 81 -3.60 -39.88 -38.69
CA ARG A 81 -4.37 -40.98 -39.25
C ARG A 81 -3.70 -41.68 -40.42
N GLU A 82 -3.76 -42.99 -40.37
CA GLU A 82 -3.48 -43.82 -41.53
C GLU A 82 -3.98 -45.25 -41.36
N GLY A 83 -4.58 -45.77 -42.43
CA GLY A 83 -4.96 -47.16 -42.48
C GLY A 83 -5.74 -47.56 -41.26
N ALA A 84 -5.10 -48.35 -40.40
CA ALA A 84 -5.75 -48.88 -39.21
C ALA A 84 -5.58 -47.95 -38.01
N ILE A 85 -4.68 -46.99 -38.14
CA ILE A 85 -4.29 -46.17 -37.00
C ILE A 85 -5.06 -44.87 -36.91
N ASP A 86 -5.73 -44.67 -35.79
CA ASP A 86 -6.31 -43.38 -35.49
C ASP A 86 -5.86 -43.00 -34.10
N VAL A 87 -5.06 -41.95 -33.99
CA VAL A 87 -4.54 -41.57 -32.70
C VAL A 87 -4.48 -40.06 -32.59
N ASP A 88 -4.78 -39.55 -31.39
CA ASP A 88 -4.55 -38.16 -31.07
C ASP A 88 -3.17 -38.00 -30.42
N LEU A 89 -2.40 -37.02 -30.90
CA LEU A 89 -1.08 -36.73 -30.35
C LEU A 89 -1.01 -35.29 -29.88
N ARG A 90 -0.35 -35.05 -28.76
CA ARG A 90 0.00 -33.66 -28.44
C ARG A 90 1.49 -33.54 -28.69
N LEU A 91 1.90 -32.45 -29.34
CA LEU A 91 3.29 -32.25 -29.78
C LEU A 91 4.00 -31.14 -29.01
N SER A 92 5.29 -31.32 -28.76
CA SER A 92 6.08 -30.31 -28.05
C SER A 92 7.42 -30.13 -28.70
N THR A 93 7.76 -28.89 -29.05
CA THR A 93 9.07 -28.62 -29.61
C THR A 93 9.81 -27.69 -28.67
N LEU A 94 11.02 -28.09 -28.30
CA LEU A 94 11.78 -27.38 -27.32
C LEU A 94 13.15 -27.11 -27.89
N PRO A 95 13.66 -25.87 -27.73
CA PRO A 95 15.03 -25.53 -28.16
C PRO A 95 16.08 -26.17 -27.26
N THR A 96 17.08 -26.81 -27.86
CA THR A 96 18.23 -27.30 -27.10
C THR A 96 19.55 -26.84 -27.73
N VAL A 97 20.64 -27.16 -27.08
CA VAL A 97 21.96 -26.84 -27.60
C VAL A 97 22.16 -27.34 -29.03
N TYR A 98 21.66 -28.53 -29.34
CA TYR A 98 21.95 -29.12 -30.64
C TYR A 98 20.77 -29.08 -31.62
N GLY A 99 19.85 -28.14 -31.41
CA GLY A 99 18.68 -28.03 -32.26
C GLY A 99 17.39 -28.24 -31.49
N GLU A 100 16.27 -28.44 -32.18
CA GLU A 100 15.02 -28.58 -31.44
C GLU A 100 14.67 -30.04 -31.12
N LYS A 101 14.30 -30.29 -29.87
CA LYS A 101 13.82 -31.60 -29.44
C LYS A 101 12.31 -31.66 -29.57
N ALA A 102 11.82 -32.74 -30.14
CA ALA A 102 10.38 -32.88 -30.34
C ALA A 102 9.90 -34.06 -29.52
N VAL A 103 8.76 -33.87 -28.85
CA VAL A 103 8.12 -34.95 -28.09
C VAL A 103 6.67 -35.12 -28.47
N MET A 104 6.31 -36.32 -28.90
CA MET A 104 4.94 -36.64 -29.28
C MET A 104 4.31 -37.56 -28.27
N ARG A 105 3.27 -37.06 -27.60
CA ARG A 105 2.57 -37.90 -26.65
C ARG A 105 1.36 -38.56 -27.32
N LEU A 106 1.27 -39.88 -27.21
CA LEU A 106 0.11 -40.61 -27.72
C LEU A 106 -0.97 -40.55 -26.65
N LEU A 107 -2.16 -40.12 -27.06
CA LEU A 107 -3.26 -39.97 -26.13
C LEU A 107 -4.21 -41.17 -26.22
N LYS A 108 -4.75 -41.58 -25.06
CA LYS A 108 -5.74 -42.64 -24.98
C LYS A 108 -7.13 -42.15 -25.40
N LYS A 109 -8.04 -43.11 -25.55
CA LYS A 109 -9.44 -42.86 -25.92
C LYS A 109 -10.35 -43.37 -24.80
N ALA A 110 -11.64 -43.03 -24.88
CA ALA A 110 -12.60 -43.54 -23.91
C ALA A 110 -12.68 -45.06 -23.98
N SER A 111 -12.43 -45.61 -25.15
CA SER A 111 -12.45 -47.05 -25.34
C SER A 111 -11.43 -47.75 -24.45
N ASP A 112 -10.34 -47.03 -24.13
CA ASP A 112 -9.25 -47.62 -23.37
C ASP A 112 -9.53 -47.69 -21.88
N ILE A 113 -10.56 -46.99 -21.40
CA ILE A 113 -10.84 -46.95 -19.96
C ILE A 113 -11.44 -48.24 -19.49
N PRO A 114 -10.85 -48.84 -18.45
CA PRO A 114 -11.34 -50.12 -17.90
C PRO A 114 -12.62 -49.97 -17.11
N GLU A 115 -13.40 -51.03 -17.02
CA GLU A 115 -14.44 -51.10 -16.01
C GLU A 115 -13.77 -51.30 -14.65
N ILE A 116 -14.42 -50.87 -13.56
CA ILE A 116 -13.80 -50.94 -12.23
C ILE A 116 -13.45 -52.38 -11.81
N GLU A 117 -13.99 -53.38 -12.49
CA GLU A 117 -13.66 -54.75 -12.18
C GLU A 117 -12.32 -55.14 -12.78
N ASP A 118 -11.86 -54.35 -13.75
CA ASP A 118 -10.59 -54.65 -14.39
C ASP A 118 -9.57 -53.62 -14.03
N LEU A 119 -9.71 -53.05 -12.84
CA LEU A 119 -8.77 -52.02 -12.36
C LEU A 119 -7.60 -52.66 -11.61
N GLY A 120 -7.79 -53.89 -11.16
CA GLY A 120 -6.73 -54.60 -10.48
C GLY A 120 -6.89 -54.56 -8.98
N PHE A 121 -8.11 -54.29 -8.52
CA PHE A 121 -8.30 -54.23 -7.07
C PHE A 121 -8.33 -55.65 -6.54
N ALA A 122 -7.66 -55.85 -5.43
CA ALA A 122 -7.78 -57.09 -4.67
C ALA A 122 -9.21 -57.28 -4.18
N PRO A 123 -9.66 -58.53 -4.08
CA PRO A 123 -10.99 -58.93 -3.61
C PRO A 123 -11.61 -58.06 -2.50
N GLY A 124 -11.01 -58.10 -1.30
CA GLY A 124 -11.61 -57.47 -0.14
C GLY A 124 -11.69 -55.95 -0.30
N VAL A 125 -10.62 -55.39 -0.83
CA VAL A 125 -10.56 -53.98 -1.12
C VAL A 125 -11.58 -53.56 -2.16
N PHE A 126 -11.82 -54.42 -3.15
CA PHE A 126 -12.66 -54.01 -4.26
C PHE A 126 -14.07 -53.77 -3.76
N GLU A 127 -14.50 -54.55 -2.77
CA GLU A 127 -15.85 -54.41 -2.28
C GLU A 127 -16.06 -53.08 -1.55
N ARG A 128 -15.01 -52.62 -0.86
CA ARG A 128 -15.04 -51.31 -0.19
C ARG A 128 -15.10 -50.19 -1.20
N PHE A 129 -14.21 -50.26 -2.19
CA PHE A 129 -14.13 -49.28 -3.26
C PHE A 129 -15.49 -49.08 -3.92
N LYS A 130 -16.18 -50.19 -4.22
CA LYS A 130 -17.50 -50.10 -4.84
C LYS A 130 -18.48 -49.34 -3.96
N GLU A 131 -18.30 -49.46 -2.66
CA GLU A 131 -19.20 -48.80 -1.74
C GLU A 131 -18.87 -47.32 -1.52
N VAL A 132 -17.60 -46.94 -1.47
CA VAL A 132 -17.33 -45.52 -1.31
C VAL A 132 -17.78 -44.73 -2.55
N ILE A 133 -17.64 -45.26 -3.77
CA ILE A 133 -18.03 -44.50 -4.96
C ILE A 133 -19.53 -44.52 -5.23
N SER A 134 -20.24 -45.40 -4.53
CA SER A 134 -21.67 -45.45 -4.73
C SER A 134 -22.39 -44.49 -3.78
N LYS A 135 -21.65 -43.71 -3.01
CA LYS A 135 -22.27 -42.82 -2.04
C LYS A 135 -22.87 -41.61 -2.73
N PRO A 136 -23.95 -41.05 -2.18
CA PRO A 136 -24.74 -39.97 -2.79
C PRO A 136 -23.98 -38.67 -2.90
N TYR A 137 -23.08 -38.43 -1.95
CA TYR A 137 -22.32 -37.20 -1.93
C TYR A 137 -21.15 -37.31 -0.97
N GLY A 138 -20.24 -36.37 -1.09
CA GLY A 138 -19.01 -36.41 -0.32
C GLY A 138 -17.89 -36.20 -1.31
N ILE A 139 -16.65 -36.13 -0.82
CA ILE A 139 -15.50 -36.01 -1.70
C ILE A 139 -14.57 -37.23 -1.57
N PHE A 140 -14.26 -37.83 -2.73
CA PHE A 140 -13.34 -38.95 -2.84
C PHE A 140 -12.05 -38.47 -3.45
N LEU A 141 -10.95 -38.62 -2.71
CA LEU A 141 -9.66 -38.14 -3.20
C LEU A 141 -8.83 -39.30 -3.77
N ILE A 142 -8.42 -39.14 -5.03
CA ILE A 142 -7.54 -40.11 -5.64
C ILE A 142 -6.17 -39.48 -5.71
N THR A 143 -5.23 -40.01 -4.94
CA THR A 143 -3.93 -39.37 -4.81
C THR A 143 -2.73 -40.26 -5.24
N GLY A 144 -1.74 -39.63 -5.90
CA GLY A 144 -0.52 -40.31 -6.29
C GLY A 144 0.23 -39.47 -7.32
N PRO A 145 1.50 -39.80 -7.60
CA PRO A 145 2.33 -39.01 -8.53
C PRO A 145 1.92 -39.23 -9.98
N THR A 146 2.58 -38.60 -10.93
CA THR A 146 2.10 -38.69 -12.31
C THR A 146 2.33 -40.11 -12.84
N GLY A 147 1.36 -40.66 -13.57
CA GLY A 147 1.55 -41.96 -14.17
C GLY A 147 1.34 -43.02 -13.12
N SER A 148 0.30 -42.79 -12.32
CA SER A 148 -0.04 -43.72 -11.26
C SER A 148 -1.37 -44.41 -11.52
N GLY A 149 -2.01 -44.02 -12.62
CA GLY A 149 -3.27 -44.60 -13.04
C GLY A 149 -4.46 -43.80 -12.50
N LYS A 150 -4.21 -42.57 -12.05
CA LYS A 150 -5.26 -41.79 -11.39
C LYS A 150 -6.45 -41.41 -12.29
N SER A 151 -6.23 -41.00 -13.50
CA SER A 151 -7.29 -40.69 -14.39
C SER A 151 -8.02 -41.91 -14.94
N PHE A 152 -7.34 -43.03 -15.08
CA PHE A 152 -7.91 -44.29 -15.49
C PHE A 152 -8.92 -44.70 -14.42
N THR A 153 -8.56 -44.48 -13.17
CA THR A 153 -9.47 -44.80 -12.08
C THR A 153 -10.61 -43.79 -11.96
N THR A 154 -10.32 -42.49 -12.08
CA THR A 154 -11.43 -41.55 -11.94
C THR A 154 -12.44 -41.82 -13.06
N PHE A 155 -11.99 -41.93 -14.31
CA PHE A 155 -12.94 -42.12 -15.42
C PHE A 155 -13.55 -43.53 -15.43
N SER A 156 -12.85 -44.51 -14.88
CA SER A 156 -13.45 -45.82 -14.68
C SER A 156 -14.64 -45.70 -13.74
N ILE A 157 -14.45 -44.92 -12.67
CA ILE A 157 -15.52 -44.67 -11.72
C ILE A 157 -16.67 -43.93 -12.38
N LEU A 158 -16.34 -42.91 -13.16
CA LEU A 158 -17.37 -42.10 -13.81
C LEU A 158 -18.15 -42.93 -14.79
N LYS A 159 -17.47 -43.89 -15.40
CA LYS A 159 -18.09 -44.79 -16.36
C LYS A 159 -19.23 -45.54 -15.70
N ARG A 160 -19.01 -45.95 -14.45
CA ARG A 160 -19.98 -46.74 -13.72
C ARG A 160 -21.12 -45.93 -13.08
N ILE A 161 -20.82 -44.75 -12.50
CA ILE A 161 -21.79 -44.03 -11.67
C ILE A 161 -22.52 -42.86 -12.37
N ALA A 162 -22.02 -42.43 -13.53
CA ALA A 162 -22.61 -41.31 -14.26
C ALA A 162 -23.69 -41.84 -15.18
N THR A 163 -24.93 -41.75 -14.71
CA THR A 163 -26.08 -42.28 -15.40
C THR A 163 -26.97 -41.12 -15.82
N PRO A 164 -27.81 -41.29 -16.86
CA PRO A 164 -28.63 -40.20 -17.44
C PRO A 164 -29.45 -39.35 -16.46
N ASP A 165 -29.81 -39.88 -15.29
CA ASP A 165 -30.51 -39.08 -14.26
C ASP A 165 -29.60 -38.08 -13.50
N LYS A 166 -28.31 -38.10 -13.79
CA LYS A 166 -27.36 -37.28 -13.07
C LYS A 166 -26.68 -36.27 -13.99
N ASN A 167 -26.14 -35.22 -13.39
CA ASN A 167 -25.29 -34.32 -14.13
C ASN A 167 -23.83 -34.46 -13.72
N THR A 168 -23.03 -35.04 -14.60
CA THR A 168 -21.60 -35.25 -14.35
C THR A 168 -20.84 -34.16 -15.07
N GLN A 169 -20.16 -33.31 -14.31
CA GLN A 169 -19.45 -32.14 -14.83
C GLN A 169 -18.01 -32.21 -14.37
N THR A 170 -17.11 -31.85 -15.27
CA THR A 170 -15.69 -32.08 -15.11
C THR A 170 -14.89 -30.81 -15.42
N ILE A 171 -13.81 -30.59 -14.66
CA ILE A 171 -12.82 -29.57 -14.99
C ILE A 171 -11.46 -30.25 -15.13
N GLU A 172 -10.83 -30.08 -16.29
CA GLU A 172 -9.59 -30.79 -16.64
C GLU A 172 -8.56 -29.88 -17.29
N ASP A 173 -7.28 -30.13 -17.06
CA ASP A 173 -6.22 -29.31 -17.65
C ASP A 173 -5.04 -30.13 -18.18
N PRO A 174 -5.10 -30.54 -19.45
CA PRO A 174 -6.15 -30.33 -20.46
C PRO A 174 -7.22 -31.40 -20.34
N VAL A 175 -8.29 -31.31 -21.14
CA VAL A 175 -9.18 -32.47 -21.28
C VAL A 175 -8.48 -33.45 -22.24
N GLU A 176 -8.05 -34.60 -21.72
CA GLU A 176 -7.29 -35.55 -22.54
C GLU A 176 -8.15 -36.28 -23.57
N TYR A 177 -9.30 -36.80 -23.13
CA TYR A 177 -10.18 -37.53 -24.03
C TYR A 177 -11.66 -37.38 -23.64
N GLU A 178 -12.51 -37.28 -24.65
CA GLU A 178 -13.92 -37.04 -24.43
C GLU A 178 -14.65 -38.32 -24.00
N ILE A 179 -15.64 -38.16 -23.13
CA ILE A 179 -16.35 -39.32 -22.59
C ILE A 179 -17.86 -39.15 -22.68
N PRO A 180 -18.54 -40.13 -23.32
CA PRO A 180 -19.98 -40.02 -23.52
C PRO A 180 -20.75 -40.05 -22.21
N GLY A 181 -21.75 -39.18 -22.09
CA GLY A 181 -22.65 -39.20 -20.95
C GLY A 181 -22.30 -38.21 -19.85
N ILE A 182 -21.23 -37.45 -20.05
CA ILE A 182 -20.74 -36.48 -19.05
C ILE A 182 -20.35 -35.17 -19.70
N ASN A 183 -20.41 -34.09 -18.94
CA ASN A 183 -20.03 -32.78 -19.47
C ASN A 183 -18.58 -32.43 -19.09
N GLN A 184 -17.79 -31.92 -20.04
CA GLN A 184 -16.39 -31.59 -19.78
C GLN A 184 -16.03 -30.15 -20.13
N THR A 185 -15.27 -29.52 -19.24
CA THR A 185 -14.78 -28.14 -19.40
C THR A 185 -13.28 -28.11 -19.27
N GLN A 186 -12.62 -27.38 -20.17
CA GLN A 186 -11.17 -27.31 -20.18
C GLN A 186 -10.65 -26.01 -19.59
N VAL A 187 -9.67 -26.11 -18.69
CA VAL A 187 -9.01 -24.94 -18.11
C VAL A 187 -8.43 -24.03 -19.20
N ASN A 188 -8.69 -22.74 -19.10
CA ASN A 188 -8.31 -21.80 -20.15
C ASN A 188 -7.63 -20.57 -19.58
N PRO A 189 -6.36 -20.70 -19.17
CA PRO A 189 -5.63 -19.66 -18.42
C PRO A 189 -5.48 -18.36 -19.21
N GLN A 190 -5.53 -18.45 -20.54
CA GLN A 190 -5.49 -17.25 -21.38
C GLN A 190 -6.78 -16.44 -21.27
N ALA A 191 -7.86 -17.08 -20.82
CA ALA A 191 -9.15 -16.41 -20.71
C ALA A 191 -9.49 -16.14 -19.26
N GLY A 192 -8.77 -16.76 -18.33
CA GLY A 192 -9.02 -16.59 -16.92
C GLY A 192 -9.71 -17.83 -16.35
N LEU A 193 -10.18 -18.69 -17.24
CA LEU A 193 -10.88 -19.88 -16.78
C LEU A 193 -9.93 -20.82 -16.05
N THR A 194 -9.74 -20.55 -14.77
CA THR A 194 -8.97 -21.40 -13.87
C THR A 194 -9.80 -22.55 -13.26
N PHE A 195 -9.11 -23.48 -12.60
CA PHE A 195 -9.77 -24.52 -11.81
C PHE A 195 -10.75 -23.87 -10.83
N ALA A 196 -10.27 -22.89 -10.06
CA ALA A 196 -11.13 -22.22 -9.09
C ALA A 196 -12.31 -21.47 -9.72
N ARG A 197 -12.11 -20.91 -10.91
CA ARG A 197 -13.18 -20.12 -11.51
C ARG A 197 -14.27 -20.99 -12.12
N ALA A 198 -13.89 -22.16 -12.61
CA ALA A 198 -14.84 -23.07 -13.18
C ALA A 198 -15.59 -23.77 -12.07
N LEU A 199 -14.89 -24.06 -10.98
CA LEU A 199 -15.52 -24.74 -9.85
C LEU A 199 -16.68 -23.93 -9.30
N ARG A 200 -16.46 -22.62 -9.10
CA ARG A 200 -17.51 -21.73 -8.64
C ARG A 200 -18.70 -21.75 -9.59
N ALA A 201 -18.44 -21.88 -10.88
CA ALA A 201 -19.50 -21.88 -11.87
C ALA A 201 -20.30 -23.18 -11.77
N PHE A 202 -19.62 -24.30 -11.50
CA PHE A 202 -20.26 -25.60 -11.42
C PHE A 202 -21.36 -25.62 -10.36
N LEU A 203 -21.19 -24.83 -9.30
CA LEU A 203 -22.18 -24.79 -8.23
C LEU A 203 -23.47 -24.11 -8.72
N ARG A 204 -23.34 -23.34 -9.80
CA ARG A 204 -24.49 -22.68 -10.43
C ARG A 204 -25.08 -23.54 -11.54
N GLN A 205 -24.62 -24.78 -11.67
CA GLN A 205 -24.84 -25.60 -12.87
C GLN A 205 -25.62 -26.90 -12.53
N ASP A 206 -26.23 -26.90 -11.34
CA ASP A 206 -27.04 -28.00 -10.83
C ASP A 206 -26.30 -29.32 -10.95
N PRO A 207 -25.10 -29.41 -10.37
CA PRO A 207 -24.29 -30.63 -10.56
C PRO A 207 -24.71 -31.78 -9.65
N ASP A 208 -24.38 -33.01 -10.03
CA ASP A 208 -24.60 -34.20 -9.21
C ASP A 208 -23.29 -34.93 -8.89
N ILE A 209 -22.40 -34.90 -9.87
CA ILE A 209 -21.07 -35.48 -9.75
C ILE A 209 -20.08 -34.49 -10.35
N ILE A 210 -19.08 -34.10 -9.57
CA ILE A 210 -18.05 -33.20 -10.06
C ILE A 210 -16.68 -33.85 -9.97
N MET A 211 -15.88 -33.74 -11.04
CA MET A 211 -14.47 -34.12 -10.95
C MET A 211 -13.56 -32.90 -11.01
N VAL A 212 -12.63 -32.77 -10.07
CA VAL A 212 -11.60 -31.75 -10.29
C VAL A 212 -10.37 -32.49 -10.76
N GLY A 213 -9.97 -32.15 -11.97
CA GLY A 213 -8.79 -32.71 -12.57
C GLY A 213 -7.63 -32.72 -11.60
N GLU A 214 -7.44 -31.62 -10.88
CA GLU A 214 -6.31 -31.50 -9.96
C GLU A 214 -6.56 -30.42 -8.92
N ILE A 215 -6.23 -30.70 -7.65
CA ILE A 215 -6.23 -29.67 -6.62
C ILE A 215 -4.82 -29.10 -6.32
N ARG A 216 -4.40 -28.04 -7.03
CA ARG A 216 -3.07 -27.44 -6.80
C ARG A 216 -3.17 -26.28 -5.81
N ASP A 217 -4.38 -25.76 -5.71
CA ASP A 217 -4.64 -24.42 -5.24
C ASP A 217 -5.44 -24.50 -3.94
N SER A 218 -5.17 -23.62 -3.00
CA SER A 218 -5.93 -23.53 -1.76
C SER A 218 -7.44 -23.21 -1.97
N GLU A 219 -7.71 -22.32 -2.90
CA GLU A 219 -9.06 -21.92 -3.21
C GLU A 219 -9.85 -23.10 -3.77
N THR A 220 -9.21 -23.81 -4.69
CA THR A 220 -9.77 -25.00 -5.32
C THR A 220 -10.12 -26.05 -4.29
N ALA A 221 -9.28 -26.18 -3.27
CA ALA A 221 -9.53 -27.14 -2.22
C ALA A 221 -10.78 -26.79 -1.43
N LYS A 222 -11.10 -25.51 -1.31
CA LYS A 222 -12.26 -25.12 -0.50
C LYS A 222 -13.57 -25.24 -1.28
N ILE A 223 -13.52 -24.99 -2.58
CA ILE A 223 -14.74 -25.06 -3.38
C ILE A 223 -15.10 -26.51 -3.55
N ALA A 224 -14.13 -27.33 -3.89
CA ALA A 224 -14.35 -28.76 -3.99
C ALA A 224 -14.95 -29.30 -2.70
N THR A 225 -14.49 -28.79 -1.56
CA THR A 225 -15.05 -29.22 -0.29
C THR A 225 -16.46 -28.66 -0.12
N GLU A 226 -16.67 -27.43 -0.57
CA GLU A 226 -17.97 -26.82 -0.48
C GLU A 226 -19.00 -27.59 -1.33
N ALA A 227 -18.59 -28.04 -2.52
CA ALA A 227 -19.51 -28.81 -3.35
C ALA A 227 -19.87 -30.09 -2.61
N ALA A 228 -18.88 -30.69 -1.96
CA ALA A 228 -19.13 -31.91 -1.21
C ALA A 228 -20.13 -31.67 -0.07
N LEU A 229 -19.99 -30.54 0.64
CA LEU A 229 -20.90 -30.17 1.72
C LEU A 229 -22.32 -29.77 1.26
N THR A 230 -22.43 -29.32 0.01
CA THR A 230 -23.68 -28.87 -0.56
C THR A 230 -24.57 -30.03 -0.96
N GLY A 231 -23.97 -31.21 -1.13
CA GLY A 231 -24.73 -32.41 -1.40
C GLY A 231 -24.36 -33.12 -2.69
N HIS A 232 -23.22 -32.76 -3.25
CA HIS A 232 -22.78 -33.34 -4.51
C HIS A 232 -21.64 -34.34 -4.28
N LEU A 233 -21.51 -35.30 -5.18
CA LEU A 233 -20.35 -36.19 -5.12
C LEU A 233 -19.21 -35.51 -5.84
N VAL A 234 -18.03 -35.52 -5.22
CA VAL A 234 -16.88 -34.86 -5.80
C VAL A 234 -15.73 -35.83 -5.88
N ILE A 235 -15.26 -36.12 -7.08
CA ILE A 235 -14.06 -36.95 -7.23
C ILE A 235 -12.87 -36.05 -7.59
N ALA A 236 -11.80 -36.11 -6.80
CA ALA A 236 -10.70 -35.15 -6.94
C ALA A 236 -9.32 -35.81 -6.80
N THR A 237 -8.29 -35.19 -7.39
CA THR A 237 -6.93 -35.73 -7.30
C THR A 237 -6.00 -34.77 -6.58
N LEU A 238 -5.25 -35.33 -5.64
CA LEU A 238 -4.20 -34.64 -4.93
C LEU A 238 -2.86 -35.27 -5.27
N HIS A 239 -1.78 -34.59 -4.93
CA HIS A 239 -0.45 -35.19 -5.05
C HIS A 239 0.17 -35.47 -3.70
N THR A 240 0.03 -36.72 -3.26
CA THR A 240 0.45 -37.17 -1.94
C THR A 240 0.99 -38.59 -1.96
N ASN A 241 2.07 -38.85 -1.23
CA ASN A 241 2.74 -40.17 -1.26
C ASN A 241 1.89 -41.28 -0.61
N ASP A 242 0.92 -40.83 0.16
CA ASP A 242 0.20 -41.67 1.09
C ASP A 242 -1.26 -41.28 1.06
N ALA A 243 -2.14 -42.17 1.48
CA ALA A 243 -3.56 -41.87 1.52
C ALA A 243 -3.92 -40.91 2.66
N ALA A 244 -3.61 -41.34 3.88
CA ALA A 244 -3.83 -40.56 5.08
C ALA A 244 -3.30 -39.12 5.00
N GLN A 245 -2.20 -38.89 4.29
CA GLN A 245 -1.60 -37.57 4.22
C GLN A 245 -2.43 -36.61 3.35
N ALA A 246 -3.36 -37.16 2.57
CA ALA A 246 -4.30 -36.32 1.81
C ALA A 246 -5.28 -35.61 2.76
N ILE A 247 -5.53 -36.21 3.92
CA ILE A 247 -6.28 -35.51 4.94
C ILE A 247 -5.48 -34.31 5.45
N THR A 248 -4.24 -34.55 5.87
CA THR A 248 -3.35 -33.46 6.33
C THR A 248 -3.11 -32.39 5.24
N ARG A 249 -2.88 -32.80 3.99
CA ARG A 249 -2.67 -31.81 2.91
C ARG A 249 -3.88 -30.91 2.73
N LEU A 250 -5.08 -31.46 2.87
CA LEU A 250 -6.27 -30.60 2.80
C LEU A 250 -6.29 -29.57 3.96
N ASP A 251 -5.86 -30.00 5.15
CA ASP A 251 -5.77 -29.10 6.28
C ASP A 251 -4.71 -28.00 6.02
N GLU A 252 -3.51 -28.39 5.59
CA GLU A 252 -2.45 -27.41 5.30
C GLU A 252 -2.92 -26.43 4.23
N MET A 253 -3.60 -26.94 3.20
CA MET A 253 -4.17 -26.06 2.17
C MET A 253 -5.30 -25.16 2.70
N GLY A 254 -5.67 -25.32 3.96
CA GLY A 254 -6.65 -24.43 4.58
C GLY A 254 -8.11 -24.85 4.65
N VAL A 255 -8.36 -26.16 4.59
CA VAL A 255 -9.69 -26.66 4.87
C VAL A 255 -9.73 -27.11 6.30
N GLU A 256 -10.66 -26.54 7.07
CA GLU A 256 -10.76 -26.87 8.48
C GLU A 256 -11.16 -28.32 8.62
N PRO A 257 -10.57 -29.01 9.61
CA PRO A 257 -10.85 -30.42 9.85
C PRO A 257 -12.33 -30.69 10.07
N PHE A 258 -13.11 -29.75 10.61
CA PHE A 258 -14.53 -30.06 10.77
C PHE A 258 -15.18 -30.09 9.39
N ASN A 259 -14.65 -29.35 8.42
CA ASN A 259 -15.19 -29.45 7.07
C ASN A 259 -14.70 -30.73 6.40
N ILE A 260 -13.44 -31.10 6.64
CA ILE A 260 -12.88 -32.31 6.06
C ILE A 260 -13.67 -33.48 6.57
N SER A 261 -13.90 -33.51 7.87
CA SER A 261 -14.59 -34.64 8.51
C SER A 261 -16.02 -34.84 7.95
N ALA A 262 -16.69 -33.72 7.67
CA ALA A 262 -18.06 -33.73 7.19
C ALA A 262 -18.22 -34.05 5.69
N ALA A 263 -17.17 -33.89 4.90
CA ALA A 263 -17.25 -34.05 3.45
C ALA A 263 -16.49 -35.25 2.88
N LEU A 264 -15.43 -35.69 3.57
CA LEU A 264 -14.52 -36.73 3.06
C LEU A 264 -15.05 -38.16 3.21
N ILE A 265 -15.30 -38.85 2.10
CA ILE A 265 -15.78 -40.25 2.19
C ILE A 265 -14.66 -41.29 1.98
N GLY A 266 -13.62 -40.93 1.25
CA GLY A 266 -12.51 -41.86 1.10
C GLY A 266 -11.34 -41.32 0.33
N VAL A 267 -10.16 -41.88 0.58
CA VAL A 267 -8.98 -41.53 -0.19
C VAL A 267 -8.43 -42.77 -0.83
N LEU A 268 -8.23 -42.72 -2.15
CA LEU A 268 -7.51 -43.77 -2.84
C LEU A 268 -6.09 -43.35 -3.24
N SER A 269 -5.10 -43.96 -2.62
CA SER A 269 -3.74 -43.74 -3.05
C SER A 269 -3.41 -44.90 -3.96
N GLN A 270 -2.86 -44.66 -5.16
CA GLN A 270 -2.40 -45.79 -5.97
C GLN A 270 -1.08 -45.55 -6.72
N ARG A 271 -0.41 -46.64 -7.08
CA ARG A 271 0.80 -46.61 -7.91
C ARG A 271 0.64 -47.54 -9.09
N LEU A 272 1.52 -47.39 -10.08
CA LEU A 272 1.52 -48.27 -11.23
C LEU A 272 2.85 -49.03 -11.25
N VAL A 273 2.81 -50.33 -10.97
CA VAL A 273 4.02 -51.17 -11.04
C VAL A 273 4.12 -51.85 -12.40
N ARG A 274 5.33 -52.15 -12.84
CA ARG A 274 5.51 -52.87 -14.10
C ARG A 274 5.16 -54.37 -13.98
N ARG A 275 4.60 -54.90 -15.04
CA ARG A 275 4.10 -56.26 -15.05
C ARG A 275 5.13 -57.21 -15.66
N VAL A 276 5.53 -58.24 -14.91
CA VAL A 276 6.52 -59.23 -15.36
C VAL A 276 6.15 -59.91 -16.66
N CYS A 277 7.05 -59.85 -17.64
CA CYS A 277 6.85 -60.52 -18.92
C CYS A 277 6.58 -62.01 -18.74
N GLU A 278 5.49 -62.47 -19.34
CA GLU A 278 5.09 -63.87 -19.23
C GLU A 278 6.10 -64.84 -19.87
N HIS A 279 6.68 -64.43 -21.00
CA HIS A 279 7.56 -65.28 -21.78
C HIS A 279 8.86 -65.60 -21.06
N CYS A 280 9.35 -64.67 -20.25
CA CYS A 280 10.60 -64.95 -19.55
C CYS A 280 10.49 -64.92 -18.03
N LYS A 281 9.26 -65.05 -17.51
CA LYS A 281 9.02 -65.16 -16.06
C LYS A 281 9.84 -66.35 -15.54
N VAL A 282 10.48 -66.14 -14.40
CA VAL A 282 11.34 -67.13 -13.76
C VAL A 282 11.08 -67.04 -12.28
N GLU A 283 10.94 -68.18 -11.62
CA GLU A 283 10.86 -68.19 -10.17
C GLU A 283 12.19 -67.69 -9.56
N VAL A 284 12.08 -66.94 -8.50
CA VAL A 284 13.26 -66.41 -7.87
C VAL A 284 13.26 -66.82 -6.40
N LYS A 285 14.41 -67.25 -5.91
CA LYS A 285 14.49 -67.74 -4.54
C LYS A 285 14.48 -66.51 -3.66
N PRO A 286 13.38 -66.29 -2.90
CA PRO A 286 13.28 -65.08 -2.06
C PRO A 286 14.34 -65.20 -0.96
N ASP A 287 14.93 -64.13 -0.37
CA ASP A 287 15.81 -64.26 0.80
C ASP A 287 14.78 -64.43 1.95
N PRO A 288 14.85 -65.54 2.76
CA PRO A 288 13.99 -65.79 3.90
C PRO A 288 13.47 -64.56 4.57
N GLU A 289 14.34 -63.57 4.65
CA GLU A 289 14.00 -62.54 5.58
C GLU A 289 14.23 -61.04 5.23
N THR A 290 14.29 -60.74 3.95
CA THR A 290 14.02 -59.38 3.50
C THR A 290 12.51 -59.32 3.61
N LEU A 291 11.96 -60.51 3.36
CA LEU A 291 10.57 -60.85 3.51
C LEU A 291 9.96 -60.43 4.82
N ARG A 292 10.39 -60.94 5.97
CA ARG A 292 9.49 -60.71 7.10
C ARG A 292 9.60 -59.27 7.53
N ARG A 293 10.69 -58.55 7.18
CA ARG A 293 10.81 -57.19 7.63
C ARG A 293 9.59 -56.33 7.31
N LEU A 294 8.88 -56.67 6.23
CA LEU A 294 7.55 -56.09 6.10
C LEU A 294 6.50 -57.14 6.42
N GLY A 295 6.63 -57.70 7.63
CA GLY A 295 5.54 -58.35 8.33
C GLY A 295 4.98 -59.60 7.72
N LEU A 296 5.84 -60.39 7.10
CA LEU A 296 5.39 -61.67 6.60
C LEU A 296 5.42 -62.62 7.77
N SER A 297 4.31 -63.32 8.01
CA SER A 297 4.30 -64.43 8.94
C SER A 297 5.29 -65.47 8.44
N GLU A 298 5.83 -66.27 9.34
CA GLU A 298 6.69 -67.34 8.88
C GLU A 298 5.93 -68.48 8.26
N ALA A 299 4.64 -68.50 8.54
CA ALA A 299 3.72 -69.37 7.85
C ALA A 299 3.48 -68.79 6.44
N GLU A 300 3.68 -67.48 6.30
CA GLU A 300 3.53 -66.80 5.02
C GLU A 300 4.82 -66.93 4.20
N ILE A 301 5.94 -67.08 4.89
CA ILE A 301 7.25 -67.16 4.23
C ILE A 301 7.57 -68.56 3.74
N GLN A 302 6.95 -69.63 4.25
CA GLN A 302 7.31 -70.93 3.91
C GLN A 302 6.90 -71.21 2.46
N GLY A 303 5.70 -70.68 2.22
CA GLY A 303 5.00 -70.71 0.92
C GLY A 303 5.40 -69.68 -0.12
N ALA A 304 6.26 -68.74 0.27
CA ALA A 304 6.51 -67.56 -0.58
C ALA A 304 7.29 -67.85 -1.86
N ARG A 305 6.80 -67.31 -2.96
CA ARG A 305 7.50 -67.39 -4.23
C ARG A 305 7.54 -65.97 -4.80
N LEU A 306 8.71 -65.52 -5.24
CA LEU A 306 8.84 -64.26 -5.99
C LEU A 306 9.26 -64.54 -7.43
N TYR A 307 9.08 -63.56 -8.32
CA TYR A 307 9.34 -63.81 -9.73
C TYR A 307 10.07 -62.67 -10.40
N LYS A 308 10.56 -62.92 -11.60
CA LYS A 308 11.35 -61.95 -12.35
C LYS A 308 11.31 -62.23 -13.85
N GLY A 309 11.28 -61.19 -14.66
CA GLY A 309 11.52 -61.31 -16.09
C GLY A 309 13.00 -61.29 -16.45
N MET A 310 13.41 -62.24 -17.27
CA MET A 310 14.80 -62.41 -17.65
C MET A 310 15.20 -61.41 -18.68
N GLY A 311 14.27 -61.12 -19.58
CA GLY A 311 14.55 -60.28 -20.73
C GLY A 311 14.53 -61.09 -22.01
N CYS A 312 13.76 -60.64 -23.01
CA CYS A 312 13.65 -61.38 -24.26
C CYS A 312 13.19 -60.46 -25.37
N GLU A 313 13.17 -60.93 -26.61
CA GLU A 313 12.93 -59.99 -27.69
C GLU A 313 11.40 -59.63 -27.56
N ARG A 314 10.66 -60.25 -26.62
CA ARG A 314 9.23 -59.93 -26.48
C ARG A 314 9.02 -58.66 -25.68
N CYS A 315 9.88 -58.46 -24.70
CA CYS A 315 9.84 -57.32 -23.80
C CYS A 315 11.07 -56.40 -23.88
N GLY A 316 11.79 -56.42 -24.99
CA GLY A 316 12.91 -55.52 -25.15
C GLY A 316 14.01 -55.73 -24.13
N GLY A 317 14.08 -56.92 -23.54
CA GLY A 317 15.10 -57.20 -22.53
C GLY A 317 14.79 -56.56 -21.19
N THR A 318 13.61 -55.96 -21.09
CA THR A 318 13.16 -55.29 -19.89
C THR A 318 12.82 -56.28 -18.78
N GLY A 319 12.23 -57.39 -19.21
CA GLY A 319 11.65 -58.39 -18.31
C GLY A 319 10.29 -57.94 -17.83
N TYR A 320 9.74 -56.90 -18.46
CA TYR A 320 8.42 -56.38 -18.15
C TYR A 320 7.63 -56.11 -19.41
N LYS A 321 6.31 -56.27 -19.31
CA LYS A 321 5.41 -55.95 -20.41
C LYS A 321 4.07 -55.56 -19.85
N GLY A 322 3.74 -54.27 -19.98
CA GLY A 322 2.54 -53.71 -19.40
C GLY A 322 2.77 -53.27 -17.96
N ARG A 323 1.78 -52.62 -17.37
CA ARG A 323 1.82 -52.35 -15.96
C ARG A 323 0.55 -52.88 -15.25
N TYR A 324 0.52 -52.71 -13.94
CA TYR A 324 -0.56 -53.17 -13.10
C TYR A 324 -0.70 -52.16 -11.98
N ALA A 325 -1.88 -52.05 -11.40
CA ALA A 325 -2.12 -51.04 -10.38
C ALA A 325 -2.13 -51.66 -9.00
N ILE A 326 -1.53 -50.92 -8.07
CA ILE A 326 -1.54 -51.27 -6.66
C ILE A 326 -2.17 -50.11 -5.87
N HIS A 327 -2.92 -50.44 -4.82
CA HIS A 327 -3.80 -49.47 -4.19
C HIS A 327 -3.66 -49.44 -2.67
N GLU A 328 -3.96 -48.29 -2.10
CA GLU A 328 -4.19 -48.11 -0.67
C GLU A 328 -5.50 -47.34 -0.50
N LEU A 329 -6.54 -48.00 0.02
CA LEU A 329 -7.86 -47.37 0.08
C LEU A 329 -8.29 -46.99 1.49
N LEU A 330 -8.32 -45.69 1.77
CA LEU A 330 -8.79 -45.21 3.08
C LEU A 330 -10.28 -44.91 2.99
N VAL A 331 -11.09 -45.74 3.65
CA VAL A 331 -12.51 -45.44 3.75
C VAL A 331 -12.77 -44.71 5.06
N VAL A 332 -13.48 -43.58 4.98
CA VAL A 332 -13.79 -42.83 6.19
C VAL A 332 -15.04 -43.37 6.91
N ASP A 333 -14.88 -43.66 8.20
CA ASP A 333 -16.00 -44.01 9.08
C ASP A 333 -16.04 -43.07 10.30
N ASP A 334 -16.82 -43.41 11.32
CA ASP A 334 -17.02 -42.48 12.45
C ASP A 334 -15.71 -42.34 13.24
N GLU A 335 -15.00 -43.44 13.43
CA GLU A 335 -13.73 -43.39 14.15
C GLU A 335 -12.64 -42.56 13.42
N ILE A 336 -12.52 -42.75 12.10
CA ILE A 336 -11.65 -41.89 11.28
C ILE A 336 -12.06 -40.41 11.31
N ARG A 337 -13.34 -40.11 11.11
CA ARG A 337 -13.76 -38.71 10.97
C ARG A 337 -13.60 -37.99 12.30
N HIS A 338 -13.67 -38.74 13.39
CA HIS A 338 -13.37 -38.18 14.69
C HIS A 338 -11.88 -37.84 14.83
N ALA A 339 -11.02 -38.68 14.27
CA ALA A 339 -9.58 -38.41 14.36
C ALA A 339 -9.20 -37.17 13.54
N ILE A 340 -10.03 -36.81 12.57
CA ILE A 340 -9.74 -35.64 11.78
C ILE A 340 -9.96 -34.39 12.63
N VAL A 341 -11.13 -34.27 13.28
CA VAL A 341 -11.44 -33.06 14.05
C VAL A 341 -10.61 -33.03 15.30
N ALA A 342 -10.36 -34.21 15.86
CA ALA A 342 -9.47 -34.38 16.99
C ALA A 342 -8.10 -33.83 16.65
N GLY A 343 -7.74 -33.85 15.37
CA GLY A 343 -6.51 -33.23 14.92
C GLY A 343 -5.30 -34.13 14.95
N LYS A 344 -5.53 -35.43 14.81
CA LYS A 344 -4.44 -36.39 14.80
C LYS A 344 -3.67 -36.29 13.48
N SER A 345 -2.42 -36.76 13.47
CA SER A 345 -1.54 -36.58 12.32
C SER A 345 -1.81 -37.65 11.27
N ALA A 346 -1.21 -37.50 10.10
CA ALA A 346 -1.33 -38.49 9.05
C ALA A 346 -0.99 -39.90 9.56
N THR A 347 0.09 -39.97 10.33
CA THR A 347 0.59 -41.27 10.81
C THR A 347 -0.37 -41.90 11.80
N GLU A 348 -0.91 -41.09 12.69
CA GLU A 348 -1.89 -41.57 13.66
C GLU A 348 -3.19 -42.03 12.99
N ILE A 349 -3.62 -41.30 11.96
CA ILE A 349 -4.83 -41.66 11.22
C ILE A 349 -4.63 -42.93 10.41
N LYS A 350 -3.42 -43.08 9.87
CA LYS A 350 -3.06 -44.26 9.10
C LYS A 350 -3.06 -45.52 9.98
N GLU A 351 -2.51 -45.38 11.19
CA GLU A 351 -2.53 -46.46 12.20
C GLU A 351 -3.94 -46.98 12.41
N ILE A 352 -4.90 -46.05 12.49
CA ILE A 352 -6.31 -46.38 12.78
C ILE A 352 -6.91 -47.13 11.61
N ALA A 353 -6.68 -46.59 10.41
CA ALA A 353 -7.26 -47.14 9.21
C ALA A 353 -6.74 -48.55 9.02
N ARG A 354 -5.42 -48.71 9.16
CA ARG A 354 -4.85 -50.04 9.04
C ARG A 354 -5.46 -50.97 10.06
N ARG A 355 -5.63 -50.49 11.29
CA ARG A 355 -6.24 -51.30 12.35
C ARG A 355 -7.65 -51.75 11.97
N LYS A 356 -8.35 -50.94 11.20
CA LYS A 356 -9.71 -51.31 10.79
C LYS A 356 -9.73 -52.11 9.50
N GLY A 357 -8.55 -52.45 8.96
CA GLY A 357 -8.49 -53.33 7.80
C GLY A 357 -8.04 -52.73 6.48
N MET A 358 -7.55 -51.49 6.51
CA MET A 358 -6.96 -50.90 5.31
C MET A 358 -5.60 -51.56 5.04
N LYS A 359 -5.43 -52.15 3.87
CA LYS A 359 -4.12 -52.64 3.53
C LYS A 359 -3.36 -51.53 2.77
N THR A 360 -2.05 -51.43 2.99
CA THR A 360 -1.23 -50.35 2.45
C THR A 360 -0.59 -50.65 1.09
N LEU A 361 0.01 -49.63 0.47
CA LEU A 361 0.57 -49.82 -0.86
C LEU A 361 1.53 -51.00 -0.90
N ARG A 362 2.48 -51.05 0.05
CA ARG A 362 3.45 -52.16 0.08
C ARG A 362 2.79 -53.52 0.21
N GLU A 363 1.86 -53.61 1.16
CA GLU A 363 1.15 -54.84 1.39
C GLU A 363 0.37 -55.25 0.14
N ASP A 364 -0.13 -54.28 -0.62
CA ASP A 364 -0.84 -54.62 -1.84
C ASP A 364 0.15 -55.08 -2.90
N GLY A 365 1.22 -54.32 -3.12
CA GLY A 365 2.26 -54.72 -4.05
C GLY A 365 2.85 -56.08 -3.72
N LEU A 366 3.14 -56.30 -2.45
CA LEU A 366 3.70 -57.57 -1.99
C LEU A 366 2.74 -58.78 -2.20
N TYR A 367 1.43 -58.58 -2.03
CA TYR A 367 0.45 -59.62 -2.34
C TYR A 367 0.44 -59.92 -3.85
N LYS A 368 0.72 -58.90 -4.65
CA LYS A 368 0.69 -59.07 -6.11
C LYS A 368 2.02 -59.59 -6.62
N ALA A 369 3.07 -59.28 -5.88
CA ALA A 369 4.38 -59.77 -6.22
C ALA A 369 4.45 -61.25 -5.92
N LEU A 370 3.75 -61.68 -4.86
CA LEU A 370 3.74 -63.09 -4.50
C LEU A 370 3.01 -63.96 -5.52
N GLN A 371 2.19 -63.34 -6.37
CA GLN A 371 1.58 -64.05 -7.48
C GLN A 371 2.42 -63.95 -8.76
N GLY A 372 3.42 -63.08 -8.78
CA GLY A 372 4.25 -62.92 -9.97
C GLY A 372 3.72 -61.91 -10.99
N ILE A 373 2.71 -61.17 -10.60
CA ILE A 373 2.21 -60.09 -11.43
C ILE A 373 3.30 -59.04 -11.62
N THR A 374 4.00 -58.74 -10.54
CA THR A 374 5.05 -57.75 -10.63
C THR A 374 6.30 -58.25 -9.90
N THR A 375 7.36 -57.44 -9.95
CA THR A 375 8.61 -57.72 -9.28
C THR A 375 8.64 -57.08 -7.89
N LEU A 376 9.26 -57.75 -6.91
CA LEU A 376 9.43 -57.15 -5.59
C LEU A 376 10.25 -55.87 -5.65
N GLU A 377 11.11 -55.78 -6.66
CA GLU A 377 11.92 -54.60 -6.82
C GLU A 377 11.05 -53.41 -7.20
N GLU A 378 10.10 -53.63 -8.12
CA GLU A 378 9.17 -52.58 -8.54
C GLU A 378 8.35 -52.09 -7.36
N VAL A 379 7.96 -53.00 -6.47
CA VAL A 379 7.16 -52.61 -5.32
C VAL A 379 7.94 -51.71 -4.37
N LEU A 380 9.18 -52.08 -4.11
CA LEU A 380 10.07 -51.30 -3.27
C LEU A 380 10.43 -49.94 -3.88
N ALA A 381 10.17 -49.76 -5.17
CA ALA A 381 10.53 -48.51 -5.82
C ALA A 381 9.37 -47.52 -5.81
N ARG A 382 8.16 -48.04 -5.96
CA ARG A 382 6.99 -47.19 -6.06
C ARG A 382 6.44 -46.82 -4.68
N THR A 383 6.92 -47.49 -3.64
CA THR A 383 6.34 -47.35 -2.32
C THR A 383 7.38 -47.08 -1.22
N ILE A 384 6.99 -46.25 -0.25
CA ILE A 384 7.86 -45.89 0.87
C ILE A 384 7.28 -46.56 2.14
N GLU A 385 5.95 -46.73 2.16
CA GLU A 385 5.24 -47.33 3.31
C GLU A 385 4.20 -48.39 2.87
N SER B 1 55.88 -11.59 -32.03
CA SER B 1 55.57 -10.41 -31.21
C SER B 1 55.84 -10.66 -29.74
N ALA B 2 56.24 -9.61 -29.02
CA ALA B 2 56.35 -9.69 -27.56
C ALA B 2 54.98 -9.86 -26.87
N ALA B 3 53.98 -9.12 -27.35
CA ALA B 3 52.65 -9.20 -26.75
C ALA B 3 51.99 -10.56 -27.09
N GLN B 4 52.21 -11.07 -28.28
CA GLN B 4 51.67 -12.39 -28.59
C GLN B 4 52.34 -13.46 -27.73
N LYS B 5 53.59 -13.24 -27.35
CA LYS B 5 54.35 -14.22 -26.54
C LYS B 5 53.94 -14.23 -25.07
N PHE B 6 53.66 -13.04 -24.53
CA PHE B 6 53.22 -12.93 -23.14
C PHE B 6 51.90 -13.67 -22.94
N VAL B 7 50.92 -13.38 -23.81
CA VAL B 7 49.59 -13.96 -23.74
C VAL B 7 49.68 -15.49 -23.82
N LYS B 8 50.44 -15.94 -24.80
CA LYS B 8 50.79 -17.35 -24.97
C LYS B 8 51.35 -17.94 -23.66
N GLN B 9 52.36 -17.28 -23.12
CA GLN B 9 53.03 -17.82 -21.96
C GLN B 9 52.11 -17.88 -20.75
N VAL B 10 51.30 -16.84 -20.57
CA VAL B 10 50.51 -16.69 -19.37
C VAL B 10 49.32 -17.67 -19.39
N ILE B 11 48.76 -17.94 -20.56
CA ILE B 11 47.70 -18.95 -20.70
C ILE B 11 48.26 -20.35 -20.40
N ARG B 12 49.43 -20.60 -20.97
CA ARG B 12 50.12 -21.87 -20.78
C ARG B 12 50.36 -22.09 -19.28
N GLU B 13 50.81 -21.07 -18.59
CA GLU B 13 51.08 -21.21 -17.18
C GLU B 13 49.81 -21.37 -16.37
N ALA B 14 48.75 -20.69 -16.79
CA ALA B 14 47.45 -20.82 -16.12
C ALA B 14 46.94 -22.23 -16.28
N PHE B 15 46.99 -22.72 -17.52
CA PHE B 15 46.48 -24.03 -17.83
C PHE B 15 47.20 -25.10 -16.99
N LEU B 16 48.52 -24.99 -16.91
CA LEU B 16 49.34 -25.98 -16.19
C LEU B 16 49.22 -25.86 -14.69
N GLN B 17 48.59 -24.80 -14.24
CA GLN B 17 48.54 -24.57 -12.81
C GLN B 17 47.12 -24.53 -12.28
N ASP B 18 46.18 -24.84 -13.16
CA ASP B 18 44.76 -24.92 -12.83
C ASP B 18 44.32 -23.60 -12.28
N ALA B 19 44.51 -22.56 -13.09
CA ALA B 19 44.05 -21.24 -12.74
C ALA B 19 42.77 -21.05 -13.49
N SER B 20 41.77 -20.48 -12.82
CA SER B 20 40.47 -20.29 -13.41
C SER B 20 40.43 -19.00 -14.21
N ASP B 21 41.27 -18.05 -13.82
CA ASP B 21 41.23 -16.69 -14.38
C ASP B 21 42.59 -16.00 -14.53
N ILE B 22 42.75 -15.25 -15.61
CA ILE B 22 43.93 -14.45 -15.84
C ILE B 22 43.55 -12.98 -15.85
N HIS B 23 44.14 -12.23 -14.91
CA HIS B 23 43.84 -10.81 -14.73
C HIS B 23 44.98 -9.92 -15.22
N ILE B 24 44.73 -9.16 -16.28
CA ILE B 24 45.69 -8.21 -16.77
C ILE B 24 45.23 -6.79 -16.38
N GLU B 25 45.89 -6.16 -15.41
CA GLU B 25 45.35 -4.95 -14.79
C GLU B 25 46.26 -3.72 -14.92
N PRO B 26 45.86 -2.74 -15.75
CA PRO B 26 46.67 -1.52 -15.80
C PRO B 26 46.63 -0.76 -14.49
N ARG B 27 47.81 -0.37 -14.01
CA ARG B 27 47.93 0.41 -12.81
C ARG B 27 48.64 1.69 -13.16
N GLN B 28 49.02 2.45 -12.13
CA GLN B 28 49.50 3.81 -12.35
C GLN B 28 50.74 3.84 -13.22
N ASN B 29 51.73 3.03 -12.84
CA ASN B 29 53.06 3.08 -13.44
C ASN B 29 53.48 1.77 -14.06
N ASP B 30 52.62 0.77 -13.97
CA ASP B 30 52.89 -0.49 -14.63
C ASP B 30 51.62 -1.26 -14.91
N VAL B 31 51.78 -2.45 -15.49
CA VAL B 31 50.66 -3.36 -15.67
C VAL B 31 50.83 -4.54 -14.72
N GLN B 32 49.76 -4.95 -14.06
CA GLN B 32 49.86 -6.11 -13.20
C GLN B 32 49.08 -7.29 -13.74
N VAL B 33 49.70 -8.47 -13.67
CA VAL B 33 49.08 -9.71 -14.12
C VAL B 33 48.90 -10.65 -12.97
N ARG B 34 47.66 -11.05 -12.71
CA ARG B 34 47.39 -11.96 -11.61
C ARG B 34 46.61 -13.17 -12.10
N LEU B 35 46.95 -14.33 -11.52
CA LEU B 35 46.26 -15.59 -11.80
C LEU B 35 45.45 -15.92 -10.59
N ARG B 36 44.23 -16.41 -10.82
CA ARG B 36 43.46 -16.90 -9.73
C ARG B 36 43.71 -18.39 -9.66
N ILE B 37 44.26 -18.86 -8.56
CA ILE B 37 44.49 -20.29 -8.38
C ILE B 37 43.83 -20.77 -7.07
N ASP B 38 43.07 -21.86 -7.16
CA ASP B 38 42.31 -22.37 -6.01
C ASP B 38 41.46 -21.27 -5.39
N GLY B 39 40.81 -20.44 -6.22
CA GLY B 39 40.03 -19.33 -5.72
C GLY B 39 40.72 -18.07 -5.20
N ALA B 40 42.05 -18.02 -5.16
CA ALA B 40 42.76 -16.82 -4.70
C ALA B 40 43.71 -16.30 -5.75
N LEU B 41 43.71 -15.00 -5.93
CA LEU B 41 44.66 -14.39 -6.85
C LEU B 41 46.10 -14.47 -6.29
N ARG B 42 47.07 -14.66 -7.19
CA ARG B 42 48.48 -14.51 -6.85
C ARG B 42 49.19 -13.75 -7.96
N PRO B 43 50.33 -13.13 -7.64
CA PRO B 43 51.01 -12.35 -8.68
C PRO B 43 51.63 -13.29 -9.70
N TYR B 44 51.53 -12.93 -10.97
CA TYR B 44 52.19 -13.72 -12.00
C TYR B 44 53.35 -12.95 -12.60
N SER B 45 53.15 -11.66 -12.84
CA SER B 45 54.14 -10.88 -13.54
C SER B 45 53.84 -9.39 -13.51
N THR B 46 54.75 -8.63 -14.08
CA THR B 46 54.53 -7.22 -14.29
C THR B 46 54.94 -6.91 -15.71
N LEU B 47 54.19 -6.03 -16.35
CA LEU B 47 54.55 -5.55 -17.66
C LEU B 47 54.80 -4.03 -17.58
N PRO B 48 55.60 -3.50 -18.52
CA PRO B 48 55.76 -2.06 -18.69
C PRO B 48 54.45 -1.40 -19.12
N LYS B 49 54.21 -0.16 -18.71
CA LYS B 49 52.96 0.51 -19.02
C LYS B 49 52.77 0.67 -20.53
N GLY B 50 53.87 0.73 -21.28
CA GLY B 50 53.77 0.90 -22.72
C GLY B 50 53.43 -0.39 -23.44
N ALA B 51 53.33 -1.48 -22.68
CA ALA B 51 53.08 -2.79 -23.27
C ALA B 51 51.58 -3.07 -23.24
N LEU B 52 50.82 -2.25 -22.53
CA LEU B 52 49.40 -2.55 -22.32
C LEU B 52 48.64 -2.68 -23.62
N ASN B 53 48.69 -1.65 -24.46
CA ASN B 53 47.85 -1.63 -25.64
C ASN B 53 48.16 -2.76 -26.60
N ALA B 54 49.42 -3.18 -26.63
CA ALA B 54 49.79 -4.31 -27.48
C ALA B 54 49.20 -5.60 -26.94
N VAL B 55 49.24 -5.79 -25.63
CA VAL B 55 48.64 -6.96 -24.99
C VAL B 55 47.12 -7.02 -25.21
N ILE B 56 46.43 -5.91 -24.94
CA ILE B 56 44.99 -5.86 -25.15
C ILE B 56 44.59 -6.21 -26.59
N SER B 57 45.41 -5.81 -27.57
CA SER B 57 45.08 -6.13 -28.96
C SER B 57 45.17 -7.64 -29.21
N VAL B 58 46.11 -8.30 -28.56
CA VAL B 58 46.20 -9.73 -28.76
C VAL B 58 44.90 -10.39 -28.35
N VAL B 59 44.43 -10.11 -27.13
CA VAL B 59 43.21 -10.75 -26.63
C VAL B 59 41.96 -10.25 -27.40
N LYS B 60 41.95 -9.00 -27.85
CA LYS B 60 40.77 -8.54 -28.56
C LYS B 60 40.67 -9.22 -29.91
N ILE B 61 41.81 -9.34 -30.61
CA ILE B 61 41.89 -10.05 -31.88
C ILE B 61 41.33 -11.46 -31.70
N MET B 62 41.71 -12.09 -30.58
CA MET B 62 41.31 -13.46 -30.31
C MET B 62 39.81 -13.59 -30.23
N GLY B 63 39.17 -12.76 -29.44
CA GLY B 63 37.74 -12.90 -29.21
C GLY B 63 36.93 -12.05 -30.18
N GLY B 64 37.59 -11.58 -31.24
CA GLY B 64 36.90 -10.80 -32.25
C GLY B 64 36.31 -9.54 -31.66
N LEU B 65 37.02 -8.94 -30.74
CA LEU B 65 36.57 -7.70 -30.15
C LEU B 65 37.09 -6.51 -30.96
N ASN B 66 36.42 -5.37 -30.82
CA ASN B 66 36.79 -4.15 -31.55
C ASN B 66 37.91 -3.40 -30.82
N ILE B 67 39.09 -3.35 -31.43
CA ILE B 67 40.24 -2.74 -30.75
C ILE B 67 40.11 -1.21 -30.68
N ALA B 68 39.42 -0.61 -31.63
CA ALA B 68 39.24 0.84 -31.64
C ALA B 68 38.43 1.31 -30.42
N GLU B 69 37.39 0.55 -30.06
CA GLU B 69 36.54 0.88 -28.92
C GLU B 69 37.24 0.61 -27.58
N LYS B 70 37.55 1.68 -26.84
CA LYS B 70 38.22 1.57 -25.55
C LYS B 70 37.43 2.21 -24.40
N ARG B 71 36.25 2.74 -24.67
CA ARG B 71 35.47 3.36 -23.60
C ARG B 71 34.37 2.45 -23.05
N LEU B 72 34.07 1.37 -23.77
CA LEU B 72 33.01 0.46 -23.35
C LEU B 72 33.54 -0.94 -23.12
N PRO B 73 32.95 -1.67 -22.14
CA PRO B 73 33.35 -3.07 -21.89
C PRO B 73 33.01 -3.97 -23.08
N GLN B 74 33.83 -4.98 -23.36
CA GLN B 74 33.51 -5.92 -24.43
C GLN B 74 33.58 -7.36 -23.97
N ASP B 75 32.97 -8.28 -24.73
CA ASP B 75 32.93 -9.73 -24.41
C ASP B 75 33.13 -10.65 -25.61
N GLY B 76 33.95 -11.69 -25.42
CA GLY B 76 34.20 -12.65 -26.48
C GLY B 76 34.44 -14.06 -25.96
N ARG B 77 34.70 -14.99 -26.88
CA ARG B 77 35.08 -16.34 -26.52
C ARG B 77 36.01 -16.89 -27.57
N VAL B 78 37.01 -17.66 -27.16
CA VAL B 78 37.83 -18.36 -28.13
C VAL B 78 37.92 -19.81 -27.76
N ARG B 79 38.03 -20.65 -28.77
CA ARG B 79 38.62 -21.95 -28.59
C ARG B 79 40.14 -21.78 -28.76
N TYR B 80 40.85 -21.64 -27.64
CA TYR B 80 42.30 -21.50 -27.69
C TYR B 80 43.01 -22.85 -27.84
N ARG B 81 43.98 -22.88 -28.75
CA ARG B 81 44.78 -24.07 -29.01
C ARG B 81 46.22 -23.70 -29.29
N GLU B 82 47.12 -24.18 -28.44
CA GLU B 82 48.56 -23.98 -28.60
C GLU B 82 49.26 -25.19 -28.02
N GLY B 83 50.19 -25.77 -28.78
CA GLY B 83 50.84 -27.00 -28.35
C GLY B 83 49.76 -28.04 -28.13
N ALA B 84 49.79 -28.71 -26.99
CA ALA B 84 48.76 -29.70 -26.67
C ALA B 84 47.59 -29.11 -25.91
N ILE B 85 47.56 -27.77 -25.75
CA ILE B 85 46.49 -27.12 -25.00
C ILE B 85 45.27 -26.84 -25.90
N ASP B 86 44.10 -27.31 -25.45
CA ASP B 86 42.81 -27.07 -26.07
C ASP B 86 41.78 -26.59 -25.03
N VAL B 87 41.65 -25.28 -24.87
CA VAL B 87 40.81 -24.74 -23.82
C VAL B 87 39.89 -23.66 -24.37
N ASP B 88 38.63 -23.67 -23.94
CA ASP B 88 37.72 -22.59 -24.25
C ASP B 88 37.94 -21.42 -23.26
N LEU B 89 38.02 -20.19 -23.78
CA LEU B 89 38.28 -19.01 -22.94
C LEU B 89 37.12 -18.01 -22.96
N ARG B 90 36.79 -17.46 -21.79
CA ARG B 90 35.88 -16.31 -21.75
C ARG B 90 36.69 -15.03 -21.59
N LEU B 91 36.51 -14.10 -22.52
CA LEU B 91 37.30 -12.86 -22.58
C LEU B 91 36.51 -11.59 -22.25
N SER B 92 36.98 -10.84 -21.26
CA SER B 92 36.33 -9.59 -20.88
C SER B 92 37.32 -8.39 -20.88
N THR B 93 36.99 -7.32 -21.60
CA THR B 93 37.74 -6.08 -21.47
C THR B 93 36.88 -5.01 -20.79
N LEU B 94 37.52 -4.25 -19.91
CA LEU B 94 36.81 -3.27 -19.09
C LEU B 94 37.62 -1.99 -18.95
N PRO B 95 37.06 -0.86 -19.38
CA PRO B 95 37.80 0.42 -19.29
C PRO B 95 38.03 0.84 -17.85
N THR B 96 39.28 1.07 -17.47
CA THR B 96 39.57 1.65 -16.15
C THR B 96 40.33 2.97 -16.28
N VAL B 97 40.73 3.51 -15.16
CA VAL B 97 41.47 4.75 -15.14
C VAL B 97 42.81 4.69 -15.90
N TYR B 98 43.56 3.61 -15.76
CA TYR B 98 44.86 3.58 -16.42
C TYR B 98 44.82 2.78 -17.71
N GLY B 99 43.62 2.53 -18.22
CA GLY B 99 43.47 1.76 -19.44
C GLY B 99 42.54 0.59 -19.24
N GLU B 100 42.54 -0.34 -20.19
CA GLU B 100 41.62 -1.46 -20.13
C GLU B 100 42.23 -2.62 -19.39
N LYS B 101 41.42 -3.22 -18.52
CA LYS B 101 41.76 -4.43 -17.84
C LYS B 101 41.18 -5.59 -18.65
N ALA B 102 41.90 -6.68 -18.76
CA ALA B 102 41.37 -7.86 -19.45
C ALA B 102 41.27 -9.02 -18.46
N VAL B 103 40.20 -9.78 -18.58
CA VAL B 103 40.03 -10.95 -17.76
C VAL B 103 39.79 -12.12 -18.69
N MET B 104 40.62 -13.15 -18.58
CA MET B 104 40.43 -14.36 -19.36
C MET B 104 40.08 -15.50 -18.44
N ARG B 105 38.92 -16.11 -18.67
CA ARG B 105 38.51 -17.20 -17.83
C ARG B 105 38.74 -18.51 -18.59
N LEU B 106 39.24 -19.52 -17.88
CA LEU B 106 39.50 -20.84 -18.45
C LEU B 106 38.36 -21.77 -18.11
N LEU B 107 37.66 -22.25 -19.13
CA LEU B 107 36.45 -23.03 -18.91
C LEU B 107 36.77 -24.51 -18.71
N LYS B 108 35.97 -25.17 -17.90
CA LYS B 108 36.12 -26.62 -17.70
C LYS B 108 35.14 -27.40 -18.56
N LYS B 109 35.42 -28.68 -18.78
CA LYS B 109 34.59 -29.54 -19.66
C LYS B 109 33.89 -30.63 -18.87
N ALA B 110 33.03 -31.40 -19.52
CA ALA B 110 32.43 -32.55 -18.85
C ALA B 110 33.48 -33.55 -18.34
N SER B 111 34.64 -33.57 -18.99
CA SER B 111 35.80 -34.35 -18.58
C SER B 111 36.14 -34.27 -17.08
N ASP B 112 36.21 -33.04 -16.55
CA ASP B 112 36.67 -32.85 -15.17
C ASP B 112 35.55 -32.91 -14.14
N ILE B 113 34.36 -33.31 -14.58
CA ILE B 113 33.29 -33.53 -13.63
C ILE B 113 33.48 -34.87 -12.95
N PRO B 114 33.57 -34.87 -11.61
CA PRO B 114 33.83 -36.08 -10.82
C PRO B 114 32.64 -37.06 -10.67
N GLU B 115 32.98 -38.27 -10.24
CA GLU B 115 31.98 -39.25 -9.80
C GLU B 115 31.50 -38.87 -8.41
N ILE B 116 30.29 -39.29 -8.09
CA ILE B 116 29.68 -39.00 -6.81
C ILE B 116 30.61 -39.38 -5.62
N GLU B 117 31.50 -40.33 -5.82
CA GLU B 117 32.39 -40.79 -4.74
C GLU B 117 33.60 -39.86 -4.60
N ASP B 118 33.83 -39.02 -5.59
CA ASP B 118 35.00 -38.18 -5.52
C ASP B 118 34.65 -36.73 -5.17
N LEU B 119 33.50 -36.50 -4.55
CA LEU B 119 33.09 -35.14 -4.15
C LEU B 119 33.65 -34.78 -2.77
N GLY B 120 34.05 -35.78 -2.02
CA GLY B 120 34.72 -35.51 -0.77
C GLY B 120 33.73 -35.47 0.37
N PHE B 121 32.74 -36.34 0.29
CA PHE B 121 31.77 -36.47 1.35
C PHE B 121 32.32 -37.29 2.50
N ALA B 122 32.09 -36.84 3.73
CA ALA B 122 32.39 -37.68 4.88
C ALA B 122 31.52 -38.92 4.74
N PRO B 123 32.00 -40.07 5.18
CA PRO B 123 31.29 -41.32 4.94
C PRO B 123 29.87 -41.39 5.55
N GLY B 124 29.65 -40.84 6.73
CA GLY B 124 28.30 -40.80 7.30
C GLY B 124 27.36 -40.00 6.41
N VAL B 125 27.80 -38.81 6.01
CA VAL B 125 27.00 -37.93 5.17
C VAL B 125 26.86 -38.47 3.74
N PHE B 126 27.79 -39.30 3.31
CA PHE B 126 27.77 -39.75 1.92
C PHE B 126 26.65 -40.77 1.70
N GLU B 127 26.39 -41.59 2.71
CA GLU B 127 25.40 -42.62 2.53
C GLU B 127 24.01 -41.99 2.56
N ARG B 128 23.89 -40.85 3.23
CA ARG B 128 22.63 -40.10 3.25
C ARG B 128 22.48 -39.30 1.96
N PHE B 129 23.62 -38.86 1.41
CA PHE B 129 23.63 -38.13 0.16
C PHE B 129 23.10 -38.99 -0.95
N LYS B 130 23.57 -40.25 -1.02
CA LYS B 130 23.15 -41.18 -2.05
C LYS B 130 21.65 -41.48 -1.99
N GLU B 131 21.11 -41.53 -0.77
CA GLU B 131 19.70 -41.85 -0.63
C GLU B 131 18.80 -40.69 -1.00
N VAL B 132 19.24 -39.45 -0.78
CA VAL B 132 18.36 -38.38 -1.21
C VAL B 132 18.33 -38.31 -2.74
N ILE B 133 19.46 -38.48 -3.41
CA ILE B 133 19.46 -38.39 -4.87
C ILE B 133 18.89 -39.62 -5.60
N SER B 134 18.59 -40.68 -4.85
CA SER B 134 18.03 -41.89 -5.46
C SER B 134 16.51 -41.94 -5.31
N LYS B 135 15.91 -40.81 -4.93
CA LYS B 135 14.46 -40.71 -4.76
C LYS B 135 13.81 -40.62 -6.13
N PRO B 136 12.58 -41.15 -6.27
CA PRO B 136 11.90 -41.13 -7.58
C PRO B 136 11.59 -39.72 -8.04
N TYR B 137 11.18 -38.88 -7.09
CA TYR B 137 10.72 -37.52 -7.35
C TYR B 137 10.83 -36.64 -6.10
N GLY B 138 10.66 -35.32 -6.26
CA GLY B 138 10.91 -34.39 -5.18
C GLY B 138 11.93 -33.36 -5.61
N ILE B 139 12.18 -32.33 -4.81
CA ILE B 139 13.12 -31.30 -5.22
C ILE B 139 14.31 -31.31 -4.29
N PHE B 140 15.51 -31.21 -4.87
CA PHE B 140 16.79 -31.23 -4.13
C PHE B 140 17.51 -29.95 -4.42
N LEU B 141 17.74 -29.14 -3.40
CA LEU B 141 18.39 -27.85 -3.61
C LEU B 141 19.86 -27.85 -3.25
N ILE B 142 20.66 -27.23 -4.10
CA ILE B 142 22.10 -27.09 -3.87
C ILE B 142 22.43 -25.62 -3.73
N THR B 143 22.95 -25.21 -2.57
CA THR B 143 23.12 -23.78 -2.25
C THR B 143 24.54 -23.38 -1.84
N GLY B 144 24.86 -22.11 -2.05
CA GLY B 144 26.15 -21.54 -1.69
C GLY B 144 26.47 -20.42 -2.65
N PRO B 145 27.57 -19.72 -2.41
CA PRO B 145 27.93 -18.62 -3.31
C PRO B 145 28.46 -19.15 -4.62
N THR B 146 28.64 -18.27 -5.60
CA THR B 146 29.33 -18.64 -6.82
C THR B 146 30.70 -19.16 -6.44
N GLY B 147 31.15 -20.20 -7.14
CA GLY B 147 32.44 -20.83 -6.86
C GLY B 147 32.47 -21.70 -5.62
N SER B 148 31.36 -22.38 -5.29
CA SER B 148 31.33 -23.23 -4.10
C SER B 148 31.30 -24.71 -4.47
N GLY B 149 31.43 -24.98 -5.76
CA GLY B 149 31.36 -26.37 -6.18
C GLY B 149 29.97 -26.86 -6.55
N LYS B 150 28.99 -25.96 -6.74
CA LYS B 150 27.60 -26.36 -7.01
C LYS B 150 27.41 -27.07 -8.35
N SER B 151 27.87 -26.46 -9.44
CA SER B 151 27.68 -27.07 -10.76
C SER B 151 28.34 -28.42 -10.83
N PHE B 152 29.55 -28.52 -10.30
CA PHE B 152 30.24 -29.80 -10.22
C PHE B 152 29.39 -30.80 -9.46
N THR B 153 28.89 -30.42 -8.29
CA THR B 153 28.08 -31.37 -7.53
C THR B 153 26.82 -31.79 -8.33
N THR B 154 26.18 -30.82 -8.96
CA THR B 154 24.97 -31.04 -9.73
C THR B 154 25.19 -32.04 -10.84
N PHE B 155 26.23 -31.82 -11.63
CA PHE B 155 26.45 -32.69 -12.77
C PHE B 155 27.07 -34.03 -12.34
N SER B 156 27.75 -34.04 -11.19
CA SER B 156 28.22 -35.29 -10.60
C SER B 156 27.03 -36.16 -10.36
N ILE B 157 25.98 -35.57 -9.77
CA ILE B 157 24.75 -36.29 -9.48
C ILE B 157 24.19 -36.91 -10.74
N LEU B 158 24.05 -36.06 -11.77
CA LEU B 158 23.47 -36.48 -13.05
C LEU B 158 24.21 -37.65 -13.72
N LYS B 159 25.54 -37.63 -13.69
CA LYS B 159 26.30 -38.80 -14.10
C LYS B 159 25.80 -40.13 -13.50
N ARG B 160 25.39 -40.10 -12.23
CA ARG B 160 25.00 -41.34 -11.59
C ARG B 160 23.54 -41.63 -11.82
N ILE B 161 22.70 -40.59 -11.87
CA ILE B 161 21.26 -40.86 -11.92
C ILE B 161 20.59 -40.66 -13.31
N ALA B 162 21.16 -39.86 -14.20
CA ALA B 162 20.49 -39.62 -15.48
C ALA B 162 20.71 -40.79 -16.45
N THR B 163 20.22 -41.96 -16.06
CA THR B 163 20.32 -43.18 -16.86
C THR B 163 19.43 -43.08 -18.11
N PRO B 164 19.64 -43.94 -19.13
CA PRO B 164 18.95 -43.79 -20.43
C PRO B 164 17.48 -44.25 -20.47
N ASP B 165 16.98 -44.85 -19.39
CA ASP B 165 15.54 -45.08 -19.26
C ASP B 165 14.79 -43.81 -18.88
N LYS B 166 15.53 -42.75 -18.54
CA LYS B 166 14.92 -41.49 -18.13
C LYS B 166 15.20 -40.37 -19.12
N ASN B 167 14.20 -39.48 -19.26
CA ASN B 167 14.37 -38.13 -19.85
C ASN B 167 15.16 -37.27 -18.87
N THR B 168 16.33 -36.76 -19.17
CA THR B 168 16.90 -35.76 -18.24
C THR B 168 16.98 -34.42 -18.95
N GLN B 169 16.27 -33.42 -18.44
CA GLN B 169 16.14 -32.12 -19.11
C GLN B 169 16.68 -30.98 -18.24
N THR B 170 17.38 -30.05 -18.87
CA THR B 170 18.15 -29.06 -18.14
C THR B 170 17.85 -27.65 -18.65
N ILE B 171 17.73 -26.69 -17.73
CA ILE B 171 17.71 -25.27 -18.14
C ILE B 171 18.79 -24.50 -17.37
N GLU B 172 19.70 -23.87 -18.11
CA GLU B 172 20.87 -23.20 -17.54
C GLU B 172 21.06 -21.81 -18.11
N ASP B 173 21.79 -20.98 -17.37
CA ASP B 173 22.12 -19.63 -17.80
C ASP B 173 23.52 -19.23 -17.33
N PRO B 174 24.54 -19.59 -18.13
CA PRO B 174 24.41 -20.30 -19.39
C PRO B 174 24.63 -21.81 -19.26
N VAL B 175 24.55 -22.51 -20.37
CA VAL B 175 25.02 -23.89 -20.42
C VAL B 175 26.56 -23.89 -20.53
N GLU B 176 27.22 -24.58 -19.61
CA GLU B 176 28.69 -24.55 -19.60
C GLU B 176 29.41 -25.85 -19.95
N TYR B 177 28.77 -27.00 -19.72
CA TYR B 177 29.37 -28.28 -20.10
C TYR B 177 28.56 -28.98 -21.18
N GLU B 178 29.24 -29.76 -22.02
CA GLU B 178 28.55 -30.61 -22.99
C GLU B 178 28.37 -32.01 -22.44
N ILE B 179 27.33 -32.22 -21.64
CA ILE B 179 27.12 -33.50 -20.97
C ILE B 179 26.41 -34.49 -21.87
N PRO B 180 27.04 -35.64 -22.15
CA PRO B 180 26.38 -36.65 -23.00
C PRO B 180 25.28 -37.38 -22.24
N GLY B 181 24.22 -37.76 -22.94
CA GLY B 181 23.14 -38.49 -22.29
C GLY B 181 21.98 -37.66 -21.77
N ILE B 182 22.09 -36.34 -21.81
CA ILE B 182 20.99 -35.49 -21.35
C ILE B 182 20.63 -34.37 -22.33
N ASN B 183 19.50 -33.75 -22.07
CA ASN B 183 19.00 -32.69 -22.91
C ASN B 183 19.24 -31.36 -22.21
N GLN B 184 19.80 -30.40 -22.94
CA GLN B 184 20.26 -29.19 -22.31
C GLN B 184 19.71 -27.99 -23.04
N THR B 185 19.20 -27.03 -22.28
CA THR B 185 18.59 -25.84 -22.87
C THR B 185 19.13 -24.59 -22.21
N GLN B 186 19.50 -23.61 -23.03
CA GLN B 186 20.09 -22.39 -22.48
C GLN B 186 19.06 -21.28 -22.39
N VAL B 187 19.12 -20.51 -21.31
CA VAL B 187 18.27 -19.34 -21.18
C VAL B 187 18.62 -18.34 -22.28
N ASN B 188 17.62 -17.85 -23.01
CA ASN B 188 17.85 -16.86 -24.04
C ASN B 188 16.97 -15.61 -23.87
N PRO B 189 17.49 -14.60 -23.16
CA PRO B 189 16.75 -13.40 -22.77
C PRO B 189 16.11 -12.66 -23.94
N GLN B 190 16.85 -12.53 -25.03
CA GLN B 190 16.41 -11.72 -26.16
C GLN B 190 15.28 -12.39 -26.92
N ALA B 191 15.13 -13.69 -26.72
CA ALA B 191 14.08 -14.45 -27.39
C ALA B 191 12.85 -14.59 -26.50
N GLY B 192 13.06 -14.38 -25.20
CA GLY B 192 12.02 -14.58 -24.20
C GLY B 192 12.04 -15.95 -23.56
N LEU B 193 13.09 -16.73 -23.82
CA LEU B 193 13.24 -18.05 -23.20
C LEU B 193 13.85 -17.91 -21.81
N THR B 194 13.03 -17.50 -20.85
CA THR B 194 13.46 -17.31 -19.48
C THR B 194 13.42 -18.63 -18.74
N PHE B 195 13.95 -18.69 -17.54
CA PHE B 195 13.84 -19.90 -16.74
C PHE B 195 12.39 -20.38 -16.64
N ALA B 196 11.52 -19.53 -16.14
CA ALA B 196 10.15 -19.92 -15.87
C ALA B 196 9.45 -20.37 -17.15
N ARG B 197 9.75 -19.72 -18.26
CA ARG B 197 9.11 -20.10 -19.52
C ARG B 197 9.58 -21.49 -20.00
N ALA B 198 10.90 -21.72 -19.92
CA ALA B 198 11.47 -23.03 -20.20
C ALA B 198 10.80 -24.10 -19.34
N LEU B 199 10.85 -23.88 -18.02
CA LEU B 199 10.33 -24.83 -17.05
C LEU B 199 8.89 -25.28 -17.36
N ARG B 200 8.08 -24.41 -17.93
CA ARG B 200 6.73 -24.79 -18.35
C ARG B 200 6.73 -25.78 -19.49
N ALA B 201 7.54 -25.50 -20.51
CA ALA B 201 7.58 -26.34 -21.67
C ALA B 201 8.05 -27.74 -21.26
N PHE B 202 8.83 -27.80 -20.18
CA PHE B 202 9.41 -29.05 -19.74
C PHE B 202 8.31 -29.98 -19.28
N LEU B 203 7.23 -29.40 -18.73
CA LEU B 203 6.05 -30.17 -18.30
C LEU B 203 5.30 -30.79 -19.47
N ARG B 204 5.64 -30.36 -20.68
CA ARG B 204 5.09 -30.90 -21.89
C ARG B 204 6.09 -31.81 -22.58
N GLN B 205 7.22 -32.07 -21.92
CA GLN B 205 8.33 -32.77 -22.56
C GLN B 205 8.60 -34.12 -21.91
N ASP B 206 7.61 -34.60 -21.17
CA ASP B 206 7.65 -35.92 -20.54
C ASP B 206 8.96 -36.12 -19.76
N PRO B 207 9.20 -35.26 -18.77
CA PRO B 207 10.50 -35.26 -18.09
C PRO B 207 10.54 -36.27 -16.93
N ASP B 208 11.72 -36.77 -16.59
CA ASP B 208 11.88 -37.57 -15.37
C ASP B 208 12.69 -36.79 -14.36
N ILE B 209 13.86 -36.35 -14.79
CA ILE B 209 14.71 -35.48 -14.01
C ILE B 209 14.70 -34.09 -14.68
N ILE B 210 14.59 -33.03 -13.88
CA ILE B 210 14.69 -31.64 -14.34
C ILE B 210 15.79 -30.91 -13.56
N MET B 211 16.64 -30.21 -14.28
CA MET B 211 17.78 -29.55 -13.67
C MET B 211 17.58 -28.06 -13.82
N VAL B 212 17.54 -27.35 -12.70
CA VAL B 212 17.35 -25.89 -12.70
C VAL B 212 18.61 -25.12 -12.27
N GLY B 213 19.25 -24.52 -13.27
CA GLY B 213 20.53 -23.87 -13.10
C GLY B 213 20.54 -22.88 -11.97
N GLU B 214 19.47 -22.09 -11.88
CA GLU B 214 19.36 -21.09 -10.83
C GLU B 214 17.90 -20.72 -10.56
N ILE B 215 17.55 -20.53 -9.29
CA ILE B 215 16.21 -20.05 -8.93
C ILE B 215 16.29 -18.59 -8.45
N ARG B 216 16.00 -17.69 -9.38
CA ARG B 216 16.22 -16.25 -9.19
C ARG B 216 14.95 -15.48 -8.86
N ASP B 217 13.85 -15.92 -9.45
CA ASP B 217 12.60 -15.20 -9.39
C ASP B 217 11.51 -16.05 -8.77
N SER B 218 10.48 -15.37 -8.29
CA SER B 218 9.38 -16.01 -7.60
C SER B 218 8.62 -17.09 -8.40
N GLU B 219 8.57 -16.89 -9.70
CA GLU B 219 7.81 -17.75 -10.59
C GLU B 219 8.52 -19.06 -10.87
N THR B 220 9.82 -19.03 -11.14
CA THR B 220 10.57 -20.26 -11.30
C THR B 220 10.45 -21.11 -10.05
N ALA B 221 10.53 -20.46 -8.88
CA ALA B 221 10.48 -21.19 -7.61
C ALA B 221 9.19 -21.97 -7.50
N LYS B 222 8.09 -21.38 -7.93
CA LYS B 222 6.81 -22.06 -7.78
C LYS B 222 6.71 -23.24 -8.71
N ILE B 223 7.12 -23.05 -9.96
CA ILE B 223 6.98 -24.10 -10.95
C ILE B 223 7.88 -25.29 -10.64
N ALA B 224 9.13 -25.03 -10.27
CA ALA B 224 10.07 -26.07 -9.87
C ALA B 224 9.48 -26.88 -8.73
N THR B 225 9.00 -26.19 -7.71
CA THR B 225 8.34 -26.86 -6.60
C THR B 225 7.17 -27.73 -7.12
N GLU B 226 6.39 -27.18 -8.04
CA GLU B 226 5.21 -27.89 -8.54
C GLU B 226 5.56 -29.13 -9.38
N ALA B 227 6.70 -29.05 -10.06
CA ALA B 227 7.18 -30.13 -10.89
C ALA B 227 7.65 -31.25 -9.99
N ALA B 228 8.19 -30.88 -8.84
CA ALA B 228 8.60 -31.88 -7.87
C ALA B 228 7.38 -32.59 -7.31
N LEU B 229 6.39 -31.79 -6.97
CA LEU B 229 5.25 -32.26 -6.24
C LEU B 229 4.42 -33.25 -7.07
N THR B 230 4.25 -32.94 -8.34
CA THR B 230 3.47 -33.78 -9.23
C THR B 230 4.14 -35.11 -9.60
N GLY B 231 5.40 -35.29 -9.21
CA GLY B 231 6.10 -36.56 -9.41
C GLY B 231 7.31 -36.58 -10.34
N HIS B 232 8.17 -35.56 -10.27
CA HIS B 232 9.42 -35.53 -11.03
C HIS B 232 10.54 -35.24 -10.08
N LEU B 233 11.76 -35.63 -10.43
CA LEU B 233 12.95 -35.28 -9.62
C LEU B 233 13.52 -33.94 -10.08
N VAL B 234 13.67 -33.00 -9.18
CA VAL B 234 14.11 -31.66 -9.57
C VAL B 234 15.35 -31.26 -8.81
N ILE B 235 16.45 -31.07 -9.52
CA ILE B 235 17.70 -30.63 -8.88
C ILE B 235 17.94 -29.18 -9.24
N ALA B 236 17.96 -28.29 -8.24
CA ALA B 236 17.99 -26.84 -8.50
C ALA B 236 19.01 -26.12 -7.60
N THR B 237 19.49 -24.98 -8.08
CA THR B 237 20.48 -24.19 -7.35
C THR B 237 19.91 -22.88 -6.79
N LEU B 238 20.14 -22.66 -5.49
CA LEU B 238 19.80 -21.42 -4.79
C LEU B 238 21.04 -20.76 -4.18
N HIS B 239 20.93 -19.48 -3.84
CA HIS B 239 22.01 -18.82 -3.09
C HIS B 239 21.60 -18.63 -1.67
N THR B 240 22.40 -19.18 -0.75
CA THR B 240 21.98 -19.27 0.62
C THR B 240 23.15 -19.57 1.57
N ASN B 241 23.29 -18.71 2.58
CA ASN B 241 24.36 -18.83 3.56
C ASN B 241 24.35 -20.19 4.31
N ASP B 242 23.16 -20.76 4.46
CA ASP B 242 22.87 -21.91 5.32
C ASP B 242 22.27 -23.04 4.50
N ALA B 243 21.84 -24.13 5.11
CA ALA B 243 21.00 -25.09 4.36
C ALA B 243 19.53 -24.85 4.67
N ALA B 244 19.22 -24.50 5.92
CA ALA B 244 17.85 -24.26 6.34
C ALA B 244 17.27 -22.95 5.77
N GLN B 245 18.12 -22.02 5.38
CA GLN B 245 17.62 -20.79 4.77
C GLN B 245 17.07 -21.00 3.36
N ALA B 246 17.38 -22.14 2.77
CA ALA B 246 16.83 -22.49 1.46
C ALA B 246 15.31 -22.73 1.59
N ILE B 247 14.88 -23.20 2.75
CA ILE B 247 13.46 -23.32 3.05
C ILE B 247 12.84 -21.94 3.21
N THR B 248 13.50 -21.11 3.99
CA THR B 248 13.04 -19.74 4.23
C THR B 248 13.01 -19.00 2.90
N ARG B 249 14.09 -19.11 2.14
CA ARG B 249 14.17 -18.38 0.89
C ARG B 249 13.00 -18.68 -0.03
N LEU B 250 12.68 -19.97 -0.21
CA LEU B 250 11.57 -20.37 -1.09
C LEU B 250 10.26 -19.73 -0.63
N ASP B 251 10.11 -19.64 0.70
CA ASP B 251 8.91 -19.07 1.29
C ASP B 251 8.80 -17.59 0.94
N GLU B 252 9.88 -16.85 1.15
CA GLU B 252 9.90 -15.42 0.84
C GLU B 252 9.67 -15.17 -0.63
N MET B 253 10.06 -16.12 -1.46
CA MET B 253 9.83 -16.01 -2.89
C MET B 253 8.38 -16.35 -3.28
N GLY B 254 7.54 -16.70 -2.30
CA GLY B 254 6.11 -16.91 -2.56
C GLY B 254 5.60 -18.34 -2.72
N VAL B 255 6.51 -19.28 -2.64
CA VAL B 255 6.15 -20.67 -2.58
C VAL B 255 5.39 -20.97 -1.26
N GLU B 256 4.20 -21.56 -1.35
CA GLU B 256 3.48 -21.99 -0.16
C GLU B 256 4.31 -22.96 0.69
N PRO B 257 4.35 -22.73 2.01
CA PRO B 257 4.98 -23.68 2.94
C PRO B 257 4.51 -25.14 2.76
N PHE B 258 3.20 -25.39 2.63
CA PHE B 258 2.72 -26.78 2.54
C PHE B 258 3.25 -27.51 1.30
N ASN B 259 3.49 -26.73 0.24
CA ASN B 259 4.20 -27.19 -0.93
C ASN B 259 5.71 -27.43 -0.74
N ILE B 260 6.34 -26.61 0.08
CA ILE B 260 7.76 -26.80 0.36
C ILE B 260 7.97 -28.12 1.06
N SER B 261 7.16 -28.42 2.07
CA SER B 261 7.36 -29.63 2.84
C SER B 261 6.91 -30.82 2.03
N ALA B 262 6.09 -30.55 1.02
CA ALA B 262 5.59 -31.59 0.14
C ALA B 262 6.65 -32.06 -0.84
N ALA B 263 7.44 -31.12 -1.36
CA ALA B 263 8.35 -31.43 -2.46
C ALA B 263 9.77 -31.63 -2.00
N LEU B 264 10.17 -30.96 -0.91
CA LEU B 264 11.58 -30.90 -0.56
C LEU B 264 12.15 -32.25 -0.13
N ILE B 265 13.07 -32.78 -0.96
CA ILE B 265 13.87 -33.97 -0.63
C ILE B 265 14.92 -33.63 0.43
N GLY B 266 15.63 -32.54 0.19
CA GLY B 266 16.79 -32.21 0.99
C GLY B 266 17.49 -30.96 0.48
N VAL B 267 18.37 -30.42 1.31
CA VAL B 267 19.18 -29.29 0.88
C VAL B 267 20.64 -29.59 1.13
N LEU B 268 21.45 -29.24 0.16
CA LEU B 268 22.90 -29.30 0.30
C LEU B 268 23.47 -27.89 0.25
N SER B 269 24.15 -27.52 1.33
CA SER B 269 24.97 -26.31 1.38
C SER B 269 26.45 -26.69 1.18
N GLN B 270 27.12 -25.97 0.28
CA GLN B 270 28.47 -26.31 -0.12
C GLN B 270 29.43 -25.10 -0.12
N ARG B 271 30.64 -25.31 0.41
CA ARG B 271 31.77 -24.38 0.31
C ARG B 271 32.97 -25.11 -0.25
N LEU B 272 33.91 -24.38 -0.85
CA LEU B 272 35.22 -24.94 -1.24
C LEU B 272 36.36 -24.35 -0.39
N VAL B 273 37.03 -25.24 0.33
CA VAL B 273 38.22 -24.94 1.11
C VAL B 273 39.50 -25.37 0.37
N ARG B 274 40.57 -24.60 0.53
CA ARG B 274 41.83 -24.90 -0.16
C ARG B 274 42.54 -26.05 0.52
N ARG B 275 43.14 -26.93 -0.28
CA ARG B 275 43.79 -28.10 0.31
C ARG B 275 45.25 -27.79 0.66
N VAL B 276 45.72 -28.33 1.78
CA VAL B 276 47.11 -28.13 2.21
C VAL B 276 48.08 -28.70 1.19
N CYS B 277 49.13 -27.98 0.87
CA CYS B 277 50.14 -28.60 0.02
C CYS B 277 50.94 -29.64 0.78
N GLU B 278 51.19 -30.78 0.16
CA GLU B 278 51.79 -31.84 0.94
C GLU B 278 53.34 -31.85 0.91
N HIS B 279 53.97 -31.14 -0.03
CA HIS B 279 55.43 -31.00 -0.01
C HIS B 279 55.82 -29.91 0.94
N CYS B 280 54.81 -29.31 1.53
CA CYS B 280 54.95 -28.13 2.34
C CYS B 280 54.39 -28.47 3.71
N LYS B 281 53.59 -29.55 3.72
CA LYS B 281 52.76 -29.90 4.88
C LYS B 281 53.61 -30.12 6.12
N VAL B 282 53.24 -29.43 7.20
CA VAL B 282 54.00 -29.47 8.44
C VAL B 282 53.03 -29.53 9.62
N GLU B 283 53.22 -30.53 10.47
CA GLU B 283 52.39 -30.72 11.66
C GLU B 283 52.50 -29.49 12.54
N VAL B 284 51.43 -29.14 13.25
CA VAL B 284 51.46 -27.95 14.09
C VAL B 284 50.84 -28.16 15.46
N LYS B 285 51.09 -27.17 16.32
CA LYS B 285 50.58 -27.13 17.68
C LYS B 285 49.33 -26.29 17.72
N PRO B 286 48.18 -26.89 18.10
CA PRO B 286 46.92 -26.16 18.19
C PRO B 286 46.58 -25.68 19.60
N ASP B 287 46.69 -24.37 19.86
CA ASP B 287 46.45 -23.83 21.21
C ASP B 287 45.04 -24.18 21.65
N PRO B 288 44.92 -24.75 22.87
CA PRO B 288 43.66 -25.33 23.34
C PRO B 288 42.55 -24.29 23.43
N GLU B 289 42.94 -23.07 23.76
CA GLU B 289 42.01 -21.95 23.95
C GLU B 289 41.14 -21.71 22.72
N THR B 290 41.74 -21.72 21.53
CA THR B 290 40.98 -21.51 20.29
C THR B 290 40.13 -22.74 19.93
N LEU B 291 40.64 -23.94 20.23
CA LEU B 291 39.83 -25.15 20.07
C LEU B 291 38.63 -25.09 21.02
N ARG B 292 38.84 -24.63 22.24
CA ARG B 292 37.76 -24.54 23.22
C ARG B 292 36.62 -23.59 22.79
N ARG B 293 36.94 -22.39 22.28
CA ARG B 293 35.92 -21.48 21.79
C ARG B 293 35.11 -22.19 20.71
N LEU B 294 35.81 -23.01 19.94
CA LEU B 294 35.20 -23.90 18.97
C LEU B 294 34.50 -25.03 19.69
N GLY B 295 33.46 -25.57 19.04
CA GLY B 295 32.46 -26.38 19.72
C GLY B 295 33.07 -27.59 20.45
N LEU B 296 33.76 -27.48 21.57
CA LEU B 296 34.43 -28.68 22.03
C LEU B 296 34.89 -28.71 23.52
N SER B 297 34.39 -29.76 24.12
CA SER B 297 35.15 -30.47 25.12
C SER B 297 36.75 -30.41 25.16
N GLU B 298 37.23 -30.34 26.39
CA GLU B 298 38.69 -30.25 26.51
C GLU B 298 39.24 -31.63 26.67
N ALA B 299 38.35 -32.64 26.79
CA ALA B 299 38.70 -34.04 26.66
C ALA B 299 38.80 -34.40 25.17
N GLU B 300 37.94 -33.79 24.35
CA GLU B 300 38.05 -34.09 22.91
C GLU B 300 39.08 -33.13 22.21
N ILE B 301 39.99 -32.57 22.99
CA ILE B 301 41.28 -32.22 22.39
C ILE B 301 42.13 -33.48 22.50
N GLN B 302 42.13 -34.29 21.45
CA GLN B 302 42.80 -35.59 21.53
C GLN B 302 44.20 -35.54 20.95
N GLY B 303 44.57 -36.68 20.36
CA GLY B 303 45.54 -36.74 19.28
C GLY B 303 44.85 -36.07 18.11
N ALA B 304 44.58 -34.79 18.30
CA ALA B 304 43.89 -33.94 17.35
C ALA B 304 44.95 -33.11 16.66
N ARG B 305 45.39 -33.60 15.50
CA ARG B 305 46.53 -33.02 14.81
C ARG B 305 46.15 -32.11 13.66
N LEU B 306 46.52 -30.84 13.77
CA LEU B 306 46.40 -29.90 12.67
C LEU B 306 47.68 -29.84 11.83
N TYR B 307 47.54 -29.53 10.54
CA TYR B 307 48.69 -29.42 9.66
C TYR B 307 48.66 -28.09 8.90
N LYS B 308 49.78 -27.74 8.27
CA LYS B 308 49.88 -26.48 7.57
C LYS B 308 50.97 -26.53 6.51
N GLY B 309 50.77 -25.82 5.41
CA GLY B 309 51.81 -25.64 4.42
C GLY B 309 52.56 -24.36 4.73
N MET B 310 53.86 -24.30 4.42
CA MET B 310 54.65 -23.16 4.83
C MET B 310 55.35 -22.39 3.70
N GLY B 311 55.19 -22.81 2.46
CA GLY B 311 55.80 -22.11 1.35
C GLY B 311 56.71 -22.99 0.49
N CYS B 312 56.10 -23.77 -0.37
CA CYS B 312 56.85 -24.62 -1.25
C CYS B 312 56.82 -23.93 -2.60
N GLU B 313 57.25 -24.59 -3.66
CA GLU B 313 57.36 -23.94 -4.95
C GLU B 313 56.24 -24.40 -5.86
N ARG B 314 55.76 -25.62 -5.60
CA ARG B 314 54.59 -26.13 -6.28
C ARG B 314 53.36 -25.41 -5.80
N CYS B 315 53.44 -24.78 -4.61
CA CYS B 315 52.34 -24.00 -4.00
C CYS B 315 52.39 -22.55 -4.28
N GLY B 316 53.38 -22.09 -5.03
CA GLY B 316 53.60 -20.66 -5.17
C GLY B 316 53.77 -19.94 -3.84
N GLY B 317 54.22 -20.67 -2.81
CA GLY B 317 54.41 -20.11 -1.49
C GLY B 317 53.17 -19.94 -0.63
N THR B 318 52.01 -20.38 -1.14
CA THR B 318 50.75 -20.15 -0.44
C THR B 318 50.48 -21.15 0.69
N GLY B 319 51.06 -22.34 0.57
CA GLY B 319 50.85 -23.35 1.58
C GLY B 319 49.64 -24.18 1.22
N TYR B 320 49.05 -23.89 0.05
CA TYR B 320 47.87 -24.63 -0.44
C TYR B 320 48.00 -25.09 -1.88
N LYS B 321 47.43 -26.26 -2.15
CA LYS B 321 47.43 -26.84 -3.48
C LYS B 321 46.11 -27.61 -3.70
N GLY B 322 45.30 -27.10 -4.62
CA GLY B 322 43.97 -27.64 -4.88
C GLY B 322 42.90 -27.28 -3.85
N ARG B 323 41.64 -27.47 -4.22
CA ARG B 323 40.55 -27.24 -3.27
C ARG B 323 39.85 -28.52 -2.89
N TYR B 324 39.09 -28.49 -1.80
CA TYR B 324 38.35 -29.64 -1.29
C TYR B 324 36.98 -29.10 -0.86
N ALA B 325 35.90 -29.89 -0.94
CA ALA B 325 34.57 -29.36 -0.58
C ALA B 325 34.18 -29.74 0.84
N ILE B 326 33.37 -28.90 1.47
CA ILE B 326 32.78 -29.24 2.76
C ILE B 326 31.29 -29.13 2.61
N HIS B 327 30.57 -29.98 3.34
CA HIS B 327 29.14 -30.08 3.13
C HIS B 327 28.31 -29.90 4.37
N GLU B 328 27.11 -29.35 4.15
CA GLU B 328 26.02 -29.33 5.10
C GLU B 328 24.80 -29.92 4.39
N LEU B 329 24.41 -31.15 4.76
CA LEU B 329 23.33 -31.82 4.05
C LEU B 329 22.10 -31.95 4.94
N LEU B 330 21.06 -31.20 4.62
CA LEU B 330 19.81 -31.31 5.37
C LEU B 330 18.90 -32.30 4.68
N VAL B 331 18.45 -33.32 5.40
CA VAL B 331 17.55 -34.31 4.82
C VAL B 331 16.13 -34.19 5.39
N VAL B 332 15.15 -33.98 4.51
CA VAL B 332 13.81 -33.61 4.96
C VAL B 332 13.13 -34.77 5.65
N ASP B 333 12.62 -34.47 6.83
CA ASP B 333 12.08 -35.45 7.73
C ASP B 333 10.61 -35.18 8.01
N ASP B 334 9.94 -36.11 8.67
CA ASP B 334 8.57 -35.85 9.11
C ASP B 334 8.53 -34.66 10.04
N GLU B 335 9.54 -34.57 10.92
CA GLU B 335 9.58 -33.53 11.93
C GLU B 335 9.87 -32.18 11.29
N ILE B 336 10.80 -32.19 10.33
CA ILE B 336 11.15 -31.02 9.55
C ILE B 336 9.99 -30.62 8.66
N ARG B 337 9.22 -31.60 8.21
CA ARG B 337 8.05 -31.28 7.40
C ARG B 337 7.00 -30.61 8.24
N HIS B 338 6.90 -30.98 9.51
CA HIS B 338 5.91 -30.34 10.37
C HIS B 338 6.44 -28.95 10.76
N ALA B 339 7.76 -28.73 10.76
CA ALA B 339 8.28 -27.42 11.10
C ALA B 339 8.10 -26.42 9.96
N ILE B 340 8.29 -26.87 8.73
CA ILE B 340 8.06 -26.02 7.56
C ILE B 340 6.60 -25.56 7.58
N VAL B 341 5.67 -26.49 7.49
CA VAL B 341 4.25 -26.22 7.73
C VAL B 341 4.07 -25.60 9.12
N ALA B 342 3.21 -24.61 9.24
CA ALA B 342 3.14 -23.84 10.48
C ALA B 342 4.53 -23.32 10.77
N GLY B 343 4.95 -22.36 9.94
CA GLY B 343 6.31 -21.86 9.84
C GLY B 343 7.16 -21.75 11.08
N LYS B 344 8.41 -22.16 10.94
CA LYS B 344 9.41 -22.00 11.97
C LYS B 344 10.61 -21.41 11.28
N SER B 345 11.47 -20.75 12.04
CA SER B 345 12.62 -20.09 11.45
C SER B 345 13.66 -21.11 10.95
N ALA B 346 14.55 -20.67 10.07
CA ALA B 346 15.65 -21.53 9.63
C ALA B 346 16.47 -21.97 10.83
N THR B 347 16.60 -21.08 11.81
CA THR B 347 17.35 -21.40 13.01
C THR B 347 16.71 -22.57 13.72
N GLU B 348 15.41 -22.50 13.95
CA GLU B 348 14.68 -23.56 14.66
C GLU B 348 14.78 -24.87 13.90
N ILE B 349 14.58 -24.77 12.59
CA ILE B 349 14.69 -25.91 11.70
C ILE B 349 16.09 -26.54 11.73
N LYS B 350 17.11 -25.68 11.72
CA LYS B 350 18.51 -26.11 11.75
C LYS B 350 18.78 -26.99 12.97
N GLU B 351 18.38 -26.51 14.15
CA GLU B 351 18.69 -27.26 15.35
C GLU B 351 17.93 -28.59 15.32
N ILE B 352 16.81 -28.62 14.61
CA ILE B 352 16.06 -29.88 14.44
C ILE B 352 16.90 -30.82 13.62
N ALA B 353 17.40 -30.29 12.50
CA ALA B 353 18.14 -31.09 11.55
C ALA B 353 19.39 -31.67 12.20
N ARG B 354 20.04 -30.82 13.01
CA ARG B 354 21.29 -31.19 13.69
C ARG B 354 21.06 -32.28 14.73
N ARG B 355 19.95 -32.17 15.45
CA ARG B 355 19.58 -33.14 16.47
C ARG B 355 19.41 -34.52 15.90
N LYS B 356 19.01 -34.59 14.64
CA LYS B 356 18.79 -35.87 13.99
C LYS B 356 20.00 -36.25 13.14
N GLY B 357 21.12 -35.56 13.35
CA GLY B 357 22.39 -35.98 12.78
C GLY B 357 22.98 -35.15 11.66
N MET B 358 22.48 -33.93 11.45
CA MET B 358 23.02 -33.07 10.41
C MET B 358 24.29 -32.43 10.93
N LYS B 359 25.37 -32.58 10.16
CA LYS B 359 26.63 -31.96 10.54
C LYS B 359 26.73 -30.62 9.83
N THR B 360 27.18 -29.63 10.58
CA THR B 360 27.28 -28.26 10.13
C THR B 360 28.47 -28.08 9.21
N LEU B 361 28.40 -27.10 8.29
CA LEU B 361 29.57 -26.72 7.49
C LEU B 361 30.84 -26.61 8.35
N ARG B 362 30.74 -25.88 9.45
CA ARG B 362 31.83 -25.75 10.41
C ARG B 362 32.36 -27.10 10.84
N GLU B 363 31.47 -27.88 11.45
CA GLU B 363 31.81 -29.18 11.99
C GLU B 363 32.45 -30.10 10.97
N ASP B 364 31.95 -30.02 9.73
CA ASP B 364 32.49 -30.82 8.62
C ASP B 364 33.88 -30.35 8.21
N GLY B 365 34.06 -29.03 8.21
CA GLY B 365 35.35 -28.43 7.92
C GLY B 365 36.37 -28.79 8.99
N LEU B 366 36.03 -28.53 10.25
CA LEU B 366 36.89 -28.90 11.38
C LEU B 366 37.29 -30.36 11.32
N TYR B 367 36.34 -31.21 10.94
CA TYR B 367 36.60 -32.64 10.86
C TYR B 367 37.60 -33.03 9.76
N LYS B 368 37.70 -32.21 8.73
CA LYS B 368 38.64 -32.48 7.66
C LYS B 368 39.96 -31.80 7.97
N ALA B 369 39.90 -30.71 8.73
CA ALA B 369 41.12 -30.06 9.20
C ALA B 369 41.92 -30.96 10.11
N LEU B 370 41.26 -31.95 10.72
CA LEU B 370 41.95 -32.88 11.62
C LEU B 370 42.54 -34.04 10.84
N GLN B 371 42.22 -34.14 9.56
CA GLN B 371 42.86 -35.15 8.75
C GLN B 371 43.98 -34.53 7.93
N GLY B 372 44.26 -33.25 8.16
CA GLY B 372 45.24 -32.54 7.37
C GLY B 372 44.86 -32.38 5.90
N ILE B 373 43.56 -32.36 5.62
CA ILE B 373 43.05 -32.00 4.31
C ILE B 373 43.15 -30.48 4.10
N THR B 374 42.74 -29.71 5.10
CA THR B 374 42.82 -28.25 5.03
C THR B 374 43.33 -27.68 6.36
N THR B 375 43.44 -26.36 6.45
CA THR B 375 43.91 -25.71 7.67
C THR B 375 42.78 -25.19 8.51
N LEU B 376 42.98 -25.17 9.81
CA LEU B 376 41.97 -24.65 10.74
C LEU B 376 41.48 -23.28 10.33
N GLU B 377 42.41 -22.39 9.96
CA GLU B 377 42.07 -21.04 9.50
C GLU B 377 41.17 -21.07 8.29
N GLU B 378 41.55 -21.85 7.29
CA GLU B 378 40.78 -21.98 6.05
C GLU B 378 39.35 -22.36 6.36
N VAL B 379 39.15 -23.19 7.38
CA VAL B 379 37.80 -23.54 7.82
C VAL B 379 37.05 -22.35 8.43
N LEU B 380 37.71 -21.63 9.33
CA LEU B 380 37.09 -20.47 9.96
C LEU B 380 36.81 -19.37 8.95
N ALA B 381 37.64 -19.25 7.93
CA ALA B 381 37.47 -18.19 6.95
C ALA B 381 36.24 -18.43 6.04
N ARG B 382 35.93 -19.70 5.81
CA ARG B 382 34.95 -20.07 4.79
C ARG B 382 33.62 -20.45 5.44
N THR B 383 33.63 -20.54 6.76
CA THR B 383 32.44 -20.92 7.47
C THR B 383 32.22 -19.97 8.62
N ILE B 384 31.14 -19.20 8.58
CA ILE B 384 30.74 -18.46 9.78
C ILE B 384 30.33 -19.49 10.85
N GLU B 385 29.76 -20.60 10.36
CA GLU B 385 29.58 -21.87 11.08
C GLU B 385 28.67 -22.84 10.28
N SER C 1 33.41 33.59 -22.16
CA SER C 1 34.87 33.51 -22.12
C SER C 1 35.46 34.57 -21.19
N ALA C 2 34.88 35.77 -21.24
CA ALA C 2 35.18 36.81 -20.27
C ALA C 2 34.66 36.38 -18.91
N ALA C 3 33.53 35.69 -18.93
CA ALA C 3 32.90 35.15 -17.72
C ALA C 3 33.77 34.05 -17.12
N GLN C 4 34.17 33.10 -17.97
CA GLN C 4 35.07 32.00 -17.60
C GLN C 4 36.36 32.50 -16.94
N LYS C 5 36.88 33.62 -17.43
CA LYS C 5 38.11 34.19 -16.89
C LYS C 5 37.90 34.82 -15.52
N PHE C 6 36.76 35.49 -15.34
CA PHE C 6 36.40 36.02 -14.04
C PHE C 6 36.33 34.93 -12.96
N VAL C 7 35.58 33.85 -13.24
CA VAL C 7 35.40 32.78 -12.28
C VAL C 7 36.76 32.19 -11.87
N LYS C 8 37.63 32.00 -12.84
CA LYS C 8 38.96 31.45 -12.56
C LYS C 8 39.76 32.40 -11.69
N GLN C 9 39.61 33.71 -11.90
CA GLN C 9 40.35 34.67 -11.08
C GLN C 9 39.83 34.69 -9.63
N VAL C 10 38.52 34.65 -9.45
CA VAL C 10 37.95 34.68 -8.09
C VAL C 10 38.32 33.47 -7.26
N ILE C 11 38.20 32.28 -7.87
CA ILE C 11 38.64 31.05 -7.24
C ILE C 11 40.17 31.05 -6.93
N ARG C 12 40.95 31.63 -7.83
CA ARG C 12 42.37 31.80 -7.61
C ARG C 12 42.61 32.64 -6.36
N GLU C 13 41.98 33.79 -6.28
CA GLU C 13 42.20 34.72 -5.17
C GLU C 13 41.66 34.15 -3.83
N ALA C 14 40.52 33.45 -3.89
CA ALA C 14 39.96 32.84 -2.69
C ALA C 14 40.91 31.77 -2.18
N PHE C 15 41.46 31.01 -3.12
CA PHE C 15 42.36 29.92 -2.76
C PHE C 15 43.56 30.48 -2.02
N LEU C 16 44.16 31.54 -2.58
CA LEU C 16 45.38 32.13 -2.02
C LEU C 16 45.21 32.87 -0.69
N GLN C 17 44.05 33.48 -0.42
CA GLN C 17 43.83 34.16 0.86
C GLN C 17 43.35 33.21 1.94
N ASP C 18 43.11 31.96 1.53
CA ASP C 18 42.43 30.95 2.35
C ASP C 18 40.99 31.29 2.67
N ALA C 19 40.29 31.91 1.72
CA ALA C 19 38.88 32.21 1.93
C ALA C 19 38.01 30.94 1.96
N SER C 20 37.08 30.93 2.92
CA SER C 20 36.10 29.85 3.09
C SER C 20 35.13 29.74 1.94
N ASP C 21 34.46 30.85 1.62
CA ASP C 21 33.37 30.83 0.67
C ASP C 21 33.46 31.94 -0.37
N ILE C 22 32.83 31.71 -1.52
CA ILE C 22 32.71 32.72 -2.56
C ILE C 22 31.23 33.01 -2.85
N HIS C 23 30.81 34.26 -2.69
CA HIS C 23 29.41 34.63 -2.93
C HIS C 23 29.21 35.48 -4.18
N ILE C 24 28.47 34.95 -5.18
CA ILE C 24 28.08 35.76 -6.33
C ILE C 24 26.59 36.09 -6.23
N GLU C 25 26.28 37.35 -5.92
CA GLU C 25 24.92 37.80 -5.64
C GLU C 25 24.42 38.85 -6.63
N PRO C 26 23.33 38.52 -7.35
CA PRO C 26 22.68 39.58 -8.11
C PRO C 26 22.07 40.60 -7.17
N ARG C 27 22.11 41.87 -7.57
CA ARG C 27 21.43 42.93 -6.84
C ARG C 27 20.53 43.65 -7.85
N GLN C 28 20.06 44.85 -7.51
CA GLN C 28 19.14 45.55 -8.41
C GLN C 28 19.84 46.15 -9.65
N ASN C 29 21.02 46.75 -9.47
CA ASN C 29 21.75 47.35 -10.61
C ASN C 29 23.17 46.82 -10.77
N ASP C 30 23.41 45.63 -10.26
CA ASP C 30 24.71 45.22 -9.77
C ASP C 30 24.69 43.71 -9.57
N VAL C 31 25.84 43.07 -9.81
CA VAL C 31 26.07 41.70 -9.38
C VAL C 31 27.28 41.82 -8.46
N GLN C 32 27.09 41.56 -7.17
CA GLN C 32 28.15 41.77 -6.19
C GLN C 32 28.81 40.45 -5.85
N VAL C 33 30.12 40.47 -5.76
CA VAL C 33 30.88 39.27 -5.44
C VAL C 33 31.58 39.48 -4.11
N ARG C 34 31.34 38.57 -3.17
CA ARG C 34 31.99 38.68 -1.87
C ARG C 34 32.81 37.42 -1.51
N LEU C 35 33.91 37.62 -0.78
CA LEU C 35 34.73 36.52 -0.26
C LEU C 35 34.65 36.48 1.26
N ARG C 36 34.49 35.29 1.83
CA ARG C 36 34.51 35.21 3.29
C ARG C 36 35.93 34.94 3.80
N ILE C 37 36.54 35.94 4.43
CA ILE C 37 37.88 35.76 4.98
C ILE C 37 37.87 35.82 6.50
N ASP C 38 38.51 34.84 7.13
CA ASP C 38 38.57 34.74 8.59
C ASP C 38 37.19 34.98 9.24
N GLY C 39 36.12 34.50 8.62
CA GLY C 39 34.80 34.57 9.20
C GLY C 39 33.91 35.69 8.70
N ALA C 40 34.48 36.70 8.06
CA ALA C 40 33.72 37.85 7.61
C ALA C 40 33.65 37.91 6.08
N LEU C 41 32.53 38.40 5.56
CA LEU C 41 32.40 38.63 4.12
C LEU C 41 33.01 39.97 3.76
N ARG C 42 33.86 39.97 2.74
CA ARG C 42 34.51 41.18 2.26
C ARG C 42 34.17 41.42 0.79
N PRO C 43 34.11 42.68 0.38
CA PRO C 43 33.77 42.95 -1.02
C PRO C 43 34.95 42.74 -1.99
N TYR C 44 34.76 41.84 -2.94
CA TYR C 44 35.81 41.47 -3.89
C TYR C 44 35.70 42.32 -5.15
N SER C 45 34.56 42.27 -5.82
CA SER C 45 34.40 43.01 -7.07
C SER C 45 32.92 43.20 -7.42
N THR C 46 32.66 43.99 -8.47
CA THR C 46 31.33 44.30 -8.94
C THR C 46 31.23 44.00 -10.44
N LEU C 47 30.22 43.26 -10.85
CA LEU C 47 29.99 42.97 -12.25
C LEU C 47 28.71 43.64 -12.69
N PRO C 48 28.60 44.00 -13.97
CA PRO C 48 27.36 44.64 -14.46
C PRO C 48 26.20 43.64 -14.40
N LYS C 49 24.95 44.11 -14.32
CA LYS C 49 23.83 43.20 -14.18
C LYS C 49 23.75 42.22 -15.34
N GLY C 50 24.09 42.70 -16.52
CA GLY C 50 23.97 41.89 -17.72
C GLY C 50 25.05 40.82 -17.88
N ALA C 51 25.91 40.68 -16.87
CA ALA C 51 26.95 39.66 -16.90
C ALA C 51 26.56 38.45 -16.08
N LEU C 52 25.46 38.58 -15.33
CA LEU C 52 25.04 37.58 -14.35
C LEU C 52 24.88 36.17 -14.93
N ASN C 53 24.10 36.03 -15.99
CA ASN C 53 23.81 34.70 -16.52
C ASN C 53 25.05 34.04 -17.10
N ALA C 54 25.97 34.85 -17.64
CA ALA C 54 27.19 34.30 -18.20
C ALA C 54 28.00 33.59 -17.12
N VAL C 55 28.13 34.27 -15.98
CA VAL C 55 28.86 33.72 -14.84
C VAL C 55 28.17 32.48 -14.29
N ILE C 56 26.84 32.55 -14.12
CA ILE C 56 26.11 31.44 -13.51
C ILE C 56 26.19 30.19 -14.38
N SER C 57 26.27 30.37 -15.71
CA SER C 57 26.40 29.22 -16.61
C SER C 57 27.77 28.55 -16.44
N VAL C 58 28.82 29.37 -16.40
CA VAL C 58 30.17 28.88 -16.15
C VAL C 58 30.25 28.02 -14.90
N VAL C 59 29.78 28.53 -13.78
CA VAL C 59 29.86 27.76 -12.55
C VAL C 59 28.94 26.55 -12.57
N LYS C 60 27.85 26.61 -13.33
CA LYS C 60 26.95 25.45 -13.42
C LYS C 60 27.60 24.31 -14.20
N ILE C 61 28.25 24.63 -15.31
CA ILE C 61 28.97 23.63 -16.08
C ILE C 61 30.06 22.97 -15.21
N MET C 62 30.68 23.75 -14.33
CA MET C 62 31.75 23.24 -13.47
C MET C 62 31.22 22.21 -12.49
N GLY C 63 29.97 22.38 -12.08
CA GLY C 63 29.38 21.48 -11.10
C GLY C 63 28.37 20.54 -11.71
N GLY C 64 28.23 20.60 -13.03
CA GLY C 64 27.34 19.71 -13.73
C GLY C 64 25.90 20.02 -13.42
N LEU C 65 25.58 21.30 -13.42
CA LEU C 65 24.24 21.75 -13.07
C LEU C 65 23.47 22.07 -14.33
N ASN C 66 22.16 22.22 -14.17
CA ASN C 66 21.33 22.46 -15.32
C ASN C 66 21.25 23.95 -15.53
N ILE C 67 21.64 24.41 -16.72
CA ILE C 67 21.53 25.82 -17.06
C ILE C 67 20.07 26.28 -17.24
N ALA C 68 19.24 25.40 -17.80
CA ALA C 68 17.83 25.66 -18.08
C ALA C 68 17.00 25.91 -16.83
N GLU C 69 17.28 25.15 -15.77
CA GLU C 69 16.52 25.29 -14.52
C GLU C 69 16.96 26.53 -13.76
N LYS C 70 16.08 27.51 -13.68
CA LYS C 70 16.44 28.76 -13.04
C LYS C 70 15.57 29.06 -11.82
N ARG C 71 14.54 28.25 -11.58
CA ARG C 71 13.64 28.60 -10.51
C ARG C 71 13.70 27.60 -9.36
N LEU C 72 14.64 26.66 -9.42
CA LEU C 72 14.91 25.75 -8.30
C LEU C 72 16.38 25.80 -7.87
N PRO C 73 16.64 25.58 -6.56
CA PRO C 73 18.02 25.46 -6.09
C PRO C 73 18.72 24.25 -6.72
N GLN C 74 20.02 24.33 -6.99
CA GLN C 74 20.79 23.17 -7.43
C GLN C 74 22.09 23.06 -6.64
N ASP C 75 22.71 21.87 -6.69
CA ASP C 75 23.94 21.57 -5.94
C ASP C 75 24.85 20.61 -6.68
N GLY C 76 26.15 20.88 -6.62
CA GLY C 76 27.14 20.05 -7.27
C GLY C 76 28.49 20.20 -6.59
N ARG C 77 29.38 19.28 -6.85
CA ARG C 77 30.74 19.38 -6.37
C ARG C 77 31.65 19.48 -7.55
N VAL C 78 32.76 20.18 -7.40
CA VAL C 78 33.74 20.37 -8.48
C VAL C 78 35.13 20.31 -7.87
N ARG C 79 36.06 19.60 -8.51
CA ARG C 79 37.45 19.77 -8.11
C ARG C 79 38.08 20.71 -9.10
N TYR C 80 38.48 21.87 -8.61
CA TYR C 80 39.10 22.87 -9.45
C TYR C 80 40.61 22.59 -9.41
N ARG C 81 41.20 22.24 -10.56
CA ARG C 81 42.66 22.30 -10.64
C ARG C 81 43.14 23.09 -11.84
N GLU C 82 43.75 24.24 -11.58
CA GLU C 82 44.48 24.99 -12.59
C GLU C 82 45.82 25.42 -11.99
N GLY C 83 46.87 24.69 -12.31
CA GLY C 83 48.20 25.02 -11.82
C GLY C 83 48.36 24.60 -10.37
N ALA C 84 48.93 25.49 -9.56
CA ALA C 84 49.06 25.21 -8.13
C ALA C 84 47.71 25.30 -7.42
N ILE C 85 46.69 25.84 -8.10
CA ILE C 85 45.35 25.96 -7.53
C ILE C 85 44.62 24.64 -7.59
N ASP C 86 44.60 23.93 -6.46
CA ASP C 86 43.92 22.64 -6.38
C ASP C 86 42.97 22.60 -5.18
N VAL C 87 41.67 22.61 -5.46
CA VAL C 87 40.69 22.82 -4.42
C VAL C 87 39.34 22.20 -4.78
N ASP C 88 38.78 21.45 -3.84
CA ASP C 88 37.42 20.93 -3.98
C ASP C 88 36.41 22.02 -3.64
N LEU C 89 35.50 22.26 -4.57
CA LEU C 89 34.46 23.25 -4.41
C LEU C 89 33.06 22.62 -4.25
N ARG C 90 32.33 23.04 -3.23
CA ARG C 90 30.89 22.79 -3.11
C ARG C 90 30.10 23.91 -3.71
N LEU C 91 29.24 23.60 -4.66
CA LEU C 91 28.54 24.61 -5.41
C LEU C 91 27.02 24.65 -5.13
N SER C 92 26.51 25.85 -4.93
CA SER C 92 25.11 26.03 -4.57
C SER C 92 24.53 27.19 -5.38
N THR C 93 23.43 26.93 -6.07
CA THR C 93 22.75 27.98 -6.82
C THR C 93 21.35 28.18 -6.28
N LEU C 94 21.01 29.44 -6.04
CA LEU C 94 19.76 29.75 -5.38
C LEU C 94 19.01 30.76 -6.19
N PRO C 95 17.74 30.50 -6.46
CA PRO C 95 16.92 31.52 -7.09
C PRO C 95 16.61 32.67 -6.15
N THR C 96 16.93 33.90 -6.57
CA THR C 96 16.48 35.10 -5.83
C THR C 96 15.78 36.11 -6.71
N VAL C 97 15.24 37.12 -6.07
CA VAL C 97 14.51 38.17 -6.76
C VAL C 97 15.23 38.79 -7.96
N TYR C 98 16.56 38.91 -7.89
CA TYR C 98 17.26 39.56 -8.98
C TYR C 98 17.95 38.56 -9.89
N GLY C 99 17.67 37.28 -9.69
CA GLY C 99 18.31 36.24 -10.47
C GLY C 99 18.88 35.13 -9.62
N GLU C 100 19.74 34.30 -10.20
CA GLU C 100 20.37 33.23 -9.43
C GLU C 100 21.60 33.76 -8.68
N LYS C 101 21.68 33.38 -7.40
CA LYS C 101 22.86 33.63 -6.60
C LYS C 101 23.64 32.34 -6.52
N ALA C 102 24.95 32.40 -6.74
CA ALA C 102 25.77 31.19 -6.58
C ALA C 102 26.73 31.32 -5.39
N VAL C 103 26.80 30.26 -4.60
CA VAL C 103 27.78 30.20 -3.52
C VAL C 103 28.70 28.97 -3.71
N MET C 104 30.00 29.20 -3.57
CA MET C 104 31.01 28.16 -3.68
C MET C 104 31.81 28.10 -2.40
N ARG C 105 31.74 26.99 -1.66
CA ARG C 105 32.59 26.84 -0.48
C ARG C 105 33.89 26.11 -0.81
N LEU C 106 35.03 26.62 -0.36
CA LEU C 106 36.30 25.91 -0.54
C LEU C 106 36.43 24.92 0.59
N LEU C 107 36.39 23.64 0.23
CA LEU C 107 36.49 22.53 1.16
C LEU C 107 37.92 22.36 1.66
N LYS C 108 38.06 21.96 2.92
CA LYS C 108 39.36 21.66 3.49
C LYS C 108 39.99 20.56 2.64
N LYS C 109 41.24 20.75 2.22
CA LYS C 109 41.88 19.79 1.31
C LYS C 109 41.92 18.38 1.94
N ALA C 110 41.38 17.40 1.21
CA ALA C 110 41.13 16.05 1.74
C ALA C 110 42.39 15.43 2.32
N SER C 111 42.27 14.94 3.54
CA SER C 111 43.37 14.26 4.24
C SER C 111 43.54 12.86 3.70
N ASP C 112 44.64 12.19 4.03
CA ASP C 112 44.86 10.86 3.48
C ASP C 112 43.99 9.85 4.23
N ILE C 113 43.57 8.82 3.51
CA ILE C 113 42.60 7.86 4.00
C ILE C 113 43.12 7.05 5.16
N PRO C 114 42.42 7.09 6.31
CA PRO C 114 42.91 6.45 7.54
C PRO C 114 42.60 4.95 7.62
N GLU C 115 43.15 4.29 8.63
CA GLU C 115 42.74 2.94 8.99
C GLU C 115 41.36 2.99 9.63
N ILE C 116 40.61 1.90 9.55
CA ILE C 116 39.27 1.89 10.13
C ILE C 116 39.30 2.14 11.66
N GLU C 117 40.46 1.93 12.28
CA GLU C 117 40.62 2.22 13.71
C GLU C 117 40.72 3.70 14.02
N ASP C 118 40.84 4.53 12.99
CA ASP C 118 40.89 5.95 13.20
C ASP C 118 39.70 6.66 12.59
N LEU C 119 38.60 5.94 12.39
CA LEU C 119 37.40 6.54 11.84
C LEU C 119 36.59 7.18 12.97
N GLY C 120 36.89 6.76 14.20
CA GLY C 120 36.21 7.28 15.37
C GLY C 120 34.97 6.51 15.79
N PHE C 121 34.90 5.23 15.47
CA PHE C 121 33.81 4.41 15.97
C PHE C 121 33.93 4.24 17.48
N ALA C 122 32.79 4.19 18.14
CA ALA C 122 32.72 3.78 19.53
C ALA C 122 33.26 2.36 19.64
N PRO C 123 33.81 2.01 20.80
CA PRO C 123 34.51 0.72 20.94
C PRO C 123 33.64 -0.47 20.59
N GLY C 124 32.39 -0.44 21.05
CA GLY C 124 31.46 -1.54 20.84
C GLY C 124 30.96 -1.58 19.41
N VAL C 125 30.70 -0.39 18.88
CA VAL C 125 30.16 -0.26 17.54
C VAL C 125 31.18 -0.71 16.52
N PHE C 126 32.45 -0.46 16.84
CA PHE C 126 33.56 -0.77 15.96
C PHE C 126 33.68 -2.27 15.72
N GLU C 127 33.44 -3.06 16.75
CA GLU C 127 33.53 -4.52 16.65
C GLU C 127 32.47 -5.06 15.70
N ARG C 128 31.37 -4.34 15.60
CA ARG C 128 30.31 -4.74 14.70
C ARG C 128 30.60 -4.33 13.29
N PHE C 129 31.07 -3.09 13.15
CA PHE C 129 31.56 -2.56 11.87
C PHE C 129 32.57 -3.53 11.24
N LYS C 130 33.64 -3.84 11.98
CA LYS C 130 34.64 -4.85 11.60
C LYS C 130 34.02 -6.21 11.21
N GLU C 131 33.00 -6.63 11.95
CA GLU C 131 32.30 -7.88 11.65
C GLU C 131 31.39 -7.78 10.40
N VAL C 132 30.80 -6.61 10.15
CA VAL C 132 30.00 -6.46 8.94
C VAL C 132 30.90 -6.48 7.68
N ILE C 133 32.05 -5.82 7.77
CA ILE C 133 32.91 -5.68 6.60
C ILE C 133 33.84 -6.87 6.38
N SER C 134 33.84 -7.83 7.33
CA SER C 134 34.58 -9.09 7.17
C SER C 134 33.78 -10.12 6.40
N LYS C 135 32.47 -9.94 6.33
CA LYS C 135 31.59 -10.84 5.60
C LYS C 135 32.18 -11.13 4.24
N PRO C 136 32.05 -12.38 3.78
CA PRO C 136 32.60 -12.83 2.50
C PRO C 136 31.80 -12.29 1.34
N TYR C 137 30.56 -11.91 1.59
CA TYR C 137 29.68 -11.41 0.52
C TYR C 137 28.39 -10.77 1.07
N GLY C 138 27.57 -10.23 0.17
CA GLY C 138 26.42 -9.41 0.57
C GLY C 138 26.63 -7.92 0.29
N ILE C 139 25.63 -7.09 0.60
CA ILE C 139 25.75 -5.66 0.32
C ILE C 139 25.72 -4.82 1.61
N PHE C 140 26.65 -3.89 1.70
CA PHE C 140 26.79 -3.00 2.84
C PHE C 140 26.62 -1.57 2.39
N LEU C 141 25.58 -0.91 2.91
CA LEU C 141 25.17 0.43 2.52
C LEU C 141 25.69 1.51 3.46
N ILE C 142 26.31 2.52 2.89
CA ILE C 142 26.79 3.66 3.65
C ILE C 142 26.00 4.85 3.16
N THR C 143 25.35 5.55 4.07
CA THR C 143 24.34 6.50 3.67
C THR C 143 24.41 7.75 4.54
N GLY C 144 23.84 8.83 4.04
CA GLY C 144 23.92 10.09 4.77
C GLY C 144 23.82 11.22 3.78
N PRO C 145 23.64 12.43 4.30
CA PRO C 145 23.57 13.68 3.54
C PRO C 145 24.87 14.00 2.80
N THR C 146 24.86 15.01 1.95
CA THR C 146 26.09 15.35 1.23
C THR C 146 27.17 15.83 2.21
N GLY C 147 28.42 15.47 1.96
CA GLY C 147 29.49 15.81 2.88
C GLY C 147 29.49 15.09 4.22
N SER C 148 28.85 13.91 4.30
CA SER C 148 28.83 13.11 5.52
C SER C 148 30.08 12.30 5.78
N GLY C 149 30.84 12.02 4.73
CA GLY C 149 32.11 11.33 4.91
C GLY C 149 31.95 9.92 4.38
N LYS C 150 31.01 9.80 3.46
CA LYS C 150 30.66 8.50 2.92
C LYS C 150 31.83 7.90 2.15
N SER C 151 32.38 8.66 1.20
CA SER C 151 33.45 8.19 0.33
C SER C 151 34.68 7.95 1.12
N PHE C 152 34.90 8.86 2.06
CA PHE C 152 36.01 8.75 2.99
C PHE C 152 35.93 7.48 3.80
N THR C 153 34.73 7.06 4.18
CA THR C 153 34.59 5.82 4.94
C THR C 153 34.77 4.58 4.06
N THR C 154 34.20 4.60 2.85
CA THR C 154 34.24 3.41 2.01
C THR C 154 35.70 3.08 1.66
N PHE C 155 36.51 4.11 1.37
CA PHE C 155 37.89 3.86 0.95
C PHE C 155 38.75 3.44 2.12
N SER C 156 38.36 3.86 3.32
CA SER C 156 38.98 3.36 4.55
C SER C 156 38.69 1.86 4.73
N ILE C 157 37.48 1.43 4.39
CA ILE C 157 37.12 0.04 4.43
C ILE C 157 37.93 -0.75 3.40
N LEU C 158 37.90 -0.27 2.14
CA LEU C 158 38.69 -0.85 1.06
C LEU C 158 40.19 -0.93 1.40
N LYS C 159 40.69 0.03 2.18
CA LYS C 159 42.06 -0.01 2.67
C LYS C 159 42.33 -1.30 3.46
N ARG C 160 41.32 -1.79 4.16
CA ARG C 160 41.45 -2.94 5.03
C ARG C 160 41.12 -4.24 4.31
N ILE C 161 40.04 -4.26 3.52
CA ILE C 161 39.52 -5.53 3.02
C ILE C 161 40.04 -5.87 1.62
N ALA C 162 40.50 -4.87 0.89
CA ALA C 162 40.99 -5.15 -0.46
C ALA C 162 42.43 -5.67 -0.38
N THR C 163 42.55 -6.99 -0.38
CA THR C 163 43.82 -7.71 -0.25
C THR C 163 44.24 -8.33 -1.60
N PRO C 164 45.56 -8.59 -1.81
CA PRO C 164 46.02 -9.02 -3.14
C PRO C 164 45.44 -10.35 -3.63
N ASP C 165 44.90 -11.16 -2.74
CA ASP C 165 44.26 -12.38 -3.16
C ASP C 165 42.86 -12.10 -3.73
N LYS C 166 42.39 -10.86 -3.60
CA LYS C 166 41.05 -10.49 -4.09
C LYS C 166 41.09 -9.52 -5.27
N ASN C 167 40.06 -9.56 -6.12
CA ASN C 167 39.87 -8.52 -7.12
C ASN C 167 38.88 -7.52 -6.57
N THR C 168 39.27 -6.26 -6.55
CA THR C 168 38.41 -5.21 -6.02
C THR C 168 38.14 -4.21 -7.12
N GLN C 169 36.89 -4.15 -7.56
CA GLN C 169 36.51 -3.31 -8.70
C GLN C 169 35.59 -2.19 -8.23
N THR C 170 35.70 -1.06 -8.89
CA THR C 170 35.09 0.18 -8.41
C THR C 170 34.44 0.95 -9.57
N ILE C 171 33.22 1.45 -9.36
CA ILE C 171 32.57 2.27 -10.37
C ILE C 171 32.23 3.57 -9.67
N GLU C 172 32.80 4.66 -10.17
CA GLU C 172 32.77 5.92 -9.46
C GLU C 172 32.30 7.07 -10.34
N ASP C 173 31.70 8.07 -9.70
CA ASP C 173 31.28 9.29 -10.40
C ASP C 173 31.55 10.51 -9.52
N PRO C 174 32.79 11.05 -9.61
CA PRO C 174 33.87 10.54 -10.45
C PRO C 174 34.85 9.80 -9.56
N VAL C 175 36.03 9.49 -10.09
CA VAL C 175 37.07 8.89 -9.27
C VAL C 175 37.76 10.03 -8.51
N GLU C 176 37.85 9.90 -7.19
CA GLU C 176 38.44 10.97 -6.39
C GLU C 176 39.87 10.66 -5.98
N TYR C 177 40.11 9.50 -5.38
CA TYR C 177 41.45 9.20 -4.91
C TYR C 177 42.14 8.20 -5.83
N GLU C 178 43.40 7.92 -5.53
CA GLU C 178 44.22 7.04 -6.34
C GLU C 178 44.74 5.91 -5.50
N ILE C 179 43.86 4.99 -5.13
CA ILE C 179 44.26 3.90 -4.23
C ILE C 179 44.93 2.74 -4.95
N PRO C 180 46.11 2.34 -4.46
CA PRO C 180 46.81 1.18 -5.01
C PRO C 180 46.14 -0.14 -4.63
N GLY C 181 46.24 -1.09 -5.53
CA GLY C 181 45.84 -2.45 -5.23
C GLY C 181 44.47 -2.77 -5.75
N ILE C 182 43.75 -1.74 -6.19
CA ILE C 182 42.39 -1.91 -6.62
C ILE C 182 42.23 -1.45 -8.05
N ASN C 183 41.12 -1.81 -8.68
CA ASN C 183 40.81 -1.31 -10.02
C ASN C 183 39.64 -0.30 -9.96
N GLN C 184 39.81 0.85 -10.60
CA GLN C 184 38.79 1.87 -10.51
C GLN C 184 38.33 2.26 -11.92
N THR C 185 37.00 2.36 -12.09
CA THR C 185 36.39 2.73 -13.37
C THR C 185 35.48 3.95 -13.17
N GLN C 186 35.59 4.92 -14.05
CA GLN C 186 34.77 6.10 -13.88
C GLN C 186 33.62 6.08 -14.85
N VAL C 187 32.49 6.65 -14.43
CA VAL C 187 31.28 6.69 -15.25
C VAL C 187 31.50 7.62 -16.42
N ASN C 188 31.15 7.17 -17.61
CA ASN C 188 31.26 8.01 -18.80
C ASN C 188 29.93 8.08 -19.52
N PRO C 189 29.07 9.04 -19.13
CA PRO C 189 27.73 9.20 -19.68
C PRO C 189 27.80 9.51 -21.19
N GLN C 190 28.82 10.25 -21.60
CA GLN C 190 29.05 10.56 -23.00
C GLN C 190 29.27 9.32 -23.84
N ALA C 191 30.01 8.36 -23.31
CA ALA C 191 30.39 7.15 -24.05
C ALA C 191 29.35 6.06 -23.90
N GLY C 192 28.42 6.26 -22.97
CA GLY C 192 27.38 5.27 -22.75
C GLY C 192 27.72 4.36 -21.59
N LEU C 193 28.86 4.64 -20.95
CA LEU C 193 29.30 3.82 -19.84
C LEU C 193 28.64 4.32 -18.57
N THR C 194 27.47 3.75 -18.30
CA THR C 194 26.66 4.11 -17.16
C THR C 194 27.03 3.31 -15.93
N PHE C 195 26.44 3.65 -14.80
CA PHE C 195 26.58 2.84 -13.61
C PHE C 195 26.12 1.40 -13.86
N ALA C 196 24.97 1.24 -14.50
CA ALA C 196 24.42 -0.10 -14.65
C ALA C 196 25.18 -0.88 -15.71
N ARG C 197 25.57 -0.20 -16.78
CA ARG C 197 26.29 -0.88 -17.84
C ARG C 197 27.60 -1.46 -17.32
N ALA C 198 28.27 -0.71 -16.45
CA ALA C 198 29.56 -1.11 -15.91
C ALA C 198 29.35 -2.26 -14.97
N LEU C 199 28.31 -2.16 -14.16
CA LEU C 199 28.10 -3.15 -13.12
C LEU C 199 27.86 -4.55 -13.73
N ARG C 200 27.17 -4.63 -14.87
CA ARG C 200 26.99 -5.92 -15.56
C ARG C 200 28.32 -6.43 -16.06
N ALA C 201 29.14 -5.53 -16.61
CA ALA C 201 30.48 -5.91 -17.02
C ALA C 201 31.31 -6.44 -15.85
N PHE C 202 31.16 -5.83 -14.68
CA PHE C 202 31.93 -6.25 -13.51
C PHE C 202 31.71 -7.71 -13.18
N LEU C 203 30.52 -8.23 -13.49
CA LEU C 203 30.24 -9.62 -13.18
C LEU C 203 30.95 -10.59 -14.15
N ARG C 204 31.49 -10.05 -15.24
CA ARG C 204 32.26 -10.86 -16.17
C ARG C 204 33.76 -10.59 -15.97
N GLN C 205 34.09 -9.82 -14.94
CA GLN C 205 35.49 -9.47 -14.69
C GLN C 205 35.99 -10.21 -13.48
N ASP C 206 35.31 -11.29 -13.13
CA ASP C 206 35.66 -12.08 -11.95
C ASP C 206 35.98 -11.29 -10.68
N PRO C 207 34.96 -10.64 -10.09
CA PRO C 207 35.30 -9.76 -8.96
C PRO C 207 35.17 -10.45 -7.63
N ASP C 208 35.69 -9.83 -6.58
CA ASP C 208 35.51 -10.29 -5.20
C ASP C 208 34.80 -9.22 -4.39
N ILE C 209 35.32 -8.00 -4.47
CA ILE C 209 34.75 -6.84 -3.83
C ILE C 209 34.29 -5.82 -4.89
N ILE C 210 33.02 -5.47 -4.87
CA ILE C 210 32.55 -4.45 -5.79
C ILE C 210 32.21 -3.19 -5.01
N MET C 211 32.54 -2.02 -5.54
CA MET C 211 32.13 -0.78 -4.87
C MET C 211 31.34 0.10 -5.81
N VAL C 212 30.10 0.44 -5.46
CA VAL C 212 29.36 1.36 -6.31
C VAL C 212 29.35 2.79 -5.71
N GLY C 213 29.85 3.74 -6.49
CA GLY C 213 30.02 5.11 -6.02
C GLY C 213 28.69 5.69 -5.60
N GLU C 214 27.66 5.36 -6.39
CA GLU C 214 26.31 5.84 -6.14
C GLU C 214 25.26 4.89 -6.70
N ILE C 215 24.18 4.66 -5.95
CA ILE C 215 23.00 3.99 -6.50
C ILE C 215 21.84 4.98 -6.68
N ARG C 216 21.54 5.31 -7.94
CA ARG C 216 20.51 6.29 -8.25
C ARG C 216 19.62 5.84 -9.41
N ASP C 217 19.67 4.54 -9.71
CA ASP C 217 18.84 3.86 -10.71
C ASP C 217 18.05 2.76 -10.03
N SER C 218 17.08 2.20 -10.74
CA SER C 218 16.52 0.93 -10.27
C SER C 218 17.46 -0.20 -10.68
N GLU C 219 17.97 -0.10 -11.90
CA GLU C 219 18.78 -1.15 -12.49
C GLU C 219 20.12 -1.34 -11.78
N THR C 220 20.76 -0.24 -11.39
CA THR C 220 21.97 -0.28 -10.59
C THR C 220 21.72 -0.94 -9.24
N ALA C 221 20.67 -0.52 -8.54
CA ALA C 221 20.29 -1.13 -7.27
C ALA C 221 20.02 -2.61 -7.45
N LYS C 222 19.42 -2.96 -8.57
CA LYS C 222 18.98 -4.33 -8.76
C LYS C 222 20.20 -5.18 -9.10
N ILE C 223 21.05 -4.72 -10.01
CA ILE C 223 22.32 -5.39 -10.29
C ILE C 223 23.28 -5.44 -9.08
N ALA C 224 23.36 -4.39 -8.29
CA ALA C 224 24.25 -4.43 -7.13
C ALA C 224 23.75 -5.48 -6.15
N THR C 225 22.43 -5.60 -6.00
CA THR C 225 21.86 -6.56 -5.04
C THR C 225 22.04 -7.98 -5.53
N GLU C 226 21.92 -8.13 -6.85
CA GLU C 226 22.10 -9.41 -7.52
C GLU C 226 23.55 -9.85 -7.35
N ALA C 227 24.47 -8.90 -7.41
CA ALA C 227 25.89 -9.21 -7.24
C ALA C 227 26.14 -9.67 -5.82
N ALA C 228 25.44 -9.08 -4.88
CA ALA C 228 25.62 -9.49 -3.51
C ALA C 228 25.10 -10.90 -3.27
N LEU C 229 24.08 -11.31 -4.01
CA LEU C 229 23.41 -12.61 -3.80
C LEU C 229 24.25 -13.76 -4.30
N THR C 230 24.84 -13.58 -5.48
CA THR C 230 25.64 -14.62 -6.09
C THR C 230 26.91 -14.92 -5.29
N GLY C 231 27.42 -13.95 -4.52
CA GLY C 231 28.49 -14.21 -3.58
C GLY C 231 29.65 -13.26 -3.68
N HIS C 232 29.35 -11.99 -3.99
CA HIS C 232 30.32 -10.91 -4.04
C HIS C 232 30.11 -9.95 -2.87
N LEU C 233 31.15 -9.27 -2.39
CA LEU C 233 30.93 -8.26 -1.36
C LEU C 233 30.74 -6.90 -2.03
N VAL C 234 29.63 -6.25 -1.73
CA VAL C 234 29.30 -4.96 -2.35
C VAL C 234 29.18 -3.81 -1.34
N ILE C 235 30.11 -2.86 -1.38
CA ILE C 235 29.96 -1.64 -0.60
C ILE C 235 29.34 -0.57 -1.49
N ALA C 236 28.24 0.03 -1.05
CA ALA C 236 27.46 0.95 -1.90
C ALA C 236 27.05 2.19 -1.12
N THR C 237 26.90 3.31 -1.83
CA THR C 237 26.51 4.59 -1.19
C THR C 237 25.07 5.04 -1.57
N LEU C 238 24.27 5.35 -0.55
CA LEU C 238 22.93 5.91 -0.75
C LEU C 238 22.88 7.26 -0.10
N HIS C 239 21.82 8.02 -0.35
CA HIS C 239 21.75 9.36 0.22
C HIS C 239 20.60 9.61 1.16
N THR C 240 20.48 8.77 2.17
CA THR C 240 19.35 8.80 3.08
C THR C 240 19.77 9.24 4.46
N ASN C 241 18.96 10.06 5.11
CA ASN C 241 19.34 10.51 6.44
C ASN C 241 19.31 9.38 7.46
N ASP C 242 18.38 8.46 7.27
CA ASP C 242 18.28 7.37 8.22
C ASP C 242 18.83 6.07 7.64
N ALA C 243 19.48 5.28 8.49
CA ALA C 243 19.97 3.98 8.04
C ALA C 243 18.79 3.06 7.71
N ALA C 244 17.80 3.00 8.59
CA ALA C 244 16.66 2.11 8.34
C ALA C 244 15.89 2.52 7.09
N GLN C 245 15.83 3.82 6.75
CA GLN C 245 15.10 4.23 5.54
C GLN C 245 15.83 3.78 4.27
N ALA C 246 17.13 3.53 4.39
CA ALA C 246 17.89 3.06 3.24
C ALA C 246 17.34 1.70 2.74
N ILE C 247 16.90 0.85 3.66
CA ILE C 247 16.19 -0.36 3.29
C ILE C 247 14.95 -0.04 2.47
N THR C 248 14.15 0.92 2.93
CA THR C 248 12.91 1.28 2.24
C THR C 248 13.25 1.89 0.90
N ARG C 249 14.41 2.53 0.85
CA ARG C 249 14.83 3.20 -0.35
C ARG C 249 15.02 2.18 -1.47
N LEU C 250 15.68 1.07 -1.15
CA LEU C 250 15.88 0.00 -2.12
C LEU C 250 14.57 -0.58 -2.65
N ASP C 251 13.57 -0.71 -1.77
CA ASP C 251 12.24 -1.19 -2.16
C ASP C 251 11.56 -0.22 -3.14
N GLU C 252 11.68 1.08 -2.87
CA GLU C 252 11.20 2.09 -3.81
C GLU C 252 11.89 1.96 -5.17
N MET C 253 13.18 1.65 -5.17
CA MET C 253 13.92 1.49 -6.42
C MET C 253 13.68 0.12 -7.08
N GLY C 254 12.78 -0.68 -6.51
CA GLY C 254 12.30 -1.87 -7.19
C GLY C 254 12.95 -3.18 -6.83
N VAL C 255 13.90 -3.14 -5.91
CA VAL C 255 14.54 -4.37 -5.54
C VAL C 255 13.54 -5.19 -4.78
N GLU C 256 13.43 -6.48 -5.13
CA GLU C 256 12.46 -7.35 -4.46
C GLU C 256 12.78 -7.40 -2.98
N PRO C 257 11.74 -7.37 -2.12
CA PRO C 257 12.02 -7.47 -0.69
C PRO C 257 12.83 -8.70 -0.36
N PHE C 258 12.56 -9.83 -1.03
CA PHE C 258 13.22 -11.05 -0.61
C PHE C 258 14.71 -11.03 -1.01
N ASN C 259 15.06 -10.27 -2.05
CA ASN C 259 16.46 -10.09 -2.46
C ASN C 259 17.17 -9.09 -1.55
N ILE C 260 16.43 -8.15 -0.99
CA ILE C 260 16.99 -7.27 0.03
C ILE C 260 17.30 -8.00 1.34
N SER C 261 16.39 -8.86 1.78
CA SER C 261 16.57 -9.55 3.05
C SER C 261 17.74 -10.52 2.99
N ALA C 262 17.91 -11.13 1.83
CA ALA C 262 18.92 -12.17 1.65
C ALA C 262 20.33 -11.60 1.43
N ALA C 263 20.41 -10.35 0.96
CA ALA C 263 21.67 -9.73 0.55
C ALA C 263 22.22 -8.71 1.54
N LEU C 264 21.33 -7.96 2.21
CA LEU C 264 21.79 -6.85 3.03
C LEU C 264 22.52 -7.33 4.29
N ILE C 265 23.79 -6.97 4.41
CA ILE C 265 24.55 -7.31 5.61
C ILE C 265 24.30 -6.28 6.69
N GLY C 266 24.04 -5.04 6.28
CA GLY C 266 23.88 -3.93 7.19
C GLY C 266 23.88 -2.58 6.51
N VAL C 267 23.62 -1.54 7.30
CA VAL C 267 23.57 -0.16 6.77
C VAL C 267 24.26 0.74 7.77
N LEU C 268 25.18 1.57 7.27
CA LEU C 268 25.85 2.57 8.07
C LEU C 268 25.33 3.97 7.71
N SER C 269 24.91 4.70 8.73
CA SER C 269 24.53 6.10 8.55
C SER C 269 25.53 6.96 9.33
N GLN C 270 26.07 7.99 8.71
CA GLN C 270 26.96 8.84 9.52
C GLN C 270 26.77 10.32 9.31
N ARG C 271 27.22 11.08 10.29
CA ARG C 271 27.29 12.52 10.15
C ARG C 271 28.69 12.98 10.49
N LEU C 272 29.04 14.14 9.94
CA LEU C 272 30.21 14.89 10.36
C LEU C 272 29.80 16.03 11.30
N VAL C 273 30.52 16.10 12.41
CA VAL C 273 30.24 17.07 13.45
C VAL C 273 31.50 17.88 13.76
N ARG C 274 31.38 19.20 13.87
CA ARG C 274 32.56 20.03 14.17
C ARG C 274 33.20 19.68 15.52
N ARG C 275 34.52 19.81 15.61
CA ARG C 275 35.24 19.43 16.82
C ARG C 275 35.71 20.65 17.63
N VAL C 276 35.53 20.57 18.95
CA VAL C 276 35.97 21.63 19.84
C VAL C 276 37.48 21.74 19.83
N CYS C 277 37.94 22.99 19.69
CA CYS C 277 39.35 23.36 19.82
C CYS C 277 39.93 22.99 21.21
N GLU C 278 41.01 22.20 21.23
CA GLU C 278 41.58 21.74 22.50
C GLU C 278 42.16 22.90 23.32
N HIS C 279 42.65 23.94 22.65
CA HIS C 279 43.37 25.02 23.31
C HIS C 279 42.42 26.09 23.87
N CYS C 280 41.18 25.70 24.11
CA CYS C 280 40.06 26.65 24.19
C CYS C 280 38.85 26.02 24.93
N LYS C 281 38.98 24.72 25.18
CA LYS C 281 38.00 23.92 25.90
C LYS C 281 37.67 24.51 27.25
N VAL C 282 36.38 24.53 27.58
CA VAL C 282 35.94 24.82 28.92
C VAL C 282 34.85 23.83 29.32
N GLU C 283 34.63 23.67 30.61
CA GLU C 283 33.54 22.80 31.05
C GLU C 283 32.22 23.57 31.12
N VAL C 284 31.17 22.95 30.60
CA VAL C 284 29.82 23.44 30.76
C VAL C 284 29.07 22.51 31.72
N LYS C 285 28.44 23.08 32.73
CA LYS C 285 27.60 22.26 33.60
C LYS C 285 26.30 21.90 32.89
N PRO C 286 26.08 20.61 32.60
CA PRO C 286 24.90 20.26 31.80
C PRO C 286 23.62 20.14 32.62
N ASP C 287 22.48 20.19 31.94
CA ASP C 287 21.21 20.10 32.60
C ASP C 287 20.68 18.67 32.61
N PRO C 288 20.61 18.04 33.79
CA PRO C 288 20.08 16.69 34.06
C PRO C 288 18.81 16.32 33.28
N GLU C 289 17.89 17.28 33.13
CA GLU C 289 16.66 17.02 32.37
C GLU C 289 16.95 16.77 30.91
N THR C 290 17.88 17.56 30.37
CA THR C 290 18.24 17.45 28.96
C THR C 290 18.87 16.08 28.69
N LEU C 291 19.81 15.70 29.55
CA LEU C 291 20.48 14.41 29.44
C LEU C 291 19.47 13.27 29.56
N ARG C 292 18.60 13.35 30.56
CA ARG C 292 17.51 12.39 30.71
C ARG C 292 16.72 12.30 29.43
N ARG C 293 16.32 13.45 28.90
CA ARG C 293 15.50 13.45 27.71
C ARG C 293 16.24 12.84 26.53
N LEU C 294 17.57 12.87 26.57
CA LEU C 294 18.40 12.24 25.53
C LEU C 294 18.77 10.77 25.81
N GLY C 295 18.01 10.10 26.67
CA GLY C 295 18.21 8.68 26.93
C GLY C 295 19.35 8.28 27.86
N LEU C 296 20.01 9.25 28.47
CA LEU C 296 21.10 8.96 29.41
C LEU C 296 20.59 8.40 30.72
N SER C 297 21.21 7.32 31.19
CA SER C 297 20.82 6.75 32.49
C SER C 297 21.28 7.61 33.67
N GLU C 298 20.59 7.42 34.79
CA GLU C 298 20.80 8.21 35.99
C GLU C 298 22.21 8.05 36.52
N ALA C 299 22.79 6.88 36.25
CA ALA C 299 24.17 6.63 36.62
C ALA C 299 25.11 7.51 35.80
N GLU C 300 24.84 7.63 34.51
CA GLU C 300 25.68 8.39 33.59
C GLU C 300 25.57 9.90 33.85
N ILE C 301 24.37 10.35 34.21
CA ILE C 301 24.09 11.76 34.48
C ILE C 301 24.93 12.27 35.64
N GLN C 302 25.30 11.36 36.52
CA GLN C 302 25.94 11.69 37.78
C GLN C 302 27.17 12.60 37.76
N GLY C 303 28.14 12.32 36.90
CA GLY C 303 29.29 13.20 36.85
C GLY C 303 29.47 13.78 35.47
N ALA C 304 28.39 13.73 34.70
CA ALA C 304 28.43 14.13 33.29
C ALA C 304 28.92 15.56 33.16
N ARG C 305 29.86 15.79 32.25
CA ARG C 305 30.25 17.16 31.93
C ARG C 305 30.18 17.34 30.42
N LEU C 306 29.86 18.56 29.98
CA LEU C 306 29.86 18.88 28.58
C LEU C 306 30.87 19.99 28.32
N TYR C 307 31.23 20.19 27.05
CA TYR C 307 32.33 21.07 26.71
C TYR C 307 31.99 22.04 25.58
N LYS C 308 32.66 23.18 25.57
CA LYS C 308 32.43 24.21 24.58
C LYS C 308 33.76 24.89 24.26
N GLY C 309 33.90 25.41 23.05
CA GLY C 309 35.04 26.25 22.72
C GLY C 309 34.62 27.70 22.89
N MET C 310 35.49 28.50 23.50
CA MET C 310 35.13 29.88 23.79
C MET C 310 35.57 30.82 22.72
N GLY C 311 36.46 30.37 21.86
CA GLY C 311 37.04 31.22 20.84
C GLY C 311 38.48 31.47 21.20
N CYS C 312 39.37 31.14 20.28
CA CYS C 312 40.79 31.11 20.56
C CYS C 312 41.49 31.48 19.27
N GLU C 313 42.74 31.93 19.40
CA GLU C 313 43.52 32.37 18.24
C GLU C 313 43.76 31.18 17.30
N ARG C 314 44.08 30.03 17.88
CA ARG C 314 44.29 28.79 17.12
C ARG C 314 43.11 28.48 16.20
N CYS C 315 41.89 28.61 16.75
CA CYS C 315 40.67 28.19 16.07
C CYS C 315 39.94 29.35 15.39
N GLY C 316 40.69 30.41 15.08
CA GLY C 316 40.14 31.58 14.44
C GLY C 316 39.26 32.36 15.40
N GLY C 317 37.98 32.47 15.08
CA GLY C 317 37.05 33.07 16.03
C GLY C 317 36.22 32.00 16.70
N THR C 318 35.77 31.03 15.92
CA THR C 318 34.90 29.99 16.43
C THR C 318 35.58 28.95 17.30
N GLY C 319 34.85 28.36 18.25
CA GLY C 319 35.44 27.40 19.18
C GLY C 319 35.66 26.01 18.62
N TYR C 320 35.68 25.92 17.30
CA TYR C 320 35.73 24.65 16.64
C TYR C 320 36.97 24.53 15.78
N LYS C 321 37.54 23.34 15.76
CA LYS C 321 38.74 23.07 14.98
C LYS C 321 38.73 21.65 14.45
N GLY C 322 38.44 21.48 13.16
CA GLY C 322 38.40 20.16 12.57
C GLY C 322 37.05 19.48 12.75
N ARG C 323 36.94 18.24 12.30
CA ARG C 323 35.68 17.49 12.37
C ARG C 323 35.87 16.09 12.91
N TYR C 324 34.76 15.42 13.19
CA TYR C 324 34.73 14.05 13.73
C TYR C 324 33.44 13.43 13.25
N ALA C 325 33.41 12.10 13.14
CA ALA C 325 32.20 11.47 12.62
C ALA C 325 31.36 10.85 13.73
N ILE C 326 30.04 10.89 13.56
CA ILE C 326 29.17 10.14 14.43
C ILE C 326 28.46 9.06 13.60
N HIS C 327 28.15 7.94 14.24
CA HIS C 327 27.73 6.76 13.49
C HIS C 327 26.47 6.13 14.00
N GLU C 328 25.70 5.59 13.07
CA GLU C 328 24.57 4.73 13.38
C GLU C 328 24.69 3.43 12.55
N LEU C 329 24.94 2.28 13.20
CA LEU C 329 25.15 1.03 12.44
C LEU C 329 24.04 -0.02 12.57
N LEU C 330 23.29 -0.21 11.49
CA LEU C 330 22.21 -1.17 11.50
C LEU C 330 22.73 -2.50 10.97
N VAL C 331 22.89 -3.46 11.88
CA VAL C 331 23.38 -4.79 11.53
C VAL C 331 22.20 -5.73 11.32
N VAL C 332 21.99 -6.13 10.07
CA VAL C 332 20.89 -7.03 9.74
C VAL C 332 21.03 -8.42 10.40
N ASP C 333 20.03 -8.82 11.17
CA ASP C 333 19.98 -10.16 11.74
C ASP C 333 18.74 -10.88 11.20
N ASP C 334 18.41 -12.02 11.79
CA ASP C 334 17.29 -12.80 11.28
C ASP C 334 15.96 -12.07 11.49
N GLU C 335 15.83 -11.33 12.58
CA GLU C 335 14.58 -10.63 12.85
C GLU C 335 14.32 -9.48 11.85
N ILE C 336 15.37 -8.71 11.55
CA ILE C 336 15.32 -7.66 10.55
C ILE C 336 14.86 -8.18 9.18
N ARG C 337 15.42 -9.29 8.75
CA ARG C 337 15.04 -9.85 7.45
C ARG C 337 13.57 -10.17 7.45
N HIS C 338 13.10 -10.71 8.58
CA HIS C 338 11.71 -11.12 8.65
C HIS C 338 10.80 -9.91 8.56
N ALA C 339 11.27 -8.78 9.08
CA ALA C 339 10.54 -7.53 8.97
C ALA C 339 10.57 -7.00 7.53
N ILE C 340 11.68 -7.22 6.83
CA ILE C 340 11.83 -6.65 5.49
C ILE C 340 10.87 -7.31 4.50
N VAL C 341 10.96 -8.62 4.33
CA VAL C 341 9.93 -9.34 3.60
C VAL C 341 8.65 -9.17 4.42
N ALA C 342 7.51 -9.02 3.76
CA ALA C 342 6.31 -8.57 4.45
C ALA C 342 6.71 -7.35 5.26
N GLY C 343 6.86 -6.24 4.54
CA GLY C 343 7.62 -5.09 4.98
C GLY C 343 7.03 -4.20 6.04
N LYS C 344 7.59 -4.28 7.23
CA LYS C 344 7.31 -3.30 8.26
C LYS C 344 7.95 -1.98 7.85
N SER C 345 7.58 -0.88 8.52
CA SER C 345 8.11 0.43 8.15
C SER C 345 9.55 0.59 8.60
N ALA C 346 10.23 1.61 8.08
CA ALA C 346 11.58 1.90 8.54
C ALA C 346 11.58 2.25 10.02
N THR C 347 10.44 2.75 10.51
CA THR C 347 10.32 3.10 11.92
C THR C 347 10.35 1.83 12.75
N GLU C 348 9.56 0.85 12.34
CA GLU C 348 9.45 -0.39 13.08
C GLU C 348 10.83 -1.07 13.05
N ILE C 349 11.39 -1.16 11.85
CA ILE C 349 12.70 -1.77 11.69
C ILE C 349 13.77 -1.11 12.56
N LYS C 350 13.78 0.22 12.62
CA LYS C 350 14.69 0.95 13.52
C LYS C 350 14.44 0.64 15.00
N GLU C 351 13.16 0.53 15.40
CA GLU C 351 12.80 0.06 16.74
C GLU C 351 13.39 -1.31 17.02
N ILE C 352 13.08 -2.29 16.17
CA ILE C 352 13.67 -3.62 16.31
C ILE C 352 15.18 -3.55 16.47
N ALA C 353 15.85 -2.79 15.62
CA ALA C 353 17.31 -2.74 15.64
C ALA C 353 17.84 -2.16 16.95
N ARG C 354 17.12 -1.17 17.49
CA ARG C 354 17.56 -0.52 18.71
C ARG C 354 17.40 -1.44 19.89
N ARG C 355 16.36 -2.27 19.81
CA ARG C 355 16.09 -3.29 20.83
C ARG C 355 17.16 -4.38 20.84
N LYS C 356 17.83 -4.57 19.70
CA LYS C 356 18.92 -5.53 19.61
C LYS C 356 20.26 -4.87 19.96
N GLY C 357 20.20 -3.60 20.36
CA GLY C 357 21.39 -2.93 20.89
C GLY C 357 22.02 -1.92 19.96
N MET C 358 21.29 -1.51 18.93
CA MET C 358 21.85 -0.55 17.99
C MET C 358 21.83 0.86 18.53
N LYS C 359 23.00 1.48 18.55
CA LYS C 359 23.20 2.87 18.98
C LYS C 359 22.73 3.84 17.89
N THR C 360 22.07 4.94 18.27
CA THR C 360 21.65 5.95 17.29
C THR C 360 22.67 7.08 17.16
N LEU C 361 22.63 7.75 16.01
CA LEU C 361 23.49 8.89 15.78
C LEU C 361 23.55 9.82 17.00
N ARG C 362 22.38 10.23 17.52
CA ARG C 362 22.34 11.17 18.65
C ARG C 362 22.95 10.59 19.92
N GLU C 363 22.63 9.33 20.22
CA GLU C 363 23.26 8.58 21.31
C GLU C 363 24.75 8.45 21.09
N ASP C 364 25.13 8.16 19.85
CA ASP C 364 26.55 8.11 19.53
C ASP C 364 27.17 9.50 19.69
N GLY C 365 26.52 10.51 19.12
CA GLY C 365 27.00 11.88 19.20
C GLY C 365 27.08 12.37 20.63
N LEU C 366 26.11 11.96 21.44
CA LEU C 366 26.05 12.44 22.81
C LEU C 366 27.29 12.01 23.58
N TYR C 367 27.61 10.72 23.52
CA TYR C 367 28.72 10.16 24.29
C TYR C 367 30.03 10.79 23.86
N LYS C 368 30.20 10.99 22.55
CA LYS C 368 31.42 11.64 22.06
C LYS C 368 31.50 13.07 22.55
N ALA C 369 30.34 13.74 22.58
CA ALA C 369 30.19 15.08 23.15
C ALA C 369 30.46 15.05 24.65
N LEU C 370 29.98 14.02 25.33
CA LEU C 370 30.27 13.85 26.75
C LEU C 370 31.77 13.65 27.03
N GLN C 371 32.57 13.49 25.98
CA GLN C 371 34.03 13.38 26.14
C GLN C 371 34.75 14.64 25.73
N GLY C 372 34.03 15.56 25.10
CA GLY C 372 34.63 16.83 24.70
C GLY C 372 35.10 16.86 23.26
N ILE C 373 34.81 15.80 22.52
CA ILE C 373 35.08 15.81 21.09
C ILE C 373 34.31 16.96 20.44
N THR C 374 33.07 17.13 20.87
CA THR C 374 32.17 18.08 20.22
C THR C 374 31.15 18.64 21.20
N THR C 375 30.42 19.66 20.74
CA THR C 375 29.33 20.25 21.49
C THR C 375 28.04 19.49 21.25
N LEU C 376 27.13 19.59 22.22
CA LEU C 376 25.80 19.02 22.09
C LEU C 376 25.05 19.64 20.93
N GLU C 377 25.28 20.93 20.72
CA GLU C 377 24.52 21.69 19.74
C GLU C 377 24.87 21.23 18.31
N GLU C 378 26.14 20.89 18.10
CA GLU C 378 26.58 20.28 16.85
C GLU C 378 25.92 18.94 16.64
N VAL C 379 25.83 18.18 17.73
CA VAL C 379 25.21 16.87 17.71
C VAL C 379 23.72 17.04 17.47
N LEU C 380 23.11 18.03 18.13
CA LEU C 380 21.66 18.18 17.96
C LEU C 380 21.34 18.63 16.55
N ALA C 381 22.22 19.45 15.97
CA ALA C 381 21.99 19.97 14.65
C ALA C 381 21.95 18.87 13.59
N ARG C 382 22.84 17.88 13.70
CA ARG C 382 22.93 16.87 12.65
C ARG C 382 22.04 15.65 12.84
N THR C 383 21.27 15.66 13.92
CA THR C 383 20.41 14.53 14.24
C THR C 383 18.94 14.94 14.40
N ILE C 384 18.60 16.14 13.95
CA ILE C 384 17.24 16.65 14.21
C ILE C 384 16.19 16.09 13.25
N GLU C 385 15.16 15.50 13.87
CA GLU C 385 14.07 14.78 13.23
C GLU C 385 14.55 13.74 12.22
N SER D 1 -36.33 -17.16 -34.02
CA SER D 1 -37.61 -17.43 -33.39
C SER D 1 -37.91 -18.92 -33.39
N ALA D 2 -37.22 -19.69 -34.22
CA ALA D 2 -37.25 -21.12 -34.02
C ALA D 2 -36.64 -21.35 -32.64
N ALA D 3 -35.52 -20.66 -32.42
CA ALA D 3 -34.80 -20.72 -31.15
C ALA D 3 -35.65 -20.15 -30.00
N GLN D 4 -36.22 -18.96 -30.19
CA GLN D 4 -37.07 -18.36 -29.17
C GLN D 4 -38.29 -19.23 -28.81
N LYS D 5 -38.90 -19.88 -29.79
CA LYS D 5 -40.10 -20.65 -29.49
C LYS D 5 -39.74 -21.96 -28.77
N PHE D 6 -38.57 -22.51 -29.08
CA PHE D 6 -38.11 -23.67 -28.31
C PHE D 6 -37.87 -23.29 -26.84
N VAL D 7 -37.11 -22.23 -26.62
CA VAL D 7 -36.81 -21.78 -25.26
C VAL D 7 -38.10 -21.53 -24.47
N LYS D 8 -39.13 -21.03 -25.13
CA LYS D 8 -40.34 -20.68 -24.39
C LYS D 8 -41.20 -21.90 -24.15
N GLN D 9 -41.11 -22.88 -25.04
CA GLN D 9 -41.85 -24.11 -24.82
C GLN D 9 -41.24 -24.90 -23.65
N VAL D 10 -39.92 -24.95 -23.58
CA VAL D 10 -39.22 -25.66 -22.51
C VAL D 10 -39.54 -25.11 -21.11
N ILE D 11 -39.40 -23.79 -20.96
CA ILE D 11 -39.72 -23.15 -19.69
C ILE D 11 -41.19 -23.37 -19.26
N ARG D 12 -42.09 -23.28 -20.23
CA ARG D 12 -43.48 -23.62 -19.98
C ARG D 12 -43.66 -25.04 -19.42
N GLU D 13 -43.12 -26.04 -20.12
CA GLU D 13 -43.36 -27.40 -19.69
C GLU D 13 -42.57 -27.73 -18.43
N ALA D 14 -41.50 -26.99 -18.21
CA ALA D 14 -40.80 -27.09 -16.94
C ALA D 14 -41.70 -26.55 -15.81
N PHE D 15 -42.37 -25.43 -16.04
CA PHE D 15 -43.19 -24.81 -14.99
C PHE D 15 -44.36 -25.70 -14.59
N LEU D 16 -45.08 -26.19 -15.60
CA LEU D 16 -46.27 -26.99 -15.40
C LEU D 16 -45.98 -28.32 -14.70
N GLN D 17 -44.81 -28.87 -14.94
CA GLN D 17 -44.33 -30.07 -14.27
C GLN D 17 -43.75 -29.90 -12.86
N ASP D 18 -43.60 -28.65 -12.43
CA ASP D 18 -42.83 -28.30 -11.24
C ASP D 18 -41.39 -28.84 -11.29
N ALA D 19 -40.78 -28.77 -12.46
CA ALA D 19 -39.38 -29.12 -12.62
C ALA D 19 -38.46 -28.05 -12.04
N SER D 20 -37.38 -28.51 -11.40
CA SER D 20 -36.49 -27.58 -10.71
C SER D 20 -35.43 -26.95 -11.60
N ASP D 21 -34.99 -27.65 -12.63
CA ASP D 21 -33.85 -27.19 -13.43
C ASP D 21 -33.99 -27.58 -14.87
N ILE D 22 -33.38 -26.78 -15.75
CA ILE D 22 -33.37 -27.12 -17.17
C ILE D 22 -31.94 -27.10 -17.74
N HIS D 23 -31.49 -28.23 -18.27
CA HIS D 23 -30.14 -28.34 -18.82
C HIS D 23 -30.15 -28.36 -20.35
N ILE D 24 -29.40 -27.42 -20.96
CA ILE D 24 -29.13 -27.44 -22.40
C ILE D 24 -27.65 -27.81 -22.65
N GLU D 25 -27.41 -29.06 -23.08
CA GLU D 25 -26.04 -29.58 -23.14
C GLU D 25 -25.60 -29.95 -24.55
N PRO D 26 -24.59 -29.24 -25.07
CA PRO D 26 -24.02 -29.66 -26.36
C PRO D 26 -23.31 -31.00 -26.20
N ARG D 27 -23.43 -31.83 -27.22
CA ARG D 27 -22.79 -33.12 -27.27
C ARG D 27 -21.92 -33.17 -28.51
N GLN D 28 -21.48 -34.37 -28.87
CA GLN D 28 -20.65 -34.49 -30.07
C GLN D 28 -21.48 -34.27 -31.34
N ASN D 29 -22.69 -34.81 -31.37
CA ASN D 29 -23.52 -34.81 -32.59
C ASN D 29 -24.89 -34.18 -32.44
N ASP D 30 -25.23 -33.83 -31.20
CA ASP D 30 -26.49 -33.12 -30.94
C ASP D 30 -26.40 -32.20 -29.74
N VAL D 31 -27.54 -31.63 -29.40
CA VAL D 31 -27.72 -30.89 -28.16
C VAL D 31 -28.83 -31.57 -27.36
N GLN D 32 -28.51 -32.15 -26.22
CA GLN D 32 -29.53 -32.79 -25.42
C GLN D 32 -30.10 -31.76 -24.47
N VAL D 33 -31.37 -31.91 -24.19
CA VAL D 33 -32.05 -31.05 -23.24
C VAL D 33 -32.60 -31.97 -22.16
N ARG D 34 -32.45 -31.57 -20.90
CA ARG D 34 -32.93 -32.39 -19.79
C ARG D 34 -33.67 -31.57 -18.71
N LEU D 35 -34.69 -32.17 -18.10
CA LEU D 35 -35.40 -31.50 -17.01
C LEU D 35 -35.25 -32.31 -15.74
N ARG D 36 -34.92 -31.64 -14.64
CA ARG D 36 -34.90 -32.34 -13.37
C ARG D 36 -36.32 -32.39 -12.78
N ILE D 37 -36.92 -33.58 -12.83
CA ILE D 37 -38.23 -33.85 -12.21
C ILE D 37 -38.01 -34.66 -10.93
N ASP D 38 -38.56 -34.20 -9.81
CA ASP D 38 -38.51 -34.95 -8.56
C ASP D 38 -37.10 -35.46 -8.22
N GLY D 39 -36.10 -34.64 -8.51
CA GLY D 39 -34.73 -34.95 -8.13
C GLY D 39 -33.87 -35.65 -9.18
N ALA D 40 -34.45 -35.99 -10.32
CA ALA D 40 -33.73 -36.80 -11.31
C ALA D 40 -33.80 -36.11 -12.65
N LEU D 41 -32.73 -36.24 -13.44
CA LEU D 41 -32.72 -35.64 -14.76
C LEU D 41 -33.43 -36.58 -15.72
N ARG D 42 -34.23 -36.01 -16.61
CA ARG D 42 -35.00 -36.78 -17.61
C ARG D 42 -34.76 -36.19 -18.99
N PRO D 43 -34.78 -37.03 -20.03
CA PRO D 43 -34.56 -36.52 -21.39
C PRO D 43 -35.76 -35.77 -21.94
N TYR D 44 -35.61 -34.48 -22.27
CA TYR D 44 -36.75 -33.70 -22.76
C TYR D 44 -36.84 -33.76 -24.28
N SER D 45 -35.74 -33.40 -24.93
CA SER D 45 -35.74 -33.26 -26.38
C SER D 45 -34.30 -33.34 -26.85
N THR D 46 -34.10 -33.24 -28.17
CA THR D 46 -32.79 -33.24 -28.80
C THR D 46 -32.77 -32.24 -29.91
N LEU D 47 -31.80 -31.35 -29.87
CA LEU D 47 -31.64 -30.38 -30.93
C LEU D 47 -30.42 -30.75 -31.75
N PRO D 48 -30.44 -30.43 -33.06
CA PRO D 48 -29.28 -30.61 -33.94
C PRO D 48 -28.11 -29.78 -33.50
N LYS D 49 -26.90 -30.14 -33.92
CA LYS D 49 -25.69 -29.49 -33.44
C LYS D 49 -25.69 -28.00 -33.78
N GLY D 50 -26.24 -27.68 -34.95
CA GLY D 50 -26.16 -26.33 -35.48
C GLY D 50 -27.05 -25.38 -34.72
N ALA D 51 -28.06 -25.96 -34.06
CA ALA D 51 -29.05 -25.19 -33.32
C ALA D 51 -28.49 -24.59 -32.04
N LEU D 52 -27.27 -24.99 -31.66
CA LEU D 52 -26.72 -24.63 -30.34
C LEU D 52 -26.63 -23.12 -30.14
N ASN D 53 -25.88 -22.45 -31.01
CA ASN D 53 -25.61 -21.02 -30.81
C ASN D 53 -26.88 -20.19 -30.79
N ALA D 54 -27.87 -20.59 -31.59
CA ALA D 54 -29.16 -19.90 -31.63
C ALA D 54 -29.83 -19.90 -30.27
N VAL D 55 -29.97 -21.09 -29.69
CA VAL D 55 -30.59 -21.22 -28.37
C VAL D 55 -29.84 -20.47 -27.29
N ILE D 56 -28.52 -20.63 -27.26
CA ILE D 56 -27.71 -19.97 -26.23
C ILE D 56 -27.88 -18.46 -26.26
N SER D 57 -28.00 -17.87 -27.45
CA SER D 57 -28.25 -16.42 -27.54
C SER D 57 -29.58 -16.03 -26.91
N VAL D 58 -30.59 -16.87 -27.11
CA VAL D 58 -31.92 -16.54 -26.64
C VAL D 58 -31.95 -16.47 -25.12
N VAL D 59 -31.34 -17.45 -24.46
CA VAL D 59 -31.28 -17.45 -23.01
C VAL D 59 -30.29 -16.41 -22.49
N LYS D 60 -29.30 -16.03 -23.30
CA LYS D 60 -28.37 -14.99 -22.88
C LYS D 60 -29.04 -13.62 -22.91
N ILE D 61 -29.85 -13.38 -23.94
CA ILE D 61 -30.60 -12.15 -24.01
C ILE D 61 -31.54 -12.06 -22.80
N MET D 62 -32.10 -13.19 -22.41
CA MET D 62 -33.09 -13.24 -21.34
C MET D 62 -32.47 -12.85 -20.01
N GLY D 63 -31.20 -13.16 -19.82
CA GLY D 63 -30.56 -12.90 -18.55
C GLY D 63 -29.58 -11.75 -18.60
N GLY D 64 -29.50 -11.08 -19.75
CA GLY D 64 -28.56 -9.99 -19.95
C GLY D 64 -27.13 -10.44 -19.93
N LEU D 65 -26.84 -11.59 -20.54
CA LEU D 65 -25.46 -12.08 -20.63
C LEU D 65 -24.79 -11.61 -21.92
N ASN D 66 -23.47 -11.73 -22.00
CA ASN D 66 -22.79 -11.30 -23.21
C ASN D 66 -22.67 -12.42 -24.24
N ILE D 67 -23.18 -12.15 -25.44
CA ILE D 67 -23.21 -13.14 -26.51
C ILE D 67 -21.83 -13.45 -27.05
N ALA D 68 -21.02 -12.41 -27.18
CA ALA D 68 -19.64 -12.48 -27.67
C ALA D 68 -18.77 -13.34 -26.77
N GLU D 69 -18.99 -13.23 -25.47
CA GLU D 69 -18.22 -14.00 -24.48
C GLU D 69 -18.59 -15.49 -24.47
N LYS D 70 -17.63 -16.33 -24.82
CA LYS D 70 -17.88 -17.75 -24.87
C LYS D 70 -16.80 -18.52 -24.11
N ARG D 71 -15.68 -17.89 -23.80
CA ARG D 71 -14.62 -18.60 -23.10
C ARG D 71 -14.83 -18.67 -21.57
N LEU D 72 -15.81 -17.91 -21.06
CA LEU D 72 -15.99 -17.78 -19.61
C LEU D 72 -17.42 -18.10 -19.15
N PRO D 73 -17.59 -18.55 -17.89
CA PRO D 73 -18.92 -18.77 -17.35
C PRO D 73 -19.60 -17.45 -17.09
N GLN D 74 -20.92 -17.40 -17.13
CA GLN D 74 -21.68 -16.21 -16.77
C GLN D 74 -22.89 -16.67 -15.99
N ASP D 75 -23.31 -15.87 -15.03
CA ASP D 75 -24.57 -16.10 -14.32
C ASP D 75 -25.48 -14.90 -14.53
N GLY D 76 -26.79 -15.11 -14.42
CA GLY D 76 -27.73 -14.05 -14.66
C GLY D 76 -29.05 -14.33 -13.99
N ARG D 77 -30.06 -13.52 -14.23
CA ARG D 77 -31.36 -13.81 -13.69
C ARG D 77 -32.44 -13.46 -14.69
N VAL D 78 -33.43 -14.31 -14.80
CA VAL D 78 -34.50 -14.16 -15.79
C VAL D 78 -35.86 -14.04 -15.10
N ARG D 79 -36.44 -12.86 -15.14
CA ARG D 79 -37.78 -12.68 -14.62
C ARG D 79 -38.69 -12.98 -15.76
N TYR D 80 -39.25 -14.15 -15.76
CA TYR D 80 -39.93 -14.65 -16.97
C TYR D 80 -41.43 -14.67 -16.81
N ARG D 81 -42.12 -13.76 -17.48
CA ARG D 81 -43.58 -13.86 -17.54
C ARG D 81 -44.10 -13.96 -18.96
N GLU D 82 -44.64 -15.13 -19.29
CA GLU D 82 -45.41 -15.29 -20.51
C GLU D 82 -46.76 -15.88 -20.10
N GLY D 83 -47.80 -15.05 -20.17
CA GLY D 83 -49.13 -15.47 -19.83
C GLY D 83 -49.28 -15.92 -18.37
N ALA D 84 -49.70 -17.17 -18.20
CA ALA D 84 -50.04 -17.65 -16.86
C ALA D 84 -48.86 -18.26 -16.12
N ILE D 85 -47.72 -18.36 -16.81
CA ILE D 85 -46.53 -18.87 -16.17
C ILE D 85 -45.58 -17.70 -15.89
N ASP D 86 -45.44 -17.37 -14.62
CA ASP D 86 -44.36 -16.48 -14.22
C ASP D 86 -43.48 -17.28 -13.27
N VAL D 87 -42.24 -17.43 -13.70
CA VAL D 87 -41.29 -18.16 -12.91
C VAL D 87 -40.04 -17.34 -12.99
N ASP D 88 -39.32 -17.24 -11.88
CA ASP D 88 -38.00 -16.65 -11.96
C ASP D 88 -36.95 -17.72 -12.06
N LEU D 89 -36.07 -17.51 -13.02
CA LEU D 89 -35.06 -18.48 -13.38
C LEU D 89 -33.66 -17.99 -13.07
N ARG D 90 -32.87 -18.81 -12.45
CA ARG D 90 -31.47 -18.54 -12.30
C ARG D 90 -30.72 -19.10 -13.46
N LEU D 91 -29.97 -18.27 -14.16
CA LEU D 91 -29.30 -18.66 -15.38
C LEU D 91 -27.78 -18.86 -15.24
N SER D 92 -27.29 -19.94 -15.85
CA SER D 92 -25.87 -20.22 -15.82
C SER D 92 -25.42 -20.67 -17.21
N THR D 93 -24.32 -20.13 -17.68
CA THR D 93 -23.72 -20.60 -18.92
C THR D 93 -22.28 -21.04 -18.68
N LEU D 94 -21.89 -22.12 -19.35
CA LEU D 94 -20.60 -22.71 -19.06
C LEU D 94 -19.94 -23.13 -20.35
N PRO D 95 -18.70 -22.67 -20.58
CA PRO D 95 -17.91 -23.21 -21.69
C PRO D 95 -17.69 -24.71 -21.52
N THR D 96 -18.13 -25.52 -22.49
CA THR D 96 -17.93 -26.97 -22.50
C THR D 96 -17.17 -27.37 -23.75
N VAL D 97 -16.38 -28.44 -23.66
CA VAL D 97 -15.67 -29.01 -24.81
C VAL D 97 -16.48 -29.08 -26.12
N TYR D 98 -17.81 -29.13 -26.02
CA TYR D 98 -18.64 -29.17 -27.22
C TYR D 98 -19.38 -27.86 -27.48
N GLY D 99 -18.98 -26.79 -26.83
CA GLY D 99 -19.70 -25.53 -26.96
C GLY D 99 -20.27 -25.10 -25.63
N GLU D 100 -21.12 -24.07 -25.65
CA GLU D 100 -21.65 -23.52 -24.41
C GLU D 100 -22.90 -24.26 -23.88
N LYS D 101 -22.80 -24.72 -22.64
CA LYS D 101 -23.92 -25.34 -21.93
C LYS D 101 -24.67 -24.33 -21.06
N ALA D 102 -26.00 -24.38 -21.09
CA ALA D 102 -26.79 -23.47 -20.27
C ALA D 102 -27.61 -24.25 -19.23
N VAL D 103 -27.69 -23.72 -18.01
CA VAL D 103 -28.55 -24.29 -17.00
C VAL D 103 -29.44 -23.19 -16.39
N MET D 104 -30.74 -23.46 -16.34
CA MET D 104 -31.70 -22.53 -15.75
C MET D 104 -32.38 -23.19 -14.57
N ARG D 105 -32.13 -22.66 -13.37
CA ARG D 105 -32.82 -23.14 -12.17
C ARG D 105 -34.18 -22.42 -11.92
N LEU D 106 -35.28 -23.16 -11.86
CA LEU D 106 -36.56 -22.52 -11.59
C LEU D 106 -36.71 -22.21 -10.13
N LEU D 107 -36.75 -20.92 -9.79
CA LEU D 107 -36.82 -20.52 -8.38
C LEU D 107 -38.23 -20.64 -7.82
N LYS D 108 -38.31 -21.01 -6.54
CA LYS D 108 -39.54 -21.06 -5.76
C LYS D 108 -40.31 -19.77 -5.98
N LYS D 109 -41.63 -19.86 -6.12
CA LYS D 109 -42.46 -18.65 -6.26
C LYS D 109 -42.30 -17.77 -5.02
N ALA D 110 -41.91 -16.52 -5.25
CA ALA D 110 -41.37 -15.65 -4.22
C ALA D 110 -42.26 -15.43 -3.02
N SER D 111 -43.56 -15.52 -3.23
CA SER D 111 -44.55 -15.10 -2.22
C SER D 111 -44.42 -13.58 -1.94
N ASP D 112 -44.75 -13.17 -0.73
CA ASP D 112 -44.87 -11.76 -0.43
C ASP D 112 -43.81 -11.33 0.55
N ILE D 113 -43.49 -10.03 0.51
CA ILE D 113 -42.47 -9.46 1.37
C ILE D 113 -42.96 -9.47 2.81
N PRO D 114 -42.18 -10.11 3.69
CA PRO D 114 -42.59 -10.28 5.09
C PRO D 114 -42.28 -9.08 5.96
N GLU D 115 -42.81 -9.13 7.17
CA GLU D 115 -42.44 -8.20 8.21
C GLU D 115 -41.01 -8.46 8.63
N ILE D 116 -40.37 -7.45 9.21
CA ILE D 116 -39.03 -7.54 9.80
C ILE D 116 -38.90 -8.71 10.80
N GLU D 117 -40.01 -9.06 11.47
CA GLU D 117 -39.94 -10.07 12.54
C GLU D 117 -40.03 -11.51 12.02
N ASP D 118 -40.16 -11.66 10.72
CA ASP D 118 -40.25 -12.98 10.15
C ASP D 118 -39.13 -13.16 9.13
N LEU D 119 -37.95 -12.60 9.42
CA LEU D 119 -36.81 -12.71 8.52
C LEU D 119 -35.85 -13.80 9.00
N GLY D 120 -36.08 -14.25 10.22
CA GLY D 120 -35.29 -15.32 10.81
C GLY D 120 -34.05 -14.80 11.50
N PHE D 121 -34.16 -13.64 12.15
CA PHE D 121 -33.04 -13.18 12.96
C PHE D 121 -33.11 -13.85 14.34
N ALA D 122 -31.93 -14.22 14.80
CA ALA D 122 -31.69 -14.58 16.19
C ALA D 122 -32.19 -13.47 17.08
N PRO D 123 -32.87 -13.83 18.19
CA PRO D 123 -33.45 -12.84 19.11
C PRO D 123 -32.48 -11.72 19.51
N GLY D 124 -31.22 -12.05 19.75
CA GLY D 124 -30.22 -11.07 20.13
C GLY D 124 -29.80 -10.14 18.99
N VAL D 125 -29.55 -10.73 17.84
CA VAL D 125 -29.08 -10.01 16.67
C VAL D 125 -30.22 -9.18 16.11
N PHE D 126 -31.43 -9.67 16.30
CA PHE D 126 -32.59 -8.94 15.85
C PHE D 126 -32.67 -7.55 16.46
N GLU D 127 -32.42 -7.45 17.77
CA GLU D 127 -32.51 -6.17 18.46
C GLU D 127 -31.45 -5.18 17.97
N ARG D 128 -30.29 -5.69 17.62
CA ARG D 128 -29.24 -4.80 17.16
C ARG D 128 -29.59 -4.37 15.74
N PHE D 129 -30.23 -5.25 14.98
CA PHE D 129 -30.65 -4.99 13.60
C PHE D 129 -31.73 -3.92 13.57
N LYS D 130 -32.70 -4.06 14.45
CA LYS D 130 -33.80 -3.10 14.58
C LYS D 130 -33.29 -1.73 15.01
N GLU D 131 -32.13 -1.71 15.64
CA GLU D 131 -31.55 -0.46 16.08
C GLU D 131 -30.70 0.19 14.98
N VAL D 132 -30.18 -0.62 14.06
CA VAL D 132 -29.39 -0.10 12.97
C VAL D 132 -30.31 0.60 11.97
N ILE D 133 -31.43 -0.03 11.62
CA ILE D 133 -32.34 0.52 10.60
C ILE D 133 -33.27 1.61 11.11
N SER D 134 -33.30 1.83 12.42
CA SER D 134 -34.13 2.88 12.98
C SER D 134 -33.40 4.25 13.00
N LYS D 135 -32.10 4.21 12.73
CA LYS D 135 -31.27 5.41 12.75
C LYS D 135 -31.73 6.39 11.68
N PRO D 136 -31.61 7.71 11.98
CA PRO D 136 -32.10 8.81 11.15
C PRO D 136 -31.38 8.90 9.82
N TYR D 137 -30.11 8.56 9.83
CA TYR D 137 -29.34 8.65 8.59
C TYR D 137 -28.05 7.83 8.63
N GLY D 138 -27.33 7.85 7.51
CA GLY D 138 -26.18 6.99 7.33
C GLY D 138 -26.51 5.87 6.34
N ILE D 139 -25.50 5.09 5.95
CA ILE D 139 -25.69 4.02 4.97
C ILE D 139 -25.57 2.63 5.59
N PHE D 140 -26.58 1.80 5.30
CA PHE D 140 -26.62 0.43 5.78
C PHE D 140 -26.47 -0.49 4.60
N LEU D 141 -25.37 -1.23 4.61
CA LEU D 141 -25.02 -2.14 3.52
C LEU D 141 -25.51 -3.55 3.79
N ILE D 142 -26.17 -4.13 2.79
CA ILE D 142 -26.53 -5.55 2.83
C ILE D 142 -25.78 -6.33 1.75
N THR D 143 -24.98 -7.31 2.16
CA THR D 143 -24.16 -8.03 1.19
C THR D 143 -24.35 -9.52 1.25
N GLY D 144 -23.91 -10.18 0.18
CA GLY D 144 -23.93 -11.62 0.11
C GLY D 144 -23.74 -11.99 -1.34
N PRO D 145 -23.39 -13.26 -1.59
CA PRO D 145 -23.19 -13.85 -2.93
C PRO D 145 -24.49 -13.84 -3.72
N THR D 146 -24.44 -14.02 -5.04
CA THR D 146 -25.68 -14.07 -5.84
C THR D 146 -26.80 -14.95 -5.24
N GLY D 147 -27.99 -14.38 -5.08
CA GLY D 147 -29.15 -15.09 -4.58
C GLY D 147 -29.19 -15.42 -3.09
N SER D 148 -28.57 -14.57 -2.26
CA SER D 148 -28.56 -14.80 -0.81
C SER D 148 -29.64 -14.05 -0.09
N GLY D 149 -30.53 -13.42 -0.86
CA GLY D 149 -31.77 -12.89 -0.31
C GLY D 149 -31.60 -11.43 0.07
N LYS D 150 -30.78 -10.72 -0.70
CA LYS D 150 -30.44 -9.35 -0.34
C LYS D 150 -31.63 -8.43 -0.58
N SER D 151 -32.27 -8.55 -1.75
CA SER D 151 -33.36 -7.65 -2.13
C SER D 151 -34.57 -7.90 -1.24
N PHE D 152 -34.77 -9.16 -0.92
CA PHE D 152 -35.85 -9.59 -0.07
C PHE D 152 -35.75 -8.98 1.31
N THR D 153 -34.53 -8.93 1.85
CA THR D 153 -34.35 -8.38 3.19
C THR D 153 -34.50 -6.85 3.10
N THR D 154 -34.01 -6.30 1.99
CA THR D 154 -34.07 -4.87 1.76
C THR D 154 -35.50 -4.36 1.75
N PHE D 155 -36.39 -5.06 1.06
CA PHE D 155 -37.77 -4.59 1.02
C PHE D 155 -38.54 -4.83 2.30
N SER D 156 -38.22 -5.91 3.00
CA SER D 156 -38.71 -6.13 4.36
C SER D 156 -38.36 -4.94 5.28
N ILE D 157 -37.19 -4.34 5.07
CA ILE D 157 -36.77 -3.20 5.87
C ILE D 157 -37.65 -2.00 5.52
N LEU D 158 -37.74 -1.71 4.22
CA LEU D 158 -38.52 -0.58 3.72
C LEU D 158 -39.96 -0.68 4.17
N LYS D 159 -40.46 -1.91 4.21
CA LYS D 159 -41.83 -2.15 4.63
C LYS D 159 -42.05 -1.57 6.05
N ARG D 160 -40.98 -1.60 6.84
CA ARG D 160 -40.99 -1.13 8.22
C ARG D 160 -40.70 0.35 8.32
N ILE D 161 -39.60 0.81 7.73
CA ILE D 161 -39.18 2.20 7.95
C ILE D 161 -39.76 3.27 7.02
N ALA D 162 -40.37 2.86 5.91
CA ALA D 162 -40.91 3.84 4.97
C ALA D 162 -42.31 4.28 5.40
N THR D 163 -42.37 5.24 6.30
CA THR D 163 -43.62 5.74 6.85
C THR D 163 -44.13 6.94 6.04
N PRO D 164 -45.44 7.23 6.10
CA PRO D 164 -45.97 8.37 5.31
C PRO D 164 -45.37 9.76 5.62
N ASP D 165 -44.67 9.92 6.72
CA ASP D 165 -44.05 11.21 6.97
C ASP D 165 -42.70 11.35 6.22
N LYS D 166 -42.27 10.30 5.53
CA LYS D 166 -40.97 10.33 4.83
C LYS D 166 -41.09 10.11 3.34
N ASN D 167 -40.11 10.58 2.58
CA ASN D 167 -40.03 10.25 1.16
C ASN D 167 -39.07 9.11 0.89
N THR D 168 -39.59 7.95 0.53
CA THR D 168 -38.74 6.82 0.22
C THR D 168 -38.63 6.70 -1.28
N GLN D 169 -37.40 6.80 -1.76
CA GLN D 169 -37.08 6.82 -3.16
C GLN D 169 -36.10 5.69 -3.44
N THR D 170 -36.22 5.09 -4.63
CA THR D 170 -35.58 3.82 -4.90
C THR D 170 -34.98 3.83 -6.32
N ILE D 171 -33.79 3.26 -6.48
CA ILE D 171 -33.19 3.04 -7.80
C ILE D 171 -32.82 1.58 -7.95
N GLU D 172 -33.39 0.93 -8.96
CA GLU D 172 -33.32 -0.53 -9.08
C GLU D 172 -33.00 -0.99 -10.49
N ASP D 173 -32.27 -2.09 -10.56
CA ASP D 173 -31.98 -2.74 -11.84
C ASP D 173 -32.14 -4.27 -11.77
N PRO D 174 -33.35 -4.78 -12.03
CA PRO D 174 -34.56 -4.03 -12.35
C PRO D 174 -35.42 -3.82 -11.14
N VAL D 175 -36.55 -3.17 -11.36
CA VAL D 175 -37.54 -3.07 -10.30
C VAL D 175 -38.25 -4.41 -10.10
N GLU D 176 -38.09 -4.99 -8.92
CA GLU D 176 -38.92 -6.09 -8.50
C GLU D 176 -39.88 -5.51 -7.48
N TYR D 177 -41.08 -6.09 -7.41
CA TYR D 177 -42.07 -5.78 -6.39
C TYR D 177 -42.82 -4.47 -6.62
N GLU D 178 -44.08 -4.46 -6.20
CA GLU D 178 -44.95 -3.30 -6.35
C GLU D 178 -45.32 -2.88 -4.95
N ILE D 179 -44.32 -2.41 -4.22
CA ILE D 179 -44.50 -2.07 -2.82
C ILE D 179 -45.04 -0.65 -2.65
N PRO D 180 -46.18 -0.54 -1.96
CA PRO D 180 -46.89 0.72 -1.78
C PRO D 180 -46.20 1.70 -0.84
N GLY D 181 -46.54 2.98 -1.01
CA GLY D 181 -46.11 4.01 -0.08
C GLY D 181 -44.75 4.56 -0.42
N ILE D 182 -44.10 3.99 -1.43
CA ILE D 182 -42.80 4.46 -1.84
C ILE D 182 -42.73 4.76 -3.35
N ASN D 183 -41.69 5.46 -3.78
CA ASN D 183 -41.49 5.77 -5.20
C ASN D 183 -40.33 4.92 -5.80
N GLN D 184 -40.56 4.27 -6.93
CA GLN D 184 -39.53 3.38 -7.42
C GLN D 184 -39.11 3.78 -8.82
N THR D 185 -37.81 3.71 -9.10
CA THR D 185 -37.22 4.17 -10.37
C THR D 185 -36.30 3.10 -10.92
N GLN D 186 -36.54 2.70 -12.17
CA GLN D 186 -35.74 1.64 -12.74
C GLN D 186 -34.65 2.21 -13.63
N VAL D 187 -33.50 1.55 -13.62
CA VAL D 187 -32.36 1.98 -14.41
C VAL D 187 -32.73 1.89 -15.88
N ASN D 188 -32.42 2.92 -16.64
CA ASN D 188 -32.62 2.88 -18.08
C ASN D 188 -31.37 3.32 -18.86
N PRO D 189 -30.45 2.36 -19.16
CA PRO D 189 -29.20 2.67 -19.88
C PRO D 189 -29.43 3.16 -21.31
N GLN D 190 -30.48 2.66 -21.98
CA GLN D 190 -30.92 3.25 -23.25
C GLN D 190 -31.02 4.77 -23.19
N ALA D 191 -31.80 5.28 -22.23
CA ALA D 191 -32.03 6.72 -22.07
C ALA D 191 -30.83 7.50 -21.54
N GLY D 192 -29.97 6.84 -20.77
CA GLY D 192 -28.88 7.52 -20.11
C GLY D 192 -29.10 7.60 -18.61
N LEU D 193 -30.16 6.96 -18.14
CA LEU D 193 -30.53 7.01 -16.72
C LEU D 193 -29.78 5.96 -15.94
N THR D 194 -28.53 6.26 -15.62
CA THR D 194 -27.70 5.32 -14.89
C THR D 194 -28.05 5.32 -13.40
N PHE D 195 -27.33 4.51 -12.63
CA PHE D 195 -27.46 4.53 -11.18
C PHE D 195 -27.04 5.90 -10.64
N ALA D 196 -25.94 6.43 -11.17
CA ALA D 196 -25.37 7.67 -10.65
C ALA D 196 -26.15 8.88 -11.13
N ARG D 197 -26.61 8.83 -12.38
CA ARG D 197 -27.46 9.87 -12.91
C ARG D 197 -28.73 10.02 -12.04
N ALA D 198 -29.36 8.90 -11.72
CA ALA D 198 -30.55 8.89 -10.89
C ALA D 198 -30.24 9.31 -9.48
N LEU D 199 -29.17 8.75 -8.93
CA LEU D 199 -28.88 8.94 -7.53
C LEU D 199 -28.60 10.41 -7.24
N ARG D 200 -28.19 11.14 -8.27
CA ARG D 200 -27.85 12.57 -8.10
C ARG D 200 -29.12 13.41 -8.25
N ALA D 201 -30.03 12.94 -9.11
CA ALA D 201 -31.35 13.55 -9.20
C ALA D 201 -32.15 13.35 -7.90
N PHE D 202 -31.95 12.22 -7.24
CA PHE D 202 -32.64 11.94 -5.99
C PHE D 202 -32.36 12.99 -4.95
N LEU D 203 -31.21 13.66 -5.03
CA LEU D 203 -30.85 14.64 -3.99
C LEU D 203 -31.61 15.96 -4.18
N ARG D 204 -32.18 16.13 -5.35
CA ARG D 204 -33.01 17.28 -5.62
C ARG D 204 -34.50 16.92 -5.55
N GLN D 205 -34.80 15.79 -4.91
CA GLN D 205 -36.15 15.26 -4.88
C GLN D 205 -36.62 15.15 -3.42
N ASP D 206 -35.94 15.90 -2.54
CA ASP D 206 -36.27 15.98 -1.11
C ASP D 206 -36.50 14.63 -0.47
N PRO D 207 -35.45 13.79 -0.42
CA PRO D 207 -35.64 12.42 0.04
C PRO D 207 -35.44 12.29 1.54
N ASP D 208 -35.87 11.18 2.12
CA ASP D 208 -35.58 10.91 3.51
C ASP D 208 -34.86 9.58 3.56
N ILE D 209 -35.36 8.65 2.75
CA ILE D 209 -34.82 7.30 2.66
C ILE D 209 -34.45 6.99 1.21
N ILE D 210 -33.23 6.57 1.00
CA ILE D 210 -32.81 6.23 -0.35
C ILE D 210 -32.41 4.76 -0.38
N MET D 211 -33.01 4.00 -1.29
CA MET D 211 -32.59 2.62 -1.47
C MET D 211 -31.91 2.47 -2.80
N VAL D 212 -30.60 2.22 -2.76
CA VAL D 212 -29.78 2.01 -3.94
C VAL D 212 -29.64 0.51 -4.26
N GLY D 213 -30.31 0.08 -5.35
CA GLY D 213 -30.49 -1.33 -5.63
C GLY D 213 -29.18 -2.09 -5.80
N GLU D 214 -28.18 -1.40 -6.32
CA GLU D 214 -26.89 -2.02 -6.53
C GLU D 214 -25.77 -0.99 -6.68
N ILE D 215 -24.64 -1.22 -6.01
CA ILE D 215 -23.48 -0.34 -6.19
C ILE D 215 -22.38 -1.08 -6.93
N ARG D 216 -22.11 -0.66 -8.16
CA ARG D 216 -21.09 -1.30 -8.97
C ARG D 216 -20.25 -0.27 -9.71
N ASP D 217 -20.36 0.99 -9.29
CA ASP D 217 -19.57 2.10 -9.85
C ASP D 217 -18.79 2.79 -8.75
N SER D 218 -17.85 3.64 -9.12
CA SER D 218 -17.23 4.53 -8.14
C SER D 218 -18.18 5.72 -7.93
N GLU D 219 -18.71 6.28 -9.03
CA GLU D 219 -19.70 7.36 -9.02
C GLU D 219 -20.84 7.08 -8.01
N THR D 220 -21.52 5.96 -8.21
CA THR D 220 -22.60 5.51 -7.31
C THR D 220 -22.16 5.37 -5.85
N ALA D 221 -21.01 4.78 -5.61
CA ALA D 221 -20.57 4.61 -4.24
C ALA D 221 -20.33 5.96 -3.57
N LYS D 222 -19.80 6.90 -4.33
CA LYS D 222 -19.48 8.22 -3.82
C LYS D 222 -20.75 9.00 -3.51
N ILE D 223 -21.67 9.00 -4.47
CA ILE D 223 -22.94 9.68 -4.27
C ILE D 223 -23.78 9.08 -3.14
N ALA D 224 -23.80 7.76 -3.02
CA ALA D 224 -24.62 7.16 -1.96
C ALA D 224 -24.03 7.50 -0.60
N THR D 225 -22.71 7.57 -0.54
CA THR D 225 -22.01 7.88 0.71
C THR D 225 -22.23 9.33 1.13
N GLU D 226 -22.28 10.25 0.16
CA GLU D 226 -22.44 11.65 0.50
C GLU D 226 -23.91 11.88 0.87
N ALA D 227 -24.79 11.06 0.32
CA ALA D 227 -26.19 11.20 0.69
C ALA D 227 -26.35 10.78 2.14
N ALA D 228 -25.60 9.78 2.56
CA ALA D 228 -25.70 9.32 3.93
C ALA D 228 -25.09 10.37 4.86
N LEU D 229 -24.02 11.01 4.38
CA LEU D 229 -23.29 12.02 5.16
C LEU D 229 -24.13 13.27 5.47
N THR D 230 -24.83 13.77 4.45
CA THR D 230 -25.59 15.01 4.56
C THR D 230 -26.91 14.86 5.34
N GLY D 231 -27.41 13.65 5.48
CA GLY D 231 -28.50 13.42 6.43
C GLY D 231 -29.60 12.47 5.99
N HIS D 232 -29.40 11.80 4.87
CA HIS D 232 -30.37 10.86 4.35
C HIS D 232 -30.05 9.42 4.78
N LEU D 233 -31.09 8.60 4.94
CA LEU D 233 -30.86 7.19 5.25
C LEU D 233 -30.76 6.38 3.96
N VAL D 234 -29.62 5.71 3.77
CA VAL D 234 -29.39 4.91 2.57
C VAL D 234 -29.26 3.41 2.88
N ILE D 235 -30.03 2.62 2.15
CA ILE D 235 -29.93 1.15 2.17
C ILE D 235 -29.42 0.73 0.80
N ALA D 236 -28.30 0.00 0.76
CA ALA D 236 -27.75 -0.42 -0.55
C ALA D 236 -27.21 -1.84 -0.50
N THR D 237 -27.07 -2.48 -1.65
CA THR D 237 -26.44 -3.81 -1.65
C THR D 237 -25.07 -3.85 -2.35
N LEU D 238 -24.19 -4.69 -1.82
CA LEU D 238 -22.95 -5.06 -2.50
C LEU D 238 -22.94 -6.56 -2.66
N HIS D 239 -22.04 -7.02 -3.52
CA HIS D 239 -21.86 -8.44 -3.74
C HIS D 239 -20.57 -8.93 -3.14
N THR D 240 -20.55 -9.01 -1.82
CA THR D 240 -19.35 -9.37 -1.11
C THR D 240 -19.71 -10.44 -0.11
N ASN D 241 -18.81 -11.39 0.11
CA ASN D 241 -19.14 -12.50 0.99
C ASN D 241 -19.00 -12.13 2.45
N ASP D 242 -18.02 -11.30 2.77
CA ASP D 242 -17.79 -10.95 4.16
C ASP D 242 -18.39 -9.59 4.45
N ALA D 243 -18.97 -9.47 5.64
CA ALA D 243 -19.51 -8.20 6.11
C ALA D 243 -18.39 -7.16 6.22
N ALA D 244 -17.24 -7.56 6.75
CA ALA D 244 -16.10 -6.66 6.85
C ALA D 244 -15.53 -6.31 5.47
N GLN D 245 -15.55 -7.24 4.51
CA GLN D 245 -14.97 -6.93 3.21
C GLN D 245 -15.72 -5.88 2.43
N ALA D 246 -16.94 -5.63 2.87
CA ALA D 246 -17.78 -4.60 2.29
C ALA D 246 -17.18 -3.20 2.49
N ILE D 247 -16.64 -2.96 3.68
CA ILE D 247 -15.89 -1.74 3.95
C ILE D 247 -14.71 -1.59 2.99
N THR D 248 -13.88 -2.63 2.89
CA THR D 248 -12.72 -2.64 1.98
C THR D 248 -13.16 -2.47 0.54
N ARG D 249 -14.29 -3.10 0.20
CA ARG D 249 -14.85 -2.99 -1.13
C ARG D 249 -15.10 -1.52 -1.51
N LEU D 250 -15.52 -0.72 -0.54
CA LEU D 250 -15.88 0.68 -0.78
C LEU D 250 -14.64 1.54 -0.97
N ASP D 251 -13.58 1.21 -0.22
CA ASP D 251 -12.31 1.87 -0.35
C ASP D 251 -11.80 1.68 -1.79
N GLU D 252 -11.96 0.46 -2.30
CA GLU D 252 -11.54 0.15 -3.65
C GLU D 252 -12.36 0.84 -4.73
N MET D 253 -13.63 1.11 -4.45
CA MET D 253 -14.44 1.87 -5.40
C MET D 253 -14.29 3.40 -5.26
N GLY D 254 -13.29 3.84 -4.49
CA GLY D 254 -12.88 5.24 -4.51
C GLY D 254 -13.47 6.15 -3.44
N VAL D 255 -14.16 5.57 -2.48
CA VAL D 255 -14.69 6.34 -1.40
C VAL D 255 -13.61 6.59 -0.36
N GLU D 256 -13.44 7.85 0.02
CA GLU D 256 -12.52 8.26 1.10
C GLU D 256 -12.81 7.53 2.40
N PRO D 257 -11.79 6.93 2.99
CA PRO D 257 -12.04 6.17 4.23
C PRO D 257 -12.69 7.04 5.30
N PHE D 258 -12.47 8.36 5.30
CA PHE D 258 -13.00 9.14 6.39
C PHE D 258 -14.49 9.38 6.15
N ASN D 259 -14.89 9.31 4.88
CA ASN D 259 -16.30 9.35 4.51
C ASN D 259 -17.01 8.01 4.75
N ILE D 260 -16.30 6.91 4.53
CA ILE D 260 -16.81 5.57 4.86
C ILE D 260 -17.05 5.45 6.36
N SER D 261 -16.16 6.06 7.12
CA SER D 261 -16.17 5.94 8.56
C SER D 261 -17.28 6.78 9.15
N ALA D 262 -17.60 7.88 8.46
CA ALA D 262 -18.55 8.85 9.00
C ALA D 262 -19.99 8.48 8.68
N ALA D 263 -20.20 7.74 7.58
CA ALA D 263 -21.53 7.45 7.07
C ALA D 263 -22.01 6.04 7.41
N LEU D 264 -21.09 5.07 7.46
CA LEU D 264 -21.52 3.67 7.57
C LEU D 264 -22.14 3.33 8.93
N ILE D 265 -23.38 2.85 8.90
CA ILE D 265 -24.09 2.49 10.12
C ILE D 265 -23.78 1.07 10.54
N GLY D 266 -23.65 0.22 9.52
CA GLY D 266 -23.40 -1.19 9.72
C GLY D 266 -23.47 -1.95 8.40
N VAL D 267 -23.11 -3.22 8.45
CA VAL D 267 -23.17 -4.06 7.25
C VAL D 267 -23.80 -5.41 7.59
N LEU D 268 -24.77 -5.81 6.78
CA LEU D 268 -25.39 -7.11 6.97
C LEU D 268 -24.93 -8.09 5.89
N SER D 269 -24.37 -9.20 6.32
CA SER D 269 -24.07 -10.28 5.41
C SER D 269 -24.99 -11.45 5.69
N GLN D 270 -25.62 -11.99 4.66
CA GLN D 270 -26.48 -13.14 4.89
C GLN D 270 -26.29 -14.30 3.91
N ARG D 271 -26.77 -15.47 4.30
CA ARG D 271 -26.79 -16.66 3.45
C ARG D 271 -28.15 -17.33 3.49
N LEU D 272 -28.44 -18.14 2.48
CA LEU D 272 -29.58 -19.02 2.55
C LEU D 272 -29.19 -20.52 2.66
N VAL D 273 -29.63 -21.15 3.74
CA VAL D 273 -29.52 -22.59 3.92
C VAL D 273 -30.88 -23.26 3.75
N ARG D 274 -30.88 -24.46 3.19
CA ARG D 274 -32.10 -25.22 3.00
C ARG D 274 -32.69 -25.60 4.36
N ARG D 275 -34.02 -25.64 4.48
CA ARG D 275 -34.67 -26.11 5.72
C ARG D 275 -34.93 -27.61 5.68
N VAL D 276 -34.60 -28.31 6.76
CA VAL D 276 -34.90 -29.74 6.76
C VAL D 276 -36.40 -29.91 6.87
N CYS D 277 -36.89 -30.94 6.21
CA CYS D 277 -38.30 -31.30 6.22
C CYS D 277 -38.76 -31.68 7.63
N GLU D 278 -39.87 -31.09 8.07
CA GLU D 278 -40.32 -31.28 9.45
C GLU D 278 -40.89 -32.68 9.65
N HIS D 279 -41.23 -33.36 8.55
CA HIS D 279 -41.89 -34.65 8.60
C HIS D 279 -40.91 -35.82 8.72
N CYS D 280 -39.97 -35.93 7.80
CA CYS D 280 -38.92 -36.97 7.83
C CYS D 280 -37.68 -36.55 8.64
N LYS D 281 -37.86 -35.60 9.54
CA LYS D 281 -36.77 -35.13 10.40
C LYS D 281 -36.37 -36.25 11.34
N VAL D 282 -35.08 -36.35 11.65
CA VAL D 282 -34.60 -37.25 12.70
C VAL D 282 -33.58 -36.56 13.62
N GLU D 283 -33.35 -37.13 14.81
CA GLU D 283 -32.34 -36.58 15.72
C GLU D 283 -30.99 -37.18 15.32
N VAL D 284 -29.94 -36.40 15.43
CA VAL D 284 -28.60 -36.92 15.11
C VAL D 284 -27.76 -36.56 16.29
N LYS D 285 -26.77 -37.36 16.68
CA LYS D 285 -25.89 -36.93 17.78
C LYS D 285 -24.54 -36.54 17.21
N PRO D 286 -24.17 -35.26 17.40
CA PRO D 286 -22.94 -34.63 16.94
C PRO D 286 -21.76 -35.07 17.76
N ASP D 287 -20.63 -35.17 17.07
CA ASP D 287 -19.37 -35.39 17.72
C ASP D 287 -19.07 -34.13 18.56
N PRO D 288 -19.03 -34.29 19.90
CA PRO D 288 -18.66 -33.18 20.79
C PRO D 288 -17.44 -32.41 20.28
N GLU D 289 -16.50 -33.13 19.68
CA GLU D 289 -15.26 -32.52 19.23
C GLU D 289 -15.50 -31.55 18.09
N THR D 290 -16.41 -31.91 17.19
CA THR D 290 -16.87 -31.03 16.12
C THR D 290 -17.43 -29.74 16.72
N LEU D 291 -18.41 -29.88 17.62
CA LEU D 291 -19.04 -28.71 18.27
C LEU D 291 -18.02 -27.81 18.94
N ARG D 292 -17.13 -28.43 19.71
CA ARG D 292 -15.97 -27.76 20.28
C ARG D 292 -15.20 -26.93 19.23
N ARG D 293 -14.86 -27.54 18.10
CA ARG D 293 -14.06 -26.82 17.10
C ARG D 293 -14.85 -25.66 16.50
N LEU D 294 -16.18 -25.77 16.55
CA LEU D 294 -17.03 -24.74 15.96
C LEU D 294 -17.24 -23.55 16.90
N GLY D 295 -16.45 -23.50 17.98
CA GLY D 295 -16.50 -22.43 18.97
C GLY D 295 -17.70 -22.50 19.90
N LEU D 296 -18.49 -23.58 19.79
CA LEU D 296 -19.65 -23.72 20.68
C LEU D 296 -19.12 -23.95 22.07
N SER D 297 -19.65 -23.20 23.02
CA SER D 297 -19.24 -23.31 24.42
C SER D 297 -19.40 -24.73 24.99
N GLU D 298 -18.34 -25.24 25.62
CA GLU D 298 -18.50 -26.34 26.56
C GLU D 298 -19.45 -25.79 27.61
N ALA D 299 -20.30 -26.65 28.15
CA ALA D 299 -21.44 -26.29 29.02
C ALA D 299 -22.69 -26.08 28.18
N GLU D 300 -22.52 -26.01 26.86
CA GLU D 300 -23.67 -26.04 25.97
C GLU D 300 -23.67 -27.33 25.15
N ILE D 301 -22.55 -28.03 25.22
CA ILE D 301 -22.26 -29.15 24.36
C ILE D 301 -23.06 -30.44 24.69
N GLN D 302 -23.75 -30.49 25.82
CA GLN D 302 -24.51 -31.68 26.21
C GLN D 302 -25.94 -31.74 25.64
N GLY D 303 -26.56 -30.59 25.45
CA GLY D 303 -27.90 -30.52 24.87
C GLY D 303 -27.84 -31.15 23.50
N ALA D 304 -26.88 -30.64 22.73
CA ALA D 304 -26.22 -31.36 21.65
C ALA D 304 -27.10 -32.07 20.65
N ARG D 305 -28.13 -31.43 20.12
CA ARG D 305 -28.84 -32.17 19.09
C ARG D 305 -28.75 -31.48 17.73
N LEU D 306 -28.41 -32.28 16.73
CA LEU D 306 -28.42 -31.86 15.33
C LEU D 306 -29.47 -32.70 14.59
N TYR D 307 -29.98 -32.20 13.48
CA TYR D 307 -31.09 -32.85 12.83
C TYR D 307 -30.87 -33.02 11.33
N LYS D 308 -31.60 -33.95 10.73
CA LYS D 308 -31.40 -34.22 9.32
C LYS D 308 -32.66 -34.88 8.77
N GLY D 309 -32.96 -34.62 7.51
CA GLY D 309 -34.10 -35.25 6.85
C GLY D 309 -33.68 -36.49 6.07
N MET D 310 -34.32 -37.62 6.36
CA MET D 310 -34.05 -38.84 5.61
C MET D 310 -34.71 -38.81 4.24
N GLY D 311 -35.87 -38.17 4.17
CA GLY D 311 -36.56 -38.01 2.91
C GLY D 311 -37.91 -38.71 2.86
N CYS D 312 -38.88 -38.00 2.32
CA CYS D 312 -40.08 -38.57 1.74
C CYS D 312 -40.20 -37.82 0.42
N GLU D 313 -41.39 -37.77 -0.18
CA GLU D 313 -41.57 -36.94 -1.39
C GLU D 313 -42.52 -35.76 -1.07
N ARG D 314 -42.76 -35.52 0.21
CA ARG D 314 -43.18 -34.19 0.58
C ARG D 314 -41.98 -33.27 0.37
N CYS D 315 -40.78 -33.87 0.50
CA CYS D 315 -39.50 -33.23 0.17
C CYS D 315 -39.13 -33.37 -1.30
N GLY D 316 -39.67 -34.40 -1.94
CA GLY D 316 -39.16 -34.82 -3.24
C GLY D 316 -37.98 -35.75 -2.98
N GLY D 317 -36.83 -35.44 -3.55
CA GLY D 317 -35.60 -35.98 -2.99
C GLY D 317 -35.29 -35.20 -1.71
N THR D 318 -34.01 -35.10 -1.38
CA THR D 318 -33.56 -34.27 -0.27
C THR D 318 -34.20 -34.71 1.04
N GLY D 319 -33.93 -33.93 2.07
CA GLY D 319 -34.69 -33.98 3.30
C GLY D 319 -35.03 -32.52 3.56
N TYR D 320 -35.08 -31.75 2.48
CA TYR D 320 -35.20 -30.31 2.60
C TYR D 320 -36.41 -29.75 1.85
N LYS D 321 -37.16 -28.90 2.56
CA LYS D 321 -38.24 -28.11 2.00
C LYS D 321 -38.08 -26.69 2.51
N GLY D 322 -38.00 -25.75 1.60
CA GLY D 322 -37.88 -24.35 1.96
C GLY D 322 -36.46 -23.94 2.30
N ARG D 323 -36.28 -22.62 2.45
CA ARG D 323 -34.97 -22.10 2.79
C ARG D 323 -35.12 -21.20 4.01
N TYR D 324 -34.02 -20.99 4.73
CA TYR D 324 -33.99 -20.09 5.88
C TYR D 324 -32.74 -19.24 5.74
N ALA D 325 -32.65 -18.16 6.50
CA ALA D 325 -31.52 -17.28 6.32
C ALA D 325 -30.56 -17.34 7.51
N ILE D 326 -29.29 -17.08 7.20
CA ILE D 326 -28.18 -17.05 8.14
C ILE D 326 -27.62 -15.62 8.14
N HIS D 327 -27.28 -15.05 9.30
CA HIS D 327 -26.85 -13.64 9.34
C HIS D 327 -25.60 -13.41 10.17
N GLU D 328 -24.75 -12.48 9.73
CA GLU D 328 -23.84 -11.79 10.65
C GLU D 328 -23.94 -10.26 10.45
N LEU D 329 -24.15 -9.55 11.54
CA LEU D 329 -24.45 -8.14 11.47
C LEU D 329 -23.35 -7.32 12.06
N LEU D 330 -22.61 -6.63 11.20
CA LEU D 330 -21.51 -5.78 11.62
C LEU D 330 -22.08 -4.42 12.00
N VAL D 331 -22.36 -4.22 13.28
CA VAL D 331 -22.75 -2.89 13.77
C VAL D 331 -21.53 -1.99 14.07
N VAL D 332 -21.37 -0.94 13.27
CA VAL D 332 -20.30 0.04 13.46
C VAL D 332 -20.45 0.82 14.78
N ASP D 333 -19.37 0.86 15.56
CA ASP D 333 -19.31 1.62 16.81
C ASP D 333 -18.10 2.54 16.80
N ASP D 334 -17.77 3.06 17.97
CA ASP D 334 -16.72 4.04 18.06
C ASP D 334 -15.35 3.42 17.78
N GLU D 335 -15.24 2.12 17.98
CA GLU D 335 -13.93 1.50 17.82
C GLU D 335 -13.70 0.99 16.40
N ILE D 336 -14.78 0.67 15.70
CA ILE D 336 -14.69 0.10 14.36
C ILE D 336 -14.31 1.17 13.35
N ARG D 337 -14.95 2.33 13.46
CA ARG D 337 -14.61 3.41 12.54
C ARG D 337 -13.26 3.95 12.96
N HIS D 338 -12.95 3.73 14.24
CA HIS D 338 -11.62 3.98 14.77
C HIS D 338 -10.60 3.02 14.18
N ALA D 339 -11.08 1.99 13.48
CA ALA D 339 -10.18 1.07 12.76
C ALA D 339 -10.20 1.32 11.23
N ILE D 340 -11.26 1.94 10.72
CA ILE D 340 -11.38 2.22 9.28
C ILE D 340 -10.56 3.43 8.86
N VAL D 341 -10.57 4.47 9.68
CA VAL D 341 -9.74 5.66 9.45
C VAL D 341 -8.26 5.25 9.44
N ALA D 342 -7.84 4.51 10.47
CA ALA D 342 -6.53 3.86 10.44
C ALA D 342 -6.50 2.83 9.31
N GLY D 343 -5.31 2.45 8.89
CA GLY D 343 -5.20 1.31 8.00
C GLY D 343 -5.97 0.13 8.58
N LYS D 344 -6.84 -0.43 7.79
CA LYS D 344 -7.61 -1.54 8.28
C LYS D 344 -7.32 -2.77 7.47
N SER D 345 -7.65 -3.91 8.04
CA SER D 345 -7.87 -5.08 7.22
C SER D 345 -9.29 -5.48 7.51
N ALA D 346 -9.95 -6.11 6.53
CA ALA D 346 -11.27 -6.69 6.78
C ALA D 346 -11.16 -7.64 7.97
N THR D 347 -10.01 -8.29 8.09
CA THR D 347 -9.79 -9.30 9.11
C THR D 347 -9.82 -8.69 10.51
N GLU D 348 -9.06 -7.60 10.66
CA GLU D 348 -8.90 -6.95 11.95
C GLU D 348 -10.24 -6.44 12.47
N ILE D 349 -10.97 -5.77 11.57
CA ILE D 349 -12.33 -5.28 11.86
C ILE D 349 -13.24 -6.39 12.32
N LYS D 350 -13.20 -7.52 11.62
CA LYS D 350 -14.07 -8.66 11.93
C LYS D 350 -13.93 -9.09 13.39
N GLU D 351 -12.69 -9.27 13.87
CA GLU D 351 -12.49 -9.68 15.26
C GLU D 351 -12.62 -8.50 16.23
N ILE D 352 -12.32 -7.30 15.75
CA ILE D 352 -12.66 -6.10 16.53
C ILE D 352 -14.17 -6.03 16.77
N ALA D 353 -14.97 -6.56 15.85
CA ALA D 353 -16.44 -6.60 15.99
C ALA D 353 -16.93 -7.82 16.75
N ARG D 354 -16.30 -8.98 16.52
CA ARG D 354 -16.66 -10.24 17.21
C ARG D 354 -16.53 -10.10 18.73
N ARG D 355 -15.40 -9.59 19.16
CA ARG D 355 -15.29 -8.91 20.47
C ARG D 355 -16.09 -7.63 20.33
N LYS D 356 -16.97 -7.32 21.30
CA LYS D 356 -18.04 -6.31 21.24
C LYS D 356 -19.33 -7.06 21.00
N GLY D 357 -19.17 -8.31 20.57
CA GLY D 357 -20.27 -9.27 20.59
C GLY D 357 -20.85 -9.71 19.26
N MET D 358 -20.16 -9.42 18.15
CA MET D 358 -20.74 -9.77 16.86
C MET D 358 -20.72 -11.27 16.63
N LYS D 359 -21.90 -11.82 16.41
CA LYS D 359 -22.07 -13.23 16.11
C LYS D 359 -21.83 -13.49 14.62
N THR D 360 -21.08 -14.53 14.29
CA THR D 360 -20.71 -14.83 12.89
C THR D 360 -21.70 -15.77 12.20
N LEU D 361 -21.67 -15.80 10.86
CA LEU D 361 -22.60 -16.62 10.09
C LEU D 361 -22.62 -18.05 10.58
N ARG D 362 -21.43 -18.66 10.71
CA ARG D 362 -21.33 -20.02 11.22
C ARG D 362 -21.91 -20.18 12.63
N GLU D 363 -21.67 -19.20 13.50
CA GLU D 363 -22.24 -19.25 14.85
C GLU D 363 -23.74 -19.11 14.76
N ASP D 364 -24.18 -18.19 13.89
CA ASP D 364 -25.60 -18.01 13.70
C ASP D 364 -26.18 -19.27 13.06
N GLY D 365 -25.50 -19.78 12.02
CA GLY D 365 -25.93 -21.00 11.36
C GLY D 365 -25.98 -22.21 12.28
N LEU D 366 -24.93 -22.36 13.08
CA LEU D 366 -24.83 -23.47 14.01
C LEU D 366 -26.02 -23.48 14.96
N TYR D 367 -26.29 -22.31 15.53
CA TYR D 367 -27.34 -22.22 16.54
C TYR D 367 -28.72 -22.51 15.97
N LYS D 368 -28.97 -22.11 14.72
CA LYS D 368 -30.24 -22.43 14.06
C LYS D 368 -30.28 -23.91 13.69
N ALA D 369 -29.12 -24.48 13.36
CA ALA D 369 -29.00 -25.91 13.10
C ALA D 369 -29.27 -26.70 14.37
N LEU D 370 -28.84 -26.17 15.52
CA LEU D 370 -29.13 -26.82 16.79
C LEU D 370 -30.63 -26.85 17.09
N GLN D 371 -31.42 -26.09 16.31
CA GLN D 371 -32.88 -26.01 16.49
C GLN D 371 -33.62 -26.92 15.56
N GLY D 372 -32.89 -27.50 14.60
CA GLY D 372 -33.49 -28.41 13.63
C GLY D 372 -34.05 -27.68 12.43
N ILE D 373 -33.67 -26.43 12.25
CA ILE D 373 -34.07 -25.69 11.07
C ILE D 373 -33.32 -26.19 9.84
N THR D 374 -32.00 -26.30 10.00
CA THR D 374 -31.11 -26.72 8.95
C THR D 374 -30.10 -27.75 9.50
N THR D 375 -29.47 -28.48 8.57
CA THR D 375 -28.40 -29.39 8.92
C THR D 375 -27.13 -28.61 9.19
N LEU D 376 -26.15 -29.26 9.81
CA LEU D 376 -24.86 -28.61 10.01
C LEU D 376 -24.06 -28.54 8.71
N GLU D 377 -24.33 -29.47 7.80
CA GLU D 377 -23.69 -29.51 6.48
C GLU D 377 -24.00 -28.25 5.67
N GLU D 378 -25.28 -27.91 5.57
CA GLU D 378 -25.72 -26.74 4.84
C GLU D 378 -25.09 -25.49 5.46
N VAL D 379 -25.02 -25.47 6.78
CA VAL D 379 -24.34 -24.38 7.45
C VAL D 379 -22.86 -24.33 7.08
N LEU D 380 -22.17 -25.47 7.06
CA LEU D 380 -20.73 -25.47 6.73
C LEU D 380 -20.51 -25.08 5.28
N ALA D 381 -21.37 -25.59 4.42
CA ALA D 381 -21.27 -25.32 3.01
C ALA D 381 -21.31 -23.84 2.73
N ARG D 382 -22.18 -23.10 3.43
CA ARG D 382 -22.31 -21.67 3.19
C ARG D 382 -21.29 -20.75 3.89
N THR D 383 -20.55 -21.28 4.85
CA THR D 383 -19.65 -20.43 5.61
C THR D 383 -18.18 -20.79 5.39
N ILE D 384 -17.91 -21.72 4.48
CA ILE D 384 -16.52 -22.13 4.21
C ILE D 384 -15.81 -21.09 3.32
N GLU D 385 -14.85 -20.41 3.92
CA GLU D 385 -14.10 -19.36 3.23
C GLU D 385 -12.61 -19.39 3.56
N SER E 1 -11.06 58.61 -19.88
CA SER E 1 -12.40 58.06 -19.64
C SER E 1 -13.00 58.61 -18.34
N ALA E 2 -14.07 57.97 -17.87
CA ALA E 2 -14.71 58.29 -16.58
C ALA E 2 -14.40 57.22 -15.54
N ALA E 3 -14.34 55.97 -15.99
CA ALA E 3 -13.85 54.88 -15.17
C ALA E 3 -12.35 55.06 -14.91
N GLN E 4 -11.61 55.43 -15.95
CA GLN E 4 -10.18 55.70 -15.76
C GLN E 4 -10.01 56.85 -14.78
N LYS E 5 -10.97 57.77 -14.79
CA LYS E 5 -10.89 58.96 -13.97
C LYS E 5 -11.19 58.65 -12.51
N PHE E 6 -11.96 57.60 -12.29
CA PHE E 6 -12.30 57.18 -10.94
C PHE E 6 -11.17 56.38 -10.27
N VAL E 7 -10.59 55.44 -10.99
CA VAL E 7 -9.49 54.62 -10.50
C VAL E 7 -8.28 55.49 -10.12
N LYS E 8 -8.06 56.56 -10.87
CA LYS E 8 -6.93 57.45 -10.59
C LYS E 8 -7.15 58.18 -9.27
N GLN E 9 -8.38 58.61 -9.04
CA GLN E 9 -8.71 59.42 -7.88
C GLN E 9 -8.81 58.59 -6.60
N VAL E 10 -9.30 57.35 -6.72
CA VAL E 10 -9.43 56.47 -5.55
C VAL E 10 -8.05 55.99 -5.12
N ILE E 11 -7.14 55.75 -6.08
CA ILE E 11 -5.80 55.34 -5.72
C ILE E 11 -5.07 56.52 -5.11
N ARG E 12 -5.16 57.67 -5.74
CA ARG E 12 -4.61 58.89 -5.18
C ARG E 12 -5.11 59.17 -3.74
N GLU E 13 -6.42 59.12 -3.53
CA GLU E 13 -6.99 59.34 -2.21
C GLU E 13 -6.55 58.31 -1.17
N ALA E 14 -6.30 57.09 -1.63
CA ALA E 14 -5.81 56.05 -0.75
C ALA E 14 -4.37 56.33 -0.32
N PHE E 15 -3.51 56.66 -1.28
CA PHE E 15 -2.13 57.02 -1.00
C PHE E 15 -2.04 58.25 -0.10
N LEU E 16 -2.93 59.20 -0.28
CA LEU E 16 -2.92 60.42 0.53
C LEU E 16 -3.35 60.14 1.98
N GLN E 17 -4.25 59.19 2.16
CA GLN E 17 -4.78 58.87 3.49
C GLN E 17 -4.14 57.64 4.14
N ASP E 18 -3.12 57.09 3.48
CA ASP E 18 -2.41 55.88 3.90
C ASP E 18 -3.37 54.69 4.08
N ALA E 19 -4.31 54.55 3.16
CA ALA E 19 -5.15 53.39 3.14
C ALA E 19 -4.36 52.16 2.64
N SER E 20 -4.59 51.07 3.34
CA SER E 20 -3.99 49.78 3.10
C SER E 20 -4.57 49.10 1.84
N ASP E 21 -5.91 49.13 1.70
CA ASP E 21 -6.61 48.47 0.60
C ASP E 21 -7.78 49.27 0.00
N ILE E 22 -8.11 48.97 -1.25
CA ILE E 22 -9.29 49.54 -1.90
C ILE E 22 -10.25 48.43 -2.36
N HIS E 23 -11.49 48.50 -1.90
CA HIS E 23 -12.49 47.49 -2.26
C HIS E 23 -13.51 48.10 -3.20
N ILE E 24 -13.60 47.52 -4.39
CA ILE E 24 -14.59 47.92 -5.38
C ILE E 24 -15.59 46.77 -5.50
N GLU E 25 -16.76 46.97 -4.91
CA GLU E 25 -17.74 45.91 -4.67
C GLU E 25 -19.09 46.13 -5.32
N PRO E 26 -19.46 45.24 -6.27
CA PRO E 26 -20.83 45.29 -6.81
C PRO E 26 -21.86 44.77 -5.81
N ARG E 27 -23.01 45.40 -5.81
CA ARG E 27 -24.11 45.02 -4.94
C ARG E 27 -25.39 44.91 -5.75
N GLN E 28 -26.48 44.57 -5.08
CA GLN E 28 -27.77 44.47 -5.74
C GLN E 28 -28.08 45.65 -6.65
N ASN E 29 -27.91 46.89 -6.14
CA ASN E 29 -28.36 48.07 -6.88
C ASN E 29 -27.26 49.05 -7.24
N ASP E 30 -26.15 48.97 -6.53
CA ASP E 30 -25.03 49.87 -6.84
C ASP E 30 -23.71 49.18 -6.74
N VAL E 31 -22.65 49.99 -6.75
CA VAL E 31 -21.28 49.55 -6.57
C VAL E 31 -20.73 50.32 -5.40
N GLN E 32 -20.30 49.62 -4.34
CA GLN E 32 -19.80 50.35 -3.19
C GLN E 32 -18.28 50.31 -3.17
N VAL E 33 -17.66 51.42 -2.79
CA VAL E 33 -16.22 51.43 -2.70
C VAL E 33 -15.85 51.71 -1.24
N ARG E 34 -14.85 50.99 -0.75
CA ARG E 34 -14.45 51.13 0.65
C ARG E 34 -12.95 51.20 0.71
N LEU E 35 -12.44 51.91 1.70
CA LEU E 35 -11.01 52.03 1.96
C LEU E 35 -10.68 51.43 3.32
N ARG E 36 -9.62 50.64 3.39
CA ARG E 36 -9.18 50.16 4.69
C ARG E 36 -8.13 51.11 5.23
N ILE E 37 -8.42 51.71 6.38
CA ILE E 37 -7.50 52.63 7.03
C ILE E 37 -7.39 52.27 8.51
N ASP E 38 -6.15 52.11 8.96
CA ASP E 38 -5.86 51.70 10.32
C ASP E 38 -6.48 50.34 10.66
N GLY E 39 -6.53 49.45 9.65
CA GLY E 39 -7.11 48.12 9.79
C GLY E 39 -8.61 48.04 9.59
N ALA E 40 -9.29 49.19 9.62
CA ALA E 40 -10.75 49.22 9.53
C ALA E 40 -11.25 49.81 8.21
N LEU E 41 -12.34 49.28 7.66
CA LEU E 41 -12.89 49.81 6.40
C LEU E 41 -13.72 51.06 6.58
N ARG E 42 -13.58 52.00 5.64
CA ARG E 42 -14.41 53.23 5.57
C ARG E 42 -15.16 53.32 4.26
N PRO E 43 -16.26 54.06 4.25
CA PRO E 43 -16.94 54.24 2.98
C PRO E 43 -16.22 55.27 2.16
N TYR E 44 -16.11 55.04 0.87
CA TYR E 44 -15.57 56.01 -0.07
C TYR E 44 -16.43 55.80 -1.27
N SER E 45 -17.21 56.79 -1.68
CA SER E 45 -18.01 56.70 -2.91
C SER E 45 -19.07 55.56 -2.97
N THR E 46 -19.90 55.65 -3.99
CA THR E 46 -20.87 54.61 -4.33
C THR E 46 -21.14 54.83 -5.80
N LEU E 47 -21.02 53.79 -6.59
CA LEU E 47 -21.18 53.94 -8.03
C LEU E 47 -22.45 53.27 -8.55
N PRO E 48 -23.03 53.84 -9.62
CA PRO E 48 -24.11 53.22 -10.40
C PRO E 48 -23.72 51.86 -10.95
N LYS E 49 -24.62 50.87 -10.85
CA LYS E 49 -24.29 49.48 -11.19
C LYS E 49 -23.66 49.28 -12.58
N GLY E 50 -23.97 50.18 -13.51
CA GLY E 50 -23.39 50.10 -14.85
C GLY E 50 -21.94 50.50 -14.91
N ALA E 51 -21.51 51.31 -13.93
CA ALA E 51 -20.12 51.74 -13.84
C ALA E 51 -19.15 50.55 -13.63
N LEU E 52 -19.68 49.45 -13.11
CA LEU E 52 -18.87 48.33 -12.66
C LEU E 52 -17.95 47.78 -13.71
N ASN E 53 -18.51 47.47 -14.87
CA ASN E 53 -17.76 46.80 -15.93
C ASN E 53 -16.56 47.63 -16.39
N ALA E 54 -16.79 48.92 -16.66
CA ALA E 54 -15.76 49.81 -17.17
C ALA E 54 -14.63 49.95 -16.16
N VAL E 55 -15.00 50.03 -14.88
CA VAL E 55 -14.02 50.16 -13.82
C VAL E 55 -13.17 48.90 -13.74
N ILE E 56 -13.83 47.74 -13.70
CA ILE E 56 -13.14 46.43 -13.66
C ILE E 56 -12.18 46.32 -14.84
N SER E 57 -12.59 46.88 -15.96
CA SER E 57 -11.76 46.94 -17.14
C SER E 57 -10.49 47.74 -16.90
N VAL E 58 -10.63 48.97 -16.41
CA VAL E 58 -9.46 49.80 -16.11
C VAL E 58 -8.47 49.09 -15.20
N VAL E 59 -8.99 48.51 -14.10
CA VAL E 59 -8.18 47.77 -13.13
C VAL E 59 -7.49 46.57 -13.78
N LYS E 60 -8.27 45.73 -14.46
CA LYS E 60 -7.72 44.55 -15.12
C LYS E 60 -6.68 44.93 -16.16
N ILE E 61 -6.86 46.07 -16.81
CA ILE E 61 -5.88 46.47 -17.81
C ILE E 61 -4.52 46.76 -17.13
N MET E 62 -4.56 47.50 -16.02
CA MET E 62 -3.34 47.86 -15.27
C MET E 62 -2.48 46.69 -14.87
N GLY E 63 -3.10 45.57 -14.54
CA GLY E 63 -2.40 44.40 -14.05
C GLY E 63 -2.21 43.27 -15.04
N GLY E 64 -2.63 43.48 -16.28
CA GLY E 64 -2.47 42.48 -17.33
C GLY E 64 -3.43 41.33 -17.12
N LEU E 65 -4.61 41.69 -16.63
CA LEU E 65 -5.65 40.72 -16.34
C LEU E 65 -6.62 40.61 -17.52
N ASN E 66 -7.10 39.41 -17.78
CA ASN E 66 -7.95 39.15 -18.93
C ASN E 66 -9.34 39.70 -18.72
N ILE E 67 -9.76 40.65 -19.56
CA ILE E 67 -11.13 41.18 -19.50
C ILE E 67 -12.17 40.10 -19.83
N ALA E 68 -11.80 39.16 -20.70
CA ALA E 68 -12.71 38.11 -21.14
C ALA E 68 -13.15 37.21 -19.99
N GLU E 69 -12.21 36.84 -19.13
CA GLU E 69 -12.54 36.00 -17.99
C GLU E 69 -13.26 36.79 -16.90
N LYS E 70 -14.48 36.34 -16.55
CA LYS E 70 -15.23 36.91 -15.44
C LYS E 70 -15.78 35.78 -14.55
N ARG E 71 -15.34 34.55 -14.81
CA ARG E 71 -15.88 33.40 -14.09
C ARG E 71 -14.87 32.88 -13.08
N LEU E 72 -13.67 33.43 -13.15
CA LEU E 72 -12.57 32.96 -12.33
C LEU E 72 -11.84 34.11 -11.64
N PRO E 73 -11.24 33.83 -10.49
CA PRO E 73 -10.42 34.86 -9.87
C PRO E 73 -9.13 35.07 -10.64
N GLN E 74 -8.65 36.30 -10.64
CA GLN E 74 -7.38 36.64 -11.26
C GLN E 74 -6.52 37.44 -10.31
N ASP E 75 -5.23 37.49 -10.59
CA ASP E 75 -4.28 38.12 -9.71
C ASP E 75 -3.27 38.88 -10.56
N GLY E 76 -3.12 40.17 -10.31
CA GLY E 76 -2.13 40.97 -11.03
C GLY E 76 -1.30 41.84 -10.12
N ARG E 77 -0.28 42.47 -10.71
CA ARG E 77 0.57 43.43 -10.00
C ARG E 77 0.85 44.64 -10.90
N VAL E 78 0.81 45.84 -10.32
CA VAL E 78 1.14 47.00 -11.12
C VAL E 78 1.93 48.01 -10.32
N ARG E 79 3.01 48.49 -10.94
CA ARG E 79 3.78 49.64 -10.48
C ARG E 79 3.02 50.89 -10.95
N TYR E 80 2.17 51.45 -10.09
CA TYR E 80 1.31 52.56 -10.47
C TYR E 80 2.01 53.92 -10.24
N ARG E 81 1.91 54.81 -11.25
CA ARG E 81 2.55 56.15 -11.22
C ARG E 81 1.64 57.25 -11.80
N GLU E 82 1.48 58.33 -11.03
CA GLU E 82 0.72 59.50 -11.47
C GLU E 82 1.40 60.75 -10.92
N GLY E 83 2.29 61.33 -11.70
CA GLY E 83 3.09 62.45 -11.28
C GLY E 83 3.67 62.29 -9.89
N ALA E 84 2.98 62.82 -8.89
CA ALA E 84 3.48 62.87 -7.53
C ALA E 84 3.67 61.49 -6.90
N ILE E 85 2.67 60.62 -7.06
CA ILE E 85 2.60 59.36 -6.34
C ILE E 85 3.24 58.20 -7.07
N ASP E 86 3.88 57.34 -6.30
CA ASP E 86 4.49 56.14 -6.85
C ASP E 86 4.29 55.01 -5.85
N VAL E 87 3.59 53.96 -6.26
CA VAL E 87 3.24 52.86 -5.35
C VAL E 87 2.98 51.57 -6.14
N ASP E 88 3.35 50.40 -5.61
CA ASP E 88 2.96 49.13 -6.25
C ASP E 88 1.66 48.68 -5.72
N LEU E 89 0.84 48.19 -6.63
CA LEU E 89 -0.45 47.69 -6.26
C LEU E 89 -0.53 46.19 -6.57
N ARG E 90 -1.15 45.44 -5.66
CA ARG E 90 -1.54 44.07 -5.96
C ARG E 90 -3.03 44.02 -6.24
N LEU E 91 -3.38 43.70 -7.48
CA LEU E 91 -4.78 43.68 -7.90
C LEU E 91 -5.40 42.28 -7.78
N SER E 92 -6.63 42.22 -7.31
CA SER E 92 -7.29 40.95 -7.22
C SER E 92 -8.74 41.02 -7.66
N THR E 93 -9.12 40.24 -8.67
CA THR E 93 -10.51 40.20 -9.13
C THR E 93 -11.19 38.91 -8.70
N LEU E 94 -12.47 38.99 -8.37
CA LEU E 94 -13.16 37.83 -7.84
C LEU E 94 -14.59 37.81 -8.30
N PRO E 95 -15.02 36.71 -8.96
CA PRO E 95 -16.41 36.62 -9.40
C PRO E 95 -17.37 36.65 -8.23
N THR E 96 -18.37 37.53 -8.31
CA THR E 96 -19.38 37.69 -7.26
C THR E 96 -20.78 37.61 -7.88
N VAL E 97 -21.76 37.16 -7.11
CA VAL E 97 -23.17 37.24 -7.48
C VAL E 97 -23.54 38.43 -8.39
N TYR E 98 -23.05 39.62 -8.07
CA TYR E 98 -23.42 40.81 -8.81
C TYR E 98 -22.32 41.30 -9.75
N GLY E 99 -21.35 40.44 -10.02
CA GLY E 99 -20.29 40.79 -10.94
C GLY E 99 -18.96 40.75 -10.24
N GLU E 100 -17.86 40.91 -10.97
CA GLU E 100 -16.53 40.81 -10.37
C GLU E 100 -16.26 41.89 -9.30
N LYS E 101 -15.55 41.48 -8.26
CA LYS E 101 -15.09 42.40 -7.23
C LYS E 101 -13.62 42.62 -7.42
N ALA E 102 -13.17 43.87 -7.31
CA ALA E 102 -11.76 44.19 -7.40
C ALA E 102 -11.25 44.66 -6.06
N VAL E 103 -10.09 44.18 -5.67
CA VAL E 103 -9.38 44.71 -4.49
C VAL E 103 -7.97 45.14 -4.86
N MET E 104 -7.64 46.40 -4.57
CA MET E 104 -6.31 46.91 -4.84
C MET E 104 -5.58 47.20 -3.54
N ARG E 105 -4.51 46.44 -3.32
CA ARG E 105 -3.67 46.60 -2.14
C ARG E 105 -2.40 47.43 -2.41
N LEU E 106 -2.27 48.54 -1.67
CA LEU E 106 -1.12 49.43 -1.78
C LEU E 106 0.04 48.86 -0.97
N LEU E 107 1.13 48.53 -1.64
CA LEU E 107 2.27 47.89 -0.96
C LEU E 107 3.24 48.94 -0.41
N LYS E 108 3.86 48.64 0.74
CA LYS E 108 4.87 49.52 1.33
C LYS E 108 6.23 49.42 0.65
N LYS E 109 7.12 50.33 1.02
CA LYS E 109 8.48 50.38 0.50
C LYS E 109 9.50 50.25 1.62
N ALA E 110 10.72 49.88 1.25
CA ALA E 110 11.82 49.78 2.21
C ALA E 110 12.03 51.11 2.94
N SER E 111 11.78 52.20 2.22
CA SER E 111 11.78 53.54 2.81
C SER E 111 10.90 53.60 4.05
N ASP E 112 9.74 52.93 3.95
CA ASP E 112 8.72 52.93 5.00
C ASP E 112 9.11 52.18 6.27
N ILE E 113 10.11 51.28 6.16
CA ILE E 113 10.50 50.44 7.30
C ILE E 113 11.21 51.29 8.30
N PRO E 114 10.73 51.27 9.56
CA PRO E 114 11.25 52.01 10.73
C PRO E 114 12.58 51.50 11.24
N GLU E 115 13.31 52.37 11.94
CA GLU E 115 14.43 51.91 12.74
C GLU E 115 13.88 51.29 14.01
N ILE E 116 14.64 50.37 14.62
CA ILE E 116 14.17 49.66 15.82
C ILE E 116 13.89 50.59 17.01
N GLU E 117 14.39 51.83 16.96
CA GLU E 117 14.10 52.81 18.02
C GLU E 117 12.73 53.44 17.84
N ASP E 118 12.15 53.24 16.67
CA ASP E 118 10.89 53.90 16.38
C ASP E 118 9.78 52.89 16.26
N LEU E 119 9.93 51.76 16.95
CA LEU E 119 8.95 50.68 16.87
C LEU E 119 7.80 50.84 17.87
N GLY E 120 8.10 51.45 19.01
CA GLY E 120 7.10 51.65 20.02
C GLY E 120 7.43 50.86 21.26
N PHE E 121 8.64 50.36 21.34
CA PHE E 121 9.04 49.65 22.54
C PHE E 121 9.16 50.57 23.74
N ALA E 122 8.59 50.16 24.88
CA ALA E 122 8.87 50.78 26.18
C ALA E 122 10.37 50.75 26.47
N PRO E 123 10.84 51.67 27.32
CA PRO E 123 12.26 51.82 27.65
C PRO E 123 12.99 50.56 28.16
N GLY E 124 12.34 49.82 29.05
CA GLY E 124 12.98 48.66 29.66
C GLY E 124 12.99 47.45 28.74
N VAL E 125 11.89 47.23 28.03
CA VAL E 125 11.83 46.10 27.15
C VAL E 125 12.73 46.35 25.94
N PHE E 126 12.89 47.62 25.57
CA PHE E 126 13.68 47.95 24.38
C PHE E 126 15.13 47.49 24.56
N GLU E 127 15.63 47.59 25.78
CA GLU E 127 17.03 47.26 26.04
C GLU E 127 17.22 45.76 26.02
N ARG E 128 16.16 45.04 26.38
CA ARG E 128 16.18 43.58 26.35
C ARG E 128 16.10 43.11 24.92
N PHE E 129 15.29 43.79 24.13
CA PHE E 129 15.08 43.45 22.74
C PHE E 129 16.31 43.73 21.91
N LYS E 130 16.92 44.88 22.18
CA LYS E 130 18.19 45.22 21.56
C LYS E 130 19.18 44.10 21.79
N GLU E 131 19.14 43.56 23.01
CA GLU E 131 20.09 42.51 23.34
C GLU E 131 19.83 41.22 22.59
N VAL E 132 18.59 40.71 22.58
CA VAL E 132 18.35 39.39 22.02
C VAL E 132 18.64 39.36 20.53
N ILE E 133 18.46 40.47 19.82
CA ILE E 133 18.72 40.44 18.39
C ILE E 133 20.21 40.58 18.11
N SER E 134 20.99 40.88 19.13
CA SER E 134 22.41 41.11 18.93
C SER E 134 23.17 39.80 19.02
N LYS E 135 22.47 38.75 19.44
CA LYS E 135 23.11 37.43 19.57
C LYS E 135 23.54 36.89 18.22
N PRO E 136 24.64 36.12 18.18
CA PRO E 136 25.26 35.65 16.93
C PRO E 136 24.55 34.46 16.26
N TYR E 137 23.79 33.71 17.04
CA TYR E 137 22.97 32.64 16.48
C TYR E 137 21.89 32.26 17.47
N GLY E 138 20.93 31.45 17.02
CA GLY E 138 19.76 31.10 17.81
C GLY E 138 18.55 31.41 16.97
N ILE E 139 17.36 31.11 17.45
CA ILE E 139 16.16 31.43 16.68
C ILE E 139 15.24 32.33 17.51
N PHE E 140 14.83 33.43 16.88
CA PHE E 140 14.00 34.45 17.50
C PHE E 140 12.65 34.45 16.80
N LEU E 141 11.60 34.17 17.55
CA LEU E 141 10.27 34.03 16.99
C LEU E 141 9.41 35.28 17.19
N ILE E 142 8.79 35.76 16.11
CA ILE E 142 7.84 36.87 16.16
C ILE E 142 6.39 36.40 15.89
N THR E 143 5.52 36.45 16.89
CA THR E 143 4.15 35.91 16.75
C THR E 143 3.02 36.94 16.85
N GLY E 144 1.95 36.67 16.11
CA GLY E 144 0.75 37.49 16.16
C GLY E 144 -0.06 37.28 14.90
N PRO E 145 -1.33 37.68 14.94
CA PRO E 145 -2.28 37.66 13.82
C PRO E 145 -1.81 38.54 12.68
N THR E 146 -2.38 38.39 11.50
CA THR E 146 -2.04 39.26 10.40
C THR E 146 -2.37 40.71 10.76
N GLY E 147 -1.54 41.65 10.29
CA GLY E 147 -1.70 43.06 10.60
C GLY E 147 -1.29 43.40 12.02
N SER E 148 -0.21 42.76 12.48
CA SER E 148 0.27 42.96 13.84
C SER E 148 1.59 43.70 13.84
N GLY E 149 2.11 43.95 12.64
CA GLY E 149 3.32 44.74 12.48
C GLY E 149 4.55 43.85 12.47
N LYS E 150 4.33 42.53 12.37
CA LYS E 150 5.39 41.52 12.41
C LYS E 150 6.45 41.69 11.32
N SER E 151 6.03 41.89 10.08
CA SER E 151 6.99 42.15 9.02
C SER E 151 7.79 43.41 9.29
N PHE E 152 7.09 44.46 9.70
CA PHE E 152 7.76 45.73 9.94
C PHE E 152 8.87 45.53 10.96
N THR E 153 8.58 44.77 12.01
CA THR E 153 9.58 44.51 13.03
C THR E 153 10.73 43.69 12.51
N THR E 154 10.41 42.59 11.81
CA THR E 154 11.46 41.69 11.36
C THR E 154 12.42 42.44 10.47
N PHE E 155 11.92 43.29 9.58
CA PHE E 155 12.81 44.04 8.70
C PHE E 155 13.50 45.23 9.38
N SER E 156 12.86 45.77 10.41
CA SER E 156 13.47 46.80 11.26
C SER E 156 14.71 46.21 11.91
N ILE E 157 14.56 44.97 12.40
CA ILE E 157 15.68 44.26 12.97
C ILE E 157 16.74 44.05 11.90
N LEU E 158 16.33 43.46 10.76
CA LEU E 158 17.28 43.19 9.68
C LEU E 158 17.97 44.45 9.19
N LYS E 159 17.31 45.59 9.33
CA LYS E 159 17.89 46.88 8.92
C LYS E 159 19.06 47.28 9.84
N ARG E 160 18.98 46.94 11.12
CA ARG E 160 20.07 47.21 12.05
C ARG E 160 21.17 46.13 12.08
N ILE E 161 20.84 44.94 11.61
CA ILE E 161 21.66 43.76 11.83
C ILE E 161 22.40 43.21 10.60
N ALA E 162 21.79 43.37 9.43
CA ALA E 162 22.35 42.87 8.18
C ALA E 162 23.43 43.79 7.64
N THR E 163 24.58 43.77 8.31
CA THR E 163 25.80 44.43 7.87
C THR E 163 26.58 43.65 6.78
N PRO E 164 27.38 44.34 5.97
CA PRO E 164 28.10 43.70 4.84
C PRO E 164 29.02 42.48 5.17
N ASP E 165 29.37 42.28 6.44
CA ASP E 165 30.17 41.09 6.80
C ASP E 165 29.33 39.80 6.92
N LYS E 166 28.03 39.92 6.73
CA LYS E 166 27.13 38.79 6.90
C LYS E 166 26.32 38.53 5.63
N ASN E 167 25.94 37.26 5.48
CA ASN E 167 24.97 36.88 4.49
C ASN E 167 23.57 36.84 5.12
N THR E 168 22.67 37.69 4.62
CA THR E 168 21.29 37.74 5.12
C THR E 168 20.41 37.17 4.02
N GLN E 169 19.82 36.01 4.26
CA GLN E 169 19.01 35.34 3.25
C GLN E 169 17.59 35.17 3.76
N THR E 170 16.62 35.37 2.86
CA THR E 170 15.23 35.47 3.22
C THR E 170 14.40 34.56 2.34
N ILE E 171 13.46 33.83 2.94
CA ILE E 171 12.44 33.11 2.20
C ILE E 171 11.10 33.74 2.55
N GLU E 172 10.34 34.11 1.52
CA GLU E 172 9.17 35.00 1.67
C GLU E 172 8.01 34.61 0.72
N ASP E 173 6.77 34.70 1.23
CA ASP E 173 5.60 34.35 0.42
C ASP E 173 4.40 35.29 0.54
N PRO E 174 4.37 36.35 -0.27
CA PRO E 174 5.37 36.70 -1.29
C PRO E 174 6.46 37.61 -0.71
N VAL E 175 7.45 37.99 -1.51
CA VAL E 175 8.29 39.14 -1.16
C VAL E 175 7.47 40.44 -1.35
N GLU E 176 7.28 41.23 -0.30
CA GLU E 176 6.46 42.44 -0.40
C GLU E 176 7.23 43.62 -0.96
N TYR E 177 8.43 43.81 -0.43
CA TYR E 177 9.19 44.98 -0.79
C TYR E 177 10.66 44.62 -0.69
N GLU E 178 11.44 45.08 -1.65
CA GLU E 178 12.84 44.69 -1.72
C GLU E 178 13.72 45.51 -0.78
N ILE E 179 14.61 44.80 -0.09
CA ILE E 179 15.49 45.42 0.89
C ILE E 179 16.94 45.35 0.43
N PRO E 180 17.59 46.51 0.34
CA PRO E 180 18.98 46.59 -0.13
C PRO E 180 19.94 45.96 0.85
N GLY E 181 20.89 45.16 0.36
CA GLY E 181 21.93 44.58 1.20
C GLY E 181 21.64 43.22 1.79
N ILE E 182 20.49 42.66 1.44
CA ILE E 182 20.12 41.31 1.85
C ILE E 182 19.66 40.55 0.62
N ASN E 183 19.76 39.22 0.67
CA ASN E 183 19.28 38.36 -0.40
C ASN E 183 17.85 37.88 -0.14
N GLN E 184 16.94 38.09 -1.09
CA GLN E 184 15.56 37.66 -0.91
C GLN E 184 15.16 36.59 -1.92
N THR E 185 14.49 35.55 -1.42
CA THR E 185 13.96 34.45 -2.24
C THR E 185 12.45 34.31 -2.02
N GLN E 186 11.72 34.14 -3.12
CA GLN E 186 10.26 34.07 -3.08
C GLN E 186 9.75 32.66 -3.35
N VAL E 187 8.90 32.19 -2.44
CA VAL E 187 8.24 30.90 -2.56
C VAL E 187 7.60 30.79 -3.94
N ASN E 188 7.79 29.65 -4.60
CA ASN E 188 7.26 29.43 -5.95
C ASN E 188 6.58 28.08 -6.07
N PRO E 189 5.31 27.99 -5.62
CA PRO E 189 4.60 26.69 -5.52
C PRO E 189 4.43 26.00 -6.87
N GLN E 190 4.20 26.77 -7.94
CA GLN E 190 4.17 26.23 -9.30
C GLN E 190 5.47 25.52 -9.71
N ALA E 191 6.60 26.00 -9.20
CA ALA E 191 7.90 25.43 -9.56
C ALA E 191 8.30 24.41 -8.52
N GLY E 192 7.67 24.46 -7.36
CA GLY E 192 7.97 23.56 -6.26
C GLY E 192 8.92 24.14 -5.21
N LEU E 193 9.27 25.40 -5.34
CA LEU E 193 10.15 26.01 -4.35
C LEU E 193 9.36 26.38 -3.09
N THR E 194 9.26 25.42 -2.17
CA THR E 194 8.54 25.63 -0.93
C THR E 194 9.42 26.24 0.15
N PHE E 195 8.81 26.55 1.29
CA PHE E 195 9.54 27.05 2.45
C PHE E 195 10.56 26.02 2.92
N ALA E 196 10.16 24.76 2.99
CA ALA E 196 11.08 23.74 3.44
C ALA E 196 12.19 23.51 2.42
N ARG E 197 11.83 23.57 1.14
CA ARG E 197 12.84 23.34 0.12
C ARG E 197 13.88 24.48 0.08
N ALA E 198 13.44 25.72 0.24
CA ALA E 198 14.40 26.80 0.15
C ALA E 198 15.29 26.82 1.38
N LEU E 199 14.69 26.55 2.54
CA LEU E 199 15.46 26.51 3.80
C LEU E 199 16.62 25.52 3.77
N ARG E 200 16.38 24.32 3.24
CA ARG E 200 17.42 23.31 3.06
C ARG E 200 18.54 23.83 2.17
N ALA E 201 18.18 24.58 1.13
CA ALA E 201 19.18 25.15 0.24
C ALA E 201 19.99 26.22 0.98
N PHE E 202 19.33 27.05 1.79
CA PHE E 202 20.03 28.08 2.56
C PHE E 202 21.20 27.54 3.37
N LEU E 203 21.10 26.30 3.82
CA LEU E 203 22.18 25.72 4.62
C LEU E 203 23.41 25.49 3.73
N ARG E 204 23.16 25.28 2.45
CA ARG E 204 24.22 25.11 1.47
C ARG E 204 24.73 26.45 0.92
N GLN E 205 24.34 27.55 1.56
CA GLN E 205 24.52 28.91 0.99
C GLN E 205 25.37 29.77 1.90
N ASP E 206 26.01 29.12 2.86
CA ASP E 206 26.81 29.82 3.84
C ASP E 206 26.04 31.01 4.41
N PRO E 207 24.94 30.76 5.15
CA PRO E 207 24.17 31.89 5.65
C PRO E 207 24.73 32.43 6.97
N ASP E 208 24.38 33.67 7.31
CA ASP E 208 24.63 34.16 8.66
C ASP E 208 23.32 34.49 9.35
N ILE E 209 22.46 35.20 8.64
CA ILE E 209 21.13 35.50 9.12
C ILE E 209 20.12 34.86 8.16
N ILE E 210 19.14 34.13 8.69
CA ILE E 210 18.05 33.64 7.86
C ILE E 210 16.69 34.19 8.34
N MET E 211 15.90 34.71 7.40
CA MET E 211 14.56 35.18 7.70
C MET E 211 13.52 34.19 7.15
N VAL E 212 12.78 33.55 8.04
CA VAL E 212 11.72 32.67 7.57
C VAL E 212 10.41 33.43 7.65
N GLY E 213 9.84 33.73 6.47
CA GLY E 213 8.62 34.48 6.38
C GLY E 213 7.48 33.98 7.26
N GLU E 214 7.28 32.66 7.25
CA GLU E 214 6.18 32.06 7.99
C GLU E 214 6.49 30.60 8.24
N ILE E 215 6.26 30.09 9.45
CA ILE E 215 6.46 28.68 9.76
C ILE E 215 5.12 27.92 9.84
N ARG E 216 4.75 27.18 8.80
CA ARG E 216 3.51 26.41 8.85
C ARG E 216 3.75 24.90 8.93
N ASP E 217 4.86 24.43 8.35
CA ASP E 217 5.20 23.00 8.34
C ASP E 217 5.86 22.56 9.63
N SER E 218 5.80 21.25 9.89
CA SER E 218 6.74 20.60 10.80
C SER E 218 8.12 20.72 10.22
N GLU E 219 8.17 20.54 8.90
CA GLU E 219 9.40 20.47 8.15
C GLU E 219 10.16 21.76 8.29
N THR E 220 9.51 22.90 8.07
CA THR E 220 10.24 24.15 8.16
C THR E 220 10.55 24.46 9.64
N ALA E 221 9.79 23.89 10.56
CA ALA E 221 10.07 24.14 11.96
C ALA E 221 11.38 23.46 12.34
N LYS E 222 11.60 22.27 11.78
CA LYS E 222 12.83 21.54 12.08
C LYS E 222 14.04 22.19 11.44
N ILE E 223 13.88 22.66 10.19
CA ILE E 223 15.02 23.19 9.48
C ILE E 223 15.37 24.53 10.07
N ALA E 224 14.35 25.34 10.33
CA ALA E 224 14.60 26.62 10.97
C ALA E 224 15.30 26.34 12.28
N THR E 225 14.89 25.30 12.99
CA THR E 225 15.54 25.04 14.26
C THR E 225 16.96 24.52 14.03
N GLU E 226 17.14 23.76 12.96
CA GLU E 226 18.45 23.18 12.66
C GLU E 226 19.43 24.28 12.23
N ALA E 227 18.96 25.23 11.43
CA ALA E 227 19.80 26.38 11.10
C ALA E 227 20.30 27.00 12.38
N ALA E 228 19.40 27.15 13.35
CA ALA E 228 19.76 27.77 14.61
C ALA E 228 20.85 26.96 15.31
N LEU E 229 20.67 25.65 15.35
CA LEU E 229 21.62 24.79 16.06
C LEU E 229 22.96 24.75 15.33
N THR E 230 22.92 24.99 14.03
CA THR E 230 24.09 24.92 13.20
C THR E 230 24.99 26.12 13.50
N GLY E 231 24.39 27.21 13.98
CA GLY E 231 25.16 28.37 14.32
C GLY E 231 24.77 29.64 13.60
N HIS E 232 23.55 29.69 13.06
CA HIS E 232 23.05 30.89 12.39
C HIS E 232 21.98 31.59 13.19
N LEU E 233 21.84 32.89 12.95
CA LEU E 233 20.72 33.67 13.47
C LEU E 233 19.48 33.45 12.59
N VAL E 234 18.38 33.04 13.23
CA VAL E 234 17.15 32.73 12.51
C VAL E 234 16.04 33.63 13.01
N ILE E 235 15.52 34.48 12.14
CA ILE E 235 14.34 35.26 12.47
C ILE E 235 13.14 34.68 11.74
N ALA E 236 12.18 34.10 12.48
CA ALA E 236 11.01 33.53 11.83
C ALA E 236 9.66 33.97 12.46
N THR E 237 8.59 33.73 11.73
CA THR E 237 7.26 34.19 12.09
C THR E 237 6.32 33.01 12.36
N LEU E 238 5.64 33.09 13.49
CA LEU E 238 4.72 32.05 13.87
C LEU E 238 3.36 32.71 14.16
N HIS E 239 2.31 31.92 14.21
CA HIS E 239 0.97 32.43 14.46
C HIS E 239 0.46 31.91 15.80
N THR E 240 0.55 32.75 16.80
CA THR E 240 0.31 32.38 18.18
C THR E 240 -0.25 33.55 19.00
N ASN E 241 -1.19 33.30 19.91
CA ASN E 241 -1.80 34.41 20.64
C ASN E 241 -0.82 35.01 21.66
N ASP E 242 0.16 34.21 22.06
CA ASP E 242 0.97 34.48 23.22
C ASP E 242 2.45 34.32 22.84
N ALA E 243 3.38 34.81 23.66
CA ALA E 243 4.78 34.48 23.43
C ALA E 243 5.03 33.02 23.81
N ALA E 244 4.71 32.67 25.06
CA ALA E 244 4.96 31.32 25.53
C ALA E 244 4.40 30.21 24.61
N GLN E 245 3.17 30.33 24.10
CA GLN E 245 2.61 29.23 23.29
C GLN E 245 3.43 28.98 22.02
N ALA E 246 4.34 29.89 21.69
CA ALA E 246 5.21 29.70 20.52
C ALA E 246 6.15 28.55 20.83
N ILE E 247 6.49 28.43 22.11
CA ILE E 247 7.28 27.33 22.59
C ILE E 247 6.51 26.03 22.45
N THR E 248 5.26 26.02 22.94
CA THR E 248 4.40 24.84 22.82
C THR E 248 4.04 24.51 21.37
N ARG E 249 3.87 25.53 20.54
CA ARG E 249 3.56 25.31 19.14
C ARG E 249 4.69 24.57 18.43
N LEU E 250 5.92 24.94 18.73
CA LEU E 250 7.07 24.31 18.11
C LEU E 250 7.17 22.84 18.54
N ASP E 251 6.79 22.57 19.79
CA ASP E 251 6.76 21.21 20.28
C ASP E 251 5.71 20.40 19.50
N GLU E 252 4.50 20.96 19.37
CA GLU E 252 3.44 20.26 18.65
C GLU E 252 3.77 20.08 17.17
N MET E 253 4.44 21.06 16.58
CA MET E 253 4.96 20.90 15.22
C MET E 253 6.13 19.91 15.13
N GLY E 254 6.57 19.39 16.27
CA GLY E 254 7.50 18.26 16.25
C GLY E 254 8.95 18.57 16.52
N VAL E 255 9.22 19.75 17.09
CA VAL E 255 10.57 20.05 17.54
C VAL E 255 10.70 19.63 19.00
N GLU E 256 11.56 18.67 19.27
CA GLU E 256 11.72 18.16 20.62
C GLU E 256 12.20 19.27 21.54
N PRO E 257 11.61 19.35 22.74
CA PRO E 257 11.94 20.41 23.72
C PRO E 257 13.44 20.56 24.01
N PHE E 258 14.28 19.56 23.75
CA PHE E 258 15.70 19.80 24.00
C PHE E 258 16.30 20.55 22.81
N ASN E 259 15.77 20.35 21.60
CA ASN E 259 16.20 21.17 20.47
C ASN E 259 15.74 22.63 20.68
N ILE E 260 14.47 22.80 21.05
CA ILE E 260 13.91 24.11 21.32
C ILE E 260 14.71 24.84 22.36
N SER E 261 15.07 24.12 23.41
CA SER E 261 15.85 24.67 24.53
C SER E 261 17.27 25.13 24.13
N ALA E 262 17.89 24.44 23.18
CA ALA E 262 19.24 24.77 22.74
C ALA E 262 19.30 25.83 21.64
N ALA E 263 18.17 26.31 21.17
CA ALA E 263 18.17 27.17 20.00
C ALA E 263 17.32 28.43 20.17
N LEU E 264 16.25 28.33 20.96
CA LEU E 264 15.36 29.48 21.16
C LEU E 264 16.00 30.60 21.99
N ILE E 265 16.30 31.75 21.36
CA ILE E 265 16.86 32.85 22.15
C ILE E 265 15.76 33.77 22.69
N GLY E 266 14.66 33.91 21.97
CA GLY E 266 13.57 34.73 22.47
C GLY E 266 12.35 34.75 21.58
N VAL E 267 11.19 35.06 22.17
CA VAL E 267 9.94 35.22 21.41
C VAL E 267 9.36 36.60 21.60
N LEU E 268 9.01 37.25 20.49
CA LEU E 268 8.28 38.54 20.53
C LEU E 268 6.87 38.41 20.04
N SER E 269 5.94 38.76 20.92
CA SER E 269 4.53 38.78 20.60
C SER E 269 4.07 40.21 20.40
N GLN E 270 3.56 40.46 19.21
CA GLN E 270 3.17 41.76 18.70
C GLN E 270 1.67 41.91 18.35
N ARG E 271 1.08 43.04 18.75
CA ARG E 271 -0.24 43.41 18.27
C ARG E 271 -0.23 44.90 17.90
N LEU E 272 -1.21 45.29 17.09
CA LEU E 272 -1.23 46.64 16.56
C LEU E 272 -2.55 47.26 16.96
N VAL E 273 -2.48 48.24 17.87
CA VAL E 273 -3.67 48.95 18.32
C VAL E 273 -3.81 50.26 17.57
N ARG E 274 -5.04 50.76 17.48
CA ARG E 274 -5.29 52.05 16.84
C ARG E 274 -4.97 53.27 17.71
N ARG E 275 -4.44 54.33 17.08
CA ARG E 275 -4.02 55.52 17.84
C ARG E 275 -5.10 56.61 17.91
N VAL E 276 -5.41 57.01 19.15
CA VAL E 276 -6.38 58.06 19.41
C VAL E 276 -6.04 59.32 18.64
N CYS E 277 -6.99 59.81 17.85
CA CYS E 277 -6.83 61.04 17.09
C CYS E 277 -6.53 62.21 18.01
N GLU E 278 -5.52 63.02 17.67
CA GLU E 278 -5.13 64.13 18.53
C GLU E 278 -6.13 65.30 18.56
N HIS E 279 -6.77 65.58 17.42
CA HIS E 279 -7.68 66.70 17.29
C HIS E 279 -8.96 66.52 18.10
N CYS E 280 -9.47 65.31 18.12
CA CYS E 280 -10.72 65.01 18.84
C CYS E 280 -10.51 64.18 20.09
N LYS E 281 -9.27 64.16 20.59
CA LYS E 281 -8.98 63.40 21.81
C LYS E 281 -9.68 64.06 23.00
N VAL E 282 -10.19 63.22 23.89
CA VAL E 282 -10.91 63.69 25.06
C VAL E 282 -10.63 62.73 26.21
N GLU E 283 -10.32 63.26 27.38
CA GLU E 283 -10.16 62.39 28.54
C GLU E 283 -11.49 61.78 28.97
N VAL E 284 -11.47 60.48 29.25
CA VAL E 284 -12.62 59.85 29.87
C VAL E 284 -12.22 59.48 31.30
N LYS E 285 -13.12 59.66 32.24
CA LYS E 285 -12.75 59.37 33.64
C LYS E 285 -13.13 57.93 33.80
N PRO E 286 -12.14 57.11 34.22
CA PRO E 286 -12.23 55.69 33.97
C PRO E 286 -13.01 54.91 34.98
N ASP E 287 -12.72 53.62 34.97
CA ASP E 287 -13.51 52.58 35.52
C ASP E 287 -12.58 51.90 36.51
N PRO E 288 -12.87 51.90 37.80
CA PRO E 288 -12.00 51.16 38.71
C PRO E 288 -12.16 49.63 38.62
N GLU E 289 -13.29 49.10 38.11
CA GLU E 289 -13.55 47.65 38.08
C GLU E 289 -12.60 46.89 37.13
N THR E 290 -12.38 47.41 35.93
CA THR E 290 -11.24 47.04 35.11
C THR E 290 -10.11 47.87 35.71
N LEU E 291 -8.84 47.47 35.53
CA LEU E 291 -7.71 48.03 36.30
C LEU E 291 -7.66 47.28 37.62
N ARG E 292 -8.84 47.03 38.18
CA ARG E 292 -8.99 46.16 39.33
C ARG E 292 -8.71 44.76 38.83
N ARG E 293 -9.28 44.44 37.67
CA ARG E 293 -9.20 43.09 37.12
C ARG E 293 -7.86 42.87 36.46
N LEU E 294 -7.28 43.92 35.92
CA LEU E 294 -5.84 43.84 35.71
C LEU E 294 -5.15 44.49 36.90
N GLY E 295 -5.12 43.74 38.00
CA GLY E 295 -4.54 44.15 39.29
C GLY E 295 -3.55 45.28 39.37
N LEU E 296 -3.94 46.41 38.83
CA LEU E 296 -3.23 47.65 39.02
C LEU E 296 -3.51 48.08 40.49
N SER E 297 -2.48 48.26 41.29
CA SER E 297 -2.79 48.65 42.64
C SER E 297 -3.71 49.83 42.75
N GLU E 298 -4.51 49.94 43.81
CA GLU E 298 -5.49 50.95 43.88
C GLU E 298 -4.81 52.31 44.18
N ALA E 299 -3.49 52.31 44.34
CA ALA E 299 -2.72 53.57 44.32
C ALA E 299 -2.54 54.00 42.88
N GLU E 300 -2.33 53.08 41.95
CA GLU E 300 -2.19 53.58 40.58
C GLU E 300 -3.58 53.69 39.88
N ILE E 301 -4.68 53.49 40.60
CA ILE E 301 -6.01 53.60 39.97
C ILE E 301 -6.59 55.02 39.95
N GLN E 302 -6.45 55.80 41.02
CA GLN E 302 -7.05 57.14 40.93
C GLN E 302 -6.07 58.11 40.28
N GLY E 303 -4.79 57.75 40.26
CA GLY E 303 -3.84 58.50 39.47
C GLY E 303 -4.06 58.32 37.98
N ALA E 304 -4.71 57.22 37.60
CA ALA E 304 -4.85 56.83 36.21
C ALA E 304 -5.80 57.73 35.42
N ARG E 305 -5.44 57.96 34.16
CA ARG E 305 -6.28 58.70 33.23
C ARG E 305 -6.44 57.89 31.94
N LEU E 306 -7.64 57.89 31.37
CA LEU E 306 -7.87 57.22 30.09
C LEU E 306 -8.46 58.19 29.05
N TYR E 307 -8.29 57.88 27.78
CA TYR E 307 -8.68 58.81 26.71
C TYR E 307 -9.38 58.11 25.56
N LYS E 308 -10.24 58.85 24.85
CA LYS E 308 -10.79 58.36 23.59
C LYS E 308 -10.86 59.48 22.59
N GLY E 309 -10.82 59.12 21.32
CA GLY E 309 -11.20 60.04 20.28
C GLY E 309 -12.72 60.10 20.17
N MET E 310 -13.21 61.21 19.66
CA MET E 310 -14.62 61.46 19.59
C MET E 310 -15.15 61.35 18.18
N GLY E 311 -14.22 61.33 17.22
CA GLY E 311 -14.59 61.36 15.81
C GLY E 311 -14.76 62.79 15.34
N CYS E 312 -13.99 63.16 14.33
CA CYS E 312 -13.94 64.50 13.77
C CYS E 312 -13.75 64.27 12.28
N GLU E 313 -13.69 65.33 11.49
CA GLU E 313 -13.51 65.17 10.07
C GLU E 313 -12.07 64.75 9.84
N ARG E 314 -11.23 64.97 10.83
CA ARG E 314 -9.83 64.69 10.59
C ARG E 314 -9.51 63.20 10.79
N CYS E 315 -10.45 62.45 11.35
CA CYS E 315 -10.32 61.01 11.49
C CYS E 315 -11.54 60.28 10.96
N GLY E 316 -12.30 60.96 10.10
CA GLY E 316 -13.44 60.34 9.46
C GLY E 316 -14.40 59.74 10.45
N GLY E 317 -14.50 60.37 11.62
CA GLY E 317 -15.47 59.91 12.61
C GLY E 317 -14.97 58.74 13.41
N THR E 318 -13.79 58.26 13.08
CA THR E 318 -13.27 57.07 13.72
C THR E 318 -12.86 57.29 15.17
N GLY E 319 -12.19 58.41 15.46
CA GLY E 319 -11.67 58.71 16.80
C GLY E 319 -10.25 58.19 16.89
N TYR E 320 -9.78 57.68 15.76
CA TYR E 320 -8.48 57.07 15.69
C TYR E 320 -7.80 57.53 14.42
N LYS E 321 -6.48 57.69 14.50
CA LYS E 321 -5.67 58.04 13.35
C LYS E 321 -4.28 57.44 13.48
N GLY E 322 -3.95 56.55 12.57
CA GLY E 322 -2.70 55.83 12.67
C GLY E 322 -2.85 54.65 13.61
N ARG E 323 -1.74 53.93 13.81
CA ARG E 323 -1.73 52.79 14.71
C ARG E 323 -0.46 52.79 15.55
N TYR E 324 -0.44 51.94 16.57
CA TYR E 324 0.74 51.84 17.43
C TYR E 324 0.96 50.39 17.78
N ALA E 325 2.19 50.04 18.17
CA ALA E 325 2.49 48.66 18.47
C ALA E 325 2.61 48.38 19.96
N ILE E 326 2.07 47.24 20.37
CA ILE E 326 2.24 46.71 21.72
C ILE E 326 2.90 45.29 21.61
N HIS E 327 3.71 44.98 22.61
CA HIS E 327 4.88 44.08 22.65
C HIS E 327 4.73 43.16 23.85
N GLU E 328 4.94 41.85 23.68
CA GLU E 328 5.21 40.97 24.83
C GLU E 328 6.48 40.26 24.44
N LEU E 329 7.59 40.65 25.05
CA LEU E 329 8.87 40.07 24.65
C LEU E 329 9.38 39.05 25.65
N LEU E 330 9.43 37.78 25.24
CA LEU E 330 9.93 36.70 26.10
C LEU E 330 11.39 36.45 25.77
N VAL E 331 12.27 36.79 26.70
CA VAL E 331 13.68 36.46 26.56
C VAL E 331 14.05 35.11 27.23
N VAL E 332 14.59 34.17 26.45
CA VAL E 332 14.99 32.87 26.98
C VAL E 332 16.31 32.93 27.79
N ASP E 333 16.28 32.37 28.99
CA ASP E 333 17.43 32.37 29.91
C ASP E 333 17.59 30.98 30.53
N ASP E 334 18.40 30.89 31.59
CA ASP E 334 18.72 29.57 32.10
C ASP E 334 17.57 28.98 32.90
N GLU E 335 16.64 29.79 33.40
CA GLU E 335 15.51 29.20 34.12
C GLU E 335 14.42 28.76 33.13
N ILE E 336 14.45 29.33 31.94
CA ILE E 336 13.44 29.03 30.94
C ILE E 336 13.82 27.79 30.11
N ARG E 337 15.06 27.70 29.67
CA ARG E 337 15.52 26.50 28.96
C ARG E 337 15.17 25.25 29.77
N HIS E 338 15.44 25.28 31.07
CA HIS E 338 15.12 24.16 31.94
C HIS E 338 13.62 23.85 31.93
N ALA E 339 12.79 24.89 31.82
CA ALA E 339 11.36 24.69 31.83
C ALA E 339 10.84 24.22 30.46
N ILE E 340 11.55 24.54 29.38
CA ILE E 340 11.19 24.04 28.03
C ILE E 340 11.36 22.52 28.02
N VAL E 341 12.57 22.02 28.31
CA VAL E 341 12.77 20.60 28.66
C VAL E 341 12.04 20.45 29.98
N ALA E 342 11.90 19.25 30.52
CA ALA E 342 11.00 19.09 31.69
C ALA E 342 9.54 19.34 31.34
N GLY E 343 9.27 20.03 30.23
CA GLY E 343 7.96 20.05 29.62
C GLY E 343 6.88 20.85 30.31
N LYS E 344 7.20 22.07 30.73
CA LYS E 344 6.21 22.94 31.33
C LYS E 344 5.25 23.42 30.25
N SER E 345 4.01 23.71 30.65
CA SER E 345 2.99 24.22 29.74
C SER E 345 3.28 25.67 29.43
N ALA E 346 2.65 26.20 28.39
CA ALA E 346 2.80 27.62 28.05
C ALA E 346 2.45 28.52 29.25
N THR E 347 1.41 28.15 30.01
CA THR E 347 0.99 28.95 31.16
C THR E 347 2.09 29.08 32.19
N GLU E 348 2.72 27.93 32.46
CA GLU E 348 3.81 27.82 33.43
C GLU E 348 5.09 28.53 32.98
N ILE E 349 5.42 28.43 31.69
CA ILE E 349 6.56 29.15 31.15
C ILE E 349 6.33 30.66 31.31
N LYS E 350 5.09 31.07 31.08
CA LYS E 350 4.74 32.49 31.11
C LYS E 350 4.81 33.09 32.51
N GLU E 351 4.34 32.35 33.52
CA GLU E 351 4.40 32.85 34.90
C GLU E 351 5.86 33.05 35.31
N ILE E 352 6.76 32.20 34.84
CA ILE E 352 8.19 32.34 35.15
C ILE E 352 8.71 33.62 34.55
N ALA E 353 8.42 33.76 33.27
CA ALA E 353 8.90 34.89 32.50
C ALA E 353 8.35 36.19 33.09
N ARG E 354 7.07 36.20 33.44
CA ARG E 354 6.48 37.41 34.00
C ARG E 354 7.14 37.74 35.33
N ARG E 355 7.44 36.71 36.10
CA ARG E 355 8.09 36.87 37.38
C ARG E 355 9.55 37.30 37.22
N LYS E 356 10.07 37.25 36.00
CA LYS E 356 11.41 37.77 35.77
C LYS E 356 11.31 39.22 35.30
N GLY E 357 10.13 39.60 34.83
CA GLY E 357 9.95 40.98 34.41
C GLY E 357 9.43 41.13 33.01
N MET E 358 8.85 40.06 32.49
CA MET E 358 8.19 40.16 31.20
C MET E 358 6.87 40.88 31.39
N LYS E 359 6.67 41.92 30.59
CA LYS E 359 5.40 42.62 30.51
C LYS E 359 4.54 41.95 29.42
N THR E 360 3.25 41.77 29.70
CA THR E 360 2.35 41.15 28.76
C THR E 360 1.75 42.16 27.78
N LEU E 361 1.12 41.65 26.73
CA LEU E 361 0.43 42.51 25.77
C LEU E 361 -0.56 43.43 26.50
N ARG E 362 -1.41 42.87 27.36
CA ARG E 362 -2.33 43.65 28.21
C ARG E 362 -1.61 44.75 29.02
N GLU E 363 -0.53 44.39 29.68
CA GLU E 363 0.15 45.30 30.59
C GLU E 363 0.83 46.40 29.80
N ASP E 364 1.26 46.06 28.59
CA ASP E 364 1.91 47.02 27.72
C ASP E 364 0.89 47.94 27.11
N GLY E 365 -0.19 47.38 26.57
CA GLY E 365 -1.22 48.20 25.96
C GLY E 365 -1.74 49.20 26.98
N LEU E 366 -1.92 48.71 28.20
CA LEU E 366 -2.48 49.53 29.24
C LEU E 366 -1.57 50.71 29.57
N TYR E 367 -0.26 50.44 29.70
CA TYR E 367 0.71 51.51 29.96
C TYR E 367 0.59 52.55 28.86
N LYS E 368 0.31 52.10 27.64
CA LYS E 368 0.21 53.03 26.51
C LYS E 368 -1.15 53.70 26.47
N ALA E 369 -2.15 52.99 26.98
CA ALA E 369 -3.49 53.55 27.08
C ALA E 369 -3.52 54.64 28.16
N LEU E 370 -2.70 54.52 29.19
CA LEU E 370 -2.67 55.55 30.23
C LEU E 370 -1.92 56.79 29.79
N GLN E 371 -1.33 56.72 28.61
CA GLN E 371 -0.67 57.87 28.00
C GLN E 371 -1.56 58.50 26.95
N GLY E 372 -2.72 57.91 26.70
CA GLY E 372 -3.60 58.41 25.67
C GLY E 372 -3.18 58.09 24.24
N ILE E 373 -2.15 57.27 24.08
CA ILE E 373 -1.74 56.74 22.77
C ILE E 373 -2.87 55.90 22.17
N THR E 374 -3.50 55.08 23.00
CA THR E 374 -4.61 54.28 22.52
C THR E 374 -5.69 54.16 23.59
N THR E 375 -6.85 53.62 23.19
CA THR E 375 -7.99 53.42 24.09
C THR E 375 -7.89 52.08 24.77
N LEU E 376 -8.53 51.98 25.93
CA LEU E 376 -8.59 50.70 26.65
C LEU E 376 -9.42 49.73 25.81
N GLU E 377 -10.40 50.29 25.11
CA GLU E 377 -11.22 49.50 24.23
C GLU E 377 -10.35 48.71 23.27
N GLU E 378 -9.50 49.42 22.55
CA GLU E 378 -8.66 48.85 21.50
C GLU E 378 -7.74 47.76 22.05
N VAL E 379 -7.18 48.03 23.23
CA VAL E 379 -6.28 47.11 23.93
C VAL E 379 -6.91 45.76 24.26
N LEU E 380 -8.09 45.79 24.89
CA LEU E 380 -8.82 44.57 25.23
C LEU E 380 -9.28 43.85 23.98
N ALA E 381 -9.50 44.59 22.89
CA ALA E 381 -10.02 44.00 21.66
C ALA E 381 -8.97 43.20 20.94
N ARG E 382 -7.78 43.77 20.75
CA ARG E 382 -6.74 43.14 19.97
C ARG E 382 -6.10 41.96 20.73
N THR E 383 -5.86 42.15 22.02
CA THR E 383 -5.44 41.04 22.88
C THR E 383 -6.67 40.26 23.39
N ILE E 384 -6.66 39.89 24.67
CA ILE E 384 -7.90 39.46 25.35
C ILE E 384 -8.12 40.33 26.62
N GLU E 385 -7.09 41.10 26.97
CA GLU E 385 -7.21 42.24 27.87
C GLU E 385 -5.98 43.12 27.75
N SER F 1 -56.37 23.67 -17.66
CA SER F 1 -56.86 24.73 -16.78
C SER F 1 -57.35 24.12 -15.48
N ALA F 2 -57.78 22.87 -15.53
CA ALA F 2 -58.03 22.15 -14.30
C ALA F 2 -56.68 21.77 -13.65
N ALA F 3 -55.69 21.43 -14.47
CA ALA F 3 -54.36 21.14 -13.94
C ALA F 3 -53.70 22.44 -13.52
N GLN F 4 -53.96 23.50 -14.27
CA GLN F 4 -53.50 24.82 -13.83
C GLN F 4 -54.14 25.20 -12.51
N LYS F 5 -55.43 24.88 -12.34
CA LYS F 5 -56.13 25.23 -11.10
C LYS F 5 -55.57 24.45 -9.92
N PHE F 6 -55.16 23.21 -10.15
CA PHE F 6 -54.61 22.39 -9.07
C PHE F 6 -53.25 22.92 -8.60
N VAL F 7 -52.39 23.27 -9.56
CA VAL F 7 -51.04 23.71 -9.25
C VAL F 7 -51.11 25.03 -8.50
N LYS F 8 -51.96 25.92 -9.00
CA LYS F 8 -52.25 27.20 -8.36
C LYS F 8 -52.65 26.98 -6.90
N GLN F 9 -53.62 26.09 -6.65
CA GLN F 9 -54.09 25.86 -5.28
C GLN F 9 -53.04 25.25 -4.32
N VAL F 10 -52.33 24.22 -4.78
CA VAL F 10 -51.40 23.50 -3.91
C VAL F 10 -50.19 24.39 -3.54
N ILE F 11 -49.78 25.30 -4.42
CA ILE F 11 -48.70 26.23 -4.06
C ILE F 11 -49.25 27.28 -3.09
N ARG F 12 -50.49 27.71 -3.33
CA ARG F 12 -51.15 28.64 -2.43
C ARG F 12 -51.22 28.01 -1.03
N GLU F 13 -51.59 26.74 -0.97
CA GLU F 13 -51.77 26.10 0.32
C GLU F 13 -50.43 25.84 1.00
N ALA F 14 -49.40 25.56 0.20
CA ALA F 14 -48.07 25.30 0.74
C ALA F 14 -47.52 26.58 1.34
N PHE F 15 -47.74 27.68 0.63
CA PHE F 15 -47.26 28.99 1.06
C PHE F 15 -47.80 29.38 2.44
N LEU F 16 -49.12 29.29 2.59
CA LEU F 16 -49.85 29.59 3.84
C LEU F 16 -49.61 28.59 4.97
N GLN F 17 -49.07 27.43 4.64
CA GLN F 17 -48.90 26.42 5.66
C GLN F 17 -47.44 26.29 6.05
N ASP F 18 -46.61 27.15 5.45
CA ASP F 18 -45.17 27.12 5.67
C ASP F 18 -44.65 25.75 5.30
N ALA F 19 -44.77 25.41 4.02
CA ALA F 19 -44.43 24.07 3.59
C ALA F 19 -43.14 24.12 2.81
N SER F 20 -42.17 23.29 3.22
CA SER F 20 -40.86 23.19 2.59
C SER F 20 -41.01 22.81 1.13
N ASP F 21 -41.76 21.73 0.89
CA ASP F 21 -41.77 21.06 -0.41
C ASP F 21 -43.15 20.50 -0.77
N ILE F 22 -43.52 20.59 -2.05
CA ILE F 22 -44.68 19.92 -2.59
C ILE F 22 -44.27 18.65 -3.37
N HIS F 23 -44.90 17.51 -3.07
CA HIS F 23 -44.58 16.24 -3.74
C HIS F 23 -45.77 15.73 -4.57
N ILE F 24 -45.54 15.58 -5.87
CA ILE F 24 -46.59 15.11 -6.75
C ILE F 24 -46.22 13.74 -7.28
N GLU F 25 -46.76 12.69 -6.64
CA GLU F 25 -46.28 11.30 -6.80
C GLU F 25 -47.18 10.34 -7.58
N PRO F 26 -46.74 9.88 -8.78
CA PRO F 26 -47.48 8.85 -9.51
C PRO F 26 -47.45 7.52 -8.77
N ARG F 27 -48.61 6.96 -8.49
CA ARG F 27 -48.67 5.68 -7.84
C ARG F 27 -49.53 4.74 -8.68
N GLN F 28 -49.78 3.52 -8.20
CA GLN F 28 -50.30 2.47 -9.08
C GLN F 28 -51.63 2.86 -9.71
N ASN F 29 -52.56 3.33 -8.89
CA ASN F 29 -53.92 3.59 -9.33
C ASN F 29 -54.37 5.01 -9.11
N ASP F 30 -53.43 5.87 -8.74
CA ASP F 30 -53.76 7.27 -8.55
C ASP F 30 -52.50 8.13 -8.48
N VAL F 31 -52.69 9.42 -8.20
CA VAL F 31 -51.58 10.30 -7.94
C VAL F 31 -51.73 10.79 -6.52
N GLN F 32 -50.65 10.81 -5.75
CA GLN F 32 -50.74 11.29 -4.38
C GLN F 32 -49.95 12.56 -4.29
N VAL F 33 -50.48 13.52 -3.54
CA VAL F 33 -49.79 14.78 -3.36
C VAL F 33 -49.51 14.99 -1.88
N ARG F 34 -48.24 15.19 -1.53
CA ARG F 34 -47.86 15.45 -0.14
C ARG F 34 -47.16 16.82 0.05
N LEU F 35 -47.43 17.44 1.20
CA LEU F 35 -46.75 18.66 1.63
C LEU F 35 -45.79 18.27 2.75
N ARG F 36 -44.55 18.77 2.66
CA ARG F 36 -43.67 18.65 3.79
C ARG F 36 -43.89 19.86 4.64
N ILE F 37 -44.31 19.66 5.88
CA ILE F 37 -44.53 20.78 6.80
C ILE F 37 -43.84 20.45 8.11
N ASP F 38 -43.00 21.38 8.59
CA ASP F 38 -42.15 21.17 9.78
C ASP F 38 -41.23 19.98 9.58
N GLY F 39 -40.80 19.73 8.34
CA GLY F 39 -39.96 18.58 8.03
C GLY F 39 -40.65 17.24 7.81
N ALA F 40 -41.92 17.13 8.18
CA ALA F 40 -42.72 15.91 8.07
C ALA F 40 -43.63 15.96 6.88
N LEU F 41 -43.61 14.93 6.05
CA LEU F 41 -44.57 14.83 4.98
C LEU F 41 -46.00 14.57 5.49
N ARG F 42 -46.96 15.10 4.75
CA ARG F 42 -48.36 15.22 5.16
C ARG F 42 -49.22 15.01 3.92
N PRO F 43 -50.28 14.24 4.04
CA PRO F 43 -51.11 14.06 2.83
C PRO F 43 -51.88 15.34 2.48
N TYR F 44 -51.84 15.73 1.21
CA TYR F 44 -52.57 16.92 0.79
C TYR F 44 -53.83 16.53 0.05
N SER F 45 -53.68 15.64 -0.91
CA SER F 45 -54.78 15.27 -1.79
C SER F 45 -54.43 14.05 -2.64
N THR F 46 -55.43 13.57 -3.37
CA THR F 46 -55.21 12.53 -4.36
C THR F 46 -55.78 13.02 -5.67
N LEU F 47 -55.05 12.78 -6.75
CA LEU F 47 -55.57 13.07 -8.09
C LEU F 47 -55.89 11.75 -8.82
N PRO F 48 -56.85 11.79 -9.76
CA PRO F 48 -57.11 10.61 -10.61
C PRO F 48 -55.96 10.39 -11.58
N LYS F 49 -55.62 9.12 -11.82
CA LYS F 49 -54.36 8.76 -12.48
C LYS F 49 -54.16 9.44 -13.84
N GLY F 50 -55.24 9.65 -14.59
CA GLY F 50 -55.12 10.24 -15.91
C GLY F 50 -54.91 11.74 -15.91
N ALA F 51 -54.69 12.32 -14.73
CA ALA F 51 -54.48 13.75 -14.63
C ALA F 51 -52.99 14.06 -14.44
N LEU F 52 -52.17 13.03 -14.32
CA LEU F 52 -50.75 13.22 -14.09
C LEU F 52 -50.10 14.06 -15.17
N ASN F 53 -50.29 13.71 -16.44
CA ASN F 53 -49.47 14.32 -17.47
C ASN F 53 -49.85 15.78 -17.72
N ALA F 54 -51.08 16.15 -17.42
CA ALA F 54 -51.47 17.56 -17.47
C ALA F 54 -50.76 18.36 -16.38
N VAL F 55 -50.74 17.83 -15.16
CA VAL F 55 -50.12 18.55 -14.03
C VAL F 55 -48.62 18.73 -14.23
N ILE F 56 -47.93 17.63 -14.54
CA ILE F 56 -46.49 17.65 -14.85
C ILE F 56 -46.20 18.67 -15.96
N SER F 57 -47.10 18.73 -16.93
CA SER F 57 -46.97 19.69 -18.00
C SER F 57 -46.94 21.15 -17.45
N VAL F 58 -47.87 21.49 -16.56
CA VAL F 58 -47.93 22.82 -15.98
C VAL F 58 -46.64 23.14 -15.24
N VAL F 59 -46.20 22.17 -14.44
CA VAL F 59 -44.96 22.30 -13.67
C VAL F 59 -43.76 22.49 -14.58
N LYS F 60 -43.71 21.75 -15.67
CA LYS F 60 -42.61 21.90 -16.61
C LYS F 60 -42.61 23.26 -17.32
N ILE F 61 -43.78 23.71 -17.79
CA ILE F 61 -43.85 25.05 -18.39
C ILE F 61 -43.30 26.13 -17.45
N MET F 62 -43.67 26.06 -16.17
CA MET F 62 -43.19 27.02 -15.18
C MET F 62 -41.68 27.12 -15.13
N GLY F 63 -41.00 25.97 -15.16
CA GLY F 63 -39.55 25.94 -15.06
C GLY F 63 -38.84 25.78 -16.39
N GLY F 64 -39.58 25.88 -17.48
CA GLY F 64 -38.98 25.78 -18.80
C GLY F 64 -38.33 24.44 -19.11
N LEU F 65 -38.93 23.36 -18.62
CA LEU F 65 -38.43 22.02 -18.88
C LEU F 65 -39.08 21.40 -20.11
N ASN F 66 -38.40 20.44 -20.72
CA ASN F 66 -38.89 19.78 -21.91
C ASN F 66 -40.03 18.82 -21.59
N ILE F 67 -41.14 18.95 -22.31
CA ILE F 67 -42.29 18.06 -22.15
C ILE F 67 -42.06 16.69 -22.77
N ALA F 68 -41.44 16.68 -23.95
CA ALA F 68 -41.18 15.44 -24.68
C ALA F 68 -40.36 14.45 -23.86
N GLU F 69 -39.34 14.95 -23.16
CA GLU F 69 -38.49 14.06 -22.37
C GLU F 69 -39.14 13.62 -21.06
N LYS F 70 -39.43 12.32 -20.94
CA LYS F 70 -40.00 11.76 -19.71
C LYS F 70 -39.11 10.64 -19.15
N ARG F 71 -37.96 10.40 -19.78
CA ARG F 71 -37.11 9.31 -19.33
C ARG F 71 -35.91 9.76 -18.51
N LEU F 72 -35.66 11.06 -18.46
CA LEU F 72 -34.54 11.62 -17.71
C LEU F 72 -35.01 12.70 -16.74
N PRO F 73 -34.37 12.79 -15.57
CA PRO F 73 -34.73 13.86 -14.62
C PRO F 73 -34.54 15.24 -15.23
N GLN F 74 -35.32 16.25 -14.81
CA GLN F 74 -35.08 17.65 -15.19
C GLN F 74 -35.13 18.62 -14.00
N ASP F 75 -34.54 19.80 -14.15
CA ASP F 75 -34.45 20.82 -13.08
C ASP F 75 -34.69 22.23 -13.56
N GLY F 76 -35.46 22.99 -12.78
CA GLY F 76 -35.77 24.36 -13.13
C GLY F 76 -35.87 25.31 -11.94
N ARG F 77 -35.95 26.60 -12.25
CA ARG F 77 -36.19 27.58 -11.23
C ARG F 77 -37.29 28.53 -11.76
N VAL F 78 -38.29 28.87 -10.94
CA VAL F 78 -39.29 29.85 -11.34
C VAL F 78 -39.54 30.82 -10.20
N ARG F 79 -39.68 32.10 -10.52
CA ARG F 79 -40.19 33.09 -9.58
C ARG F 79 -41.72 33.13 -9.72
N TYR F 80 -42.39 32.53 -8.75
CA TYR F 80 -43.85 32.37 -8.77
C TYR F 80 -44.56 33.55 -8.12
N ARG F 81 -45.53 34.11 -8.86
CA ARG F 81 -46.34 35.24 -8.45
C ARG F 81 -47.83 35.00 -8.76
N GLU F 82 -48.64 34.85 -7.72
CA GLU F 82 -50.09 34.69 -7.89
C GLU F 82 -50.80 35.43 -6.76
N GLY F 83 -51.60 36.44 -7.07
CA GLY F 83 -52.18 37.24 -6.02
C GLY F 83 -51.06 37.96 -5.30
N ALA F 84 -50.96 37.77 -3.98
CA ALA F 84 -49.90 38.43 -3.22
C ALA F 84 -48.66 37.54 -3.02
N ILE F 85 -48.70 36.31 -3.55
CA ILE F 85 -47.58 35.36 -3.43
C ILE F 85 -46.36 35.78 -4.25
N ASP F 86 -45.20 35.90 -3.61
CA ASP F 86 -43.93 36.03 -4.31
C ASP F 86 -42.88 35.05 -3.78
N VAL F 87 -42.80 33.86 -4.37
CA VAL F 87 -41.81 32.86 -3.97
C VAL F 87 -40.95 32.35 -5.11
N ASP F 88 -39.66 32.16 -4.81
CA ASP F 88 -38.79 31.39 -5.69
C ASP F 88 -39.03 29.88 -5.51
N LEU F 89 -39.22 29.20 -6.63
CA LEU F 89 -39.49 27.77 -6.64
C LEU F 89 -38.38 27.01 -7.31
N ARG F 90 -37.94 25.93 -6.70
CA ARG F 90 -37.05 24.99 -7.38
C ARG F 90 -37.82 23.73 -7.80
N LEU F 91 -37.81 23.43 -9.10
CA LEU F 91 -38.61 22.35 -9.69
C LEU F 91 -37.77 21.14 -10.09
N SER F 92 -38.26 19.94 -9.76
CA SER F 92 -37.57 18.69 -10.06
C SER F 92 -38.53 17.65 -10.65
N THR F 93 -38.25 17.14 -11.84
CA THR F 93 -39.05 16.03 -12.39
C THR F 93 -38.17 14.79 -12.50
N LEU F 94 -38.76 13.62 -12.26
CA LEU F 94 -38.00 12.37 -12.13
C LEU F 94 -38.87 11.15 -12.49
N PRO F 95 -38.45 10.38 -13.48
CA PRO F 95 -39.24 9.23 -13.93
C PRO F 95 -39.36 8.12 -12.89
N THR F 96 -40.59 7.69 -12.62
CA THR F 96 -40.78 6.54 -11.74
C THR F 96 -41.57 5.50 -12.52
N VAL F 97 -41.72 4.30 -11.97
CA VAL F 97 -42.42 3.24 -12.67
C VAL F 97 -43.84 3.63 -13.12
N TYR F 98 -44.50 4.53 -12.41
CA TYR F 98 -45.86 4.94 -12.82
C TYR F 98 -45.91 6.32 -13.46
N GLY F 99 -44.76 6.87 -13.82
CA GLY F 99 -44.71 8.16 -14.47
C GLY F 99 -43.78 9.08 -13.73
N GLU F 100 -43.77 10.36 -14.11
CA GLU F 100 -42.79 11.28 -13.55
C GLU F 100 -43.30 11.84 -12.25
N LYS F 101 -42.46 11.80 -11.22
CA LYS F 101 -42.75 12.49 -9.97
C LYS F 101 -42.23 13.93 -10.06
N ALA F 102 -42.91 14.86 -9.40
CA ALA F 102 -42.49 16.25 -9.38
C ALA F 102 -42.31 16.74 -7.96
N VAL F 103 -41.22 17.45 -7.72
CA VAL F 103 -41.03 18.11 -6.45
C VAL F 103 -40.81 19.60 -6.66
N MET F 104 -41.55 20.42 -5.93
CA MET F 104 -41.35 21.86 -5.96
C MET F 104 -40.95 22.33 -4.60
N ARG F 105 -39.78 22.94 -4.50
CA ARG F 105 -39.35 23.44 -3.21
C ARG F 105 -39.64 24.93 -3.10
N LEU F 106 -40.27 25.33 -2.00
CA LEU F 106 -40.47 26.75 -1.71
C LEU F 106 -39.21 27.28 -1.02
N LEU F 107 -38.55 28.27 -1.63
CA LEU F 107 -37.29 28.80 -1.12
C LEU F 107 -37.48 29.98 -0.16
N LYS F 108 -36.62 30.07 0.85
CA LYS F 108 -36.71 31.19 1.78
C LYS F 108 -35.96 32.42 1.27
N LYS F 109 -36.12 33.55 1.98
CA LYS F 109 -35.43 34.81 1.66
C LYS F 109 -34.58 35.30 2.83
N ALA F 110 -33.80 36.37 2.61
CA ALA F 110 -33.00 36.96 3.69
C ALA F 110 -33.87 37.45 4.87
N SER F 111 -35.07 37.91 4.57
CA SER F 111 -36.00 38.45 5.57
C SER F 111 -36.48 37.39 6.57
N ASP F 112 -36.42 36.12 6.15
CA ASP F 112 -36.79 35.00 7.01
C ASP F 112 -35.69 34.67 8.02
N ILE F 113 -34.48 35.20 7.80
CA ILE F 113 -33.35 34.92 8.67
C ILE F 113 -33.47 35.66 9.98
N PRO F 114 -33.47 34.92 11.09
CA PRO F 114 -33.68 35.50 12.43
C PRO F 114 -32.49 36.31 12.99
N GLU F 115 -32.78 37.09 14.02
CA GLU F 115 -31.77 37.71 14.86
C GLU F 115 -31.26 36.65 15.84
N ILE F 116 -29.96 36.62 16.15
CA ILE F 116 -29.42 35.58 17.04
C ILE F 116 -30.18 35.43 18.37
N GLU F 117 -30.88 36.47 18.82
CA GLU F 117 -31.73 36.37 20.02
C GLU F 117 -32.93 35.41 19.79
N ASP F 118 -33.31 35.21 18.54
CA ASP F 118 -34.47 34.38 18.21
C ASP F 118 -34.12 32.99 17.69
N LEU F 119 -32.92 32.51 18.02
CA LEU F 119 -32.47 31.24 17.46
C LEU F 119 -32.85 30.10 18.40
N GLY F 120 -33.29 30.44 19.60
CA GLY F 120 -33.81 29.42 20.47
C GLY F 120 -32.79 28.92 21.48
N PHE F 121 -31.72 29.67 21.67
CA PHE F 121 -30.71 29.28 22.65
C PHE F 121 -31.20 29.39 24.08
N ALA F 122 -30.97 28.36 24.88
CA ALA F 122 -31.16 28.49 26.32
C ALA F 122 -30.27 29.64 26.87
N PRO F 123 -30.72 30.31 27.93
CA PRO F 123 -29.97 31.47 28.42
C PRO F 123 -28.50 31.21 28.80
N GLY F 124 -28.17 30.03 29.29
CA GLY F 124 -26.79 29.76 29.67
C GLY F 124 -25.89 29.52 28.45
N VAL F 125 -26.45 28.85 27.45
CA VAL F 125 -25.72 28.59 26.22
C VAL F 125 -25.58 29.84 25.35
N PHE F 126 -26.59 30.70 25.42
CA PHE F 126 -26.66 31.86 24.54
C PHE F 126 -25.54 32.87 24.82
N GLU F 127 -25.22 33.05 26.09
CA GLU F 127 -24.14 33.93 26.50
C GLU F 127 -22.76 33.43 26.03
N ARG F 128 -22.62 32.11 25.95
CA ARG F 128 -21.39 31.49 25.45
C ARG F 128 -21.32 31.52 23.94
N PHE F 129 -22.47 31.36 23.32
CA PHE F 129 -22.60 31.42 21.88
C PHE F 129 -22.14 32.79 21.43
N LYS F 130 -22.65 33.81 22.11
CA LYS F 130 -22.32 35.19 21.82
C LYS F 130 -20.83 35.46 21.98
N GLU F 131 -20.23 34.92 23.03
CA GLU F 131 -18.80 35.11 23.23
C GLU F 131 -17.98 34.36 22.18
N VAL F 132 -18.56 33.31 21.61
CA VAL F 132 -17.84 32.59 20.58
C VAL F 132 -17.84 33.37 19.27
N ILE F 133 -18.95 34.00 18.90
CA ILE F 133 -18.97 34.64 17.57
C ILE F 133 -18.37 36.05 17.57
N SER F 134 -18.01 36.54 18.74
CA SER F 134 -17.58 37.91 18.88
C SER F 134 -16.06 37.99 18.94
N LYS F 135 -15.41 36.84 18.77
CA LYS F 135 -13.95 36.77 18.74
C LYS F 135 -13.40 37.33 17.41
N PRO F 136 -12.18 37.86 17.44
CA PRO F 136 -11.62 38.50 16.23
C PRO F 136 -11.23 37.53 15.11
N TYR F 137 -10.74 36.36 15.47
CA TYR F 137 -10.33 35.40 14.47
C TYR F 137 -10.45 33.99 15.02
N GLY F 138 -10.33 33.01 14.12
CA GLY F 138 -10.53 31.62 14.47
C GLY F 138 -11.57 31.00 13.56
N ILE F 139 -11.69 29.68 13.63
CA ILE F 139 -12.70 29.00 12.84
C ILE F 139 -13.79 28.47 13.75
N PHE F 140 -15.04 28.73 13.38
CA PHE F 140 -16.21 28.27 14.14
C PHE F 140 -17.00 27.36 13.22
N LEU F 141 -17.31 26.16 13.71
CA LEU F 141 -17.98 25.16 12.89
C LEU F 141 -19.41 24.95 13.32
N ILE F 142 -20.29 24.90 12.33
CA ILE F 142 -21.71 24.58 12.55
C ILE F 142 -22.04 23.22 11.92
N THR F 143 -22.30 22.20 12.74
CA THR F 143 -22.50 20.83 12.22
C THR F 143 -23.89 20.27 12.46
N GLY F 144 -24.23 19.26 11.67
CA GLY F 144 -25.49 18.55 11.78
C GLY F 144 -25.94 18.20 10.38
N PRO F 145 -27.01 17.41 10.27
CA PRO F 145 -27.48 16.98 8.95
C PRO F 145 -28.12 18.12 8.20
N THR F 146 -28.62 17.83 7.01
CA THR F 146 -29.33 18.81 6.22
C THR F 146 -30.71 19.03 6.84
N GLY F 147 -31.19 20.26 6.76
CA GLY F 147 -32.47 20.62 7.37
C GLY F 147 -32.39 20.77 8.87
N SER F 148 -31.20 21.02 9.39
CA SER F 148 -30.99 21.26 10.82
C SER F 148 -31.00 22.73 11.19
N GLY F 149 -30.98 23.60 10.19
CA GLY F 149 -30.92 25.03 10.47
C GLY F 149 -29.52 25.62 10.41
N LYS F 150 -28.57 24.92 9.77
CA LYS F 150 -27.18 25.40 9.69
C LYS F 150 -27.08 26.77 9.00
N SER F 151 -27.72 26.93 7.84
CA SER F 151 -27.67 28.20 7.15
C SER F 151 -28.36 29.35 7.87
N PHE F 152 -29.50 29.05 8.49
CA PHE F 152 -30.23 30.05 9.25
C PHE F 152 -29.37 30.56 10.39
N THR F 153 -28.72 29.65 11.10
CA THR F 153 -27.79 30.08 12.14
C THR F 153 -26.59 30.88 11.59
N THR F 154 -25.97 30.38 10.53
CA THR F 154 -24.85 31.06 9.90
C THR F 154 -25.13 32.52 9.58
N PHE F 155 -26.22 32.75 8.86
CA PHE F 155 -26.51 34.11 8.42
C PHE F 155 -27.06 34.99 9.57
N SER F 156 -27.80 34.39 10.50
CA SER F 156 -28.13 35.02 11.76
C SER F 156 -26.87 35.59 12.40
N ILE F 157 -25.80 34.78 12.46
CA ILE F 157 -24.53 35.26 13.00
C ILE F 157 -23.99 36.43 12.16
N LEU F 158 -23.90 36.24 10.85
CA LEU F 158 -23.43 37.30 9.95
C LEU F 158 -24.30 38.59 9.97
N LYS F 159 -25.57 38.49 10.36
CA LYS F 159 -26.39 39.68 10.51
C LYS F 159 -25.86 40.52 11.69
N ARG F 160 -25.47 39.84 12.76
CA ARG F 160 -24.94 40.55 13.91
C ARG F 160 -23.49 41.00 13.71
N ILE F 161 -22.63 40.22 13.04
CA ILE F 161 -21.19 40.52 13.08
C ILE F 161 -20.58 41.08 11.79
N ALA F 162 -21.28 40.99 10.67
CA ALA F 162 -20.76 41.57 9.45
C ALA F 162 -21.08 43.08 9.38
N THR F 163 -20.54 43.81 10.34
CA THR F 163 -20.58 45.26 10.37
C THR F 163 -19.77 45.91 9.20
N PRO F 164 -20.07 47.15 8.81
CA PRO F 164 -19.49 47.78 7.60
C PRO F 164 -17.99 48.14 7.63
N ASP F 165 -17.33 47.96 8.77
CA ASP F 165 -15.88 48.14 8.86
C ASP F 165 -15.11 46.87 8.53
N LYS F 166 -15.82 45.82 8.13
CA LYS F 166 -15.17 44.53 7.88
C LYS F 166 -15.51 44.01 6.48
N ASN F 167 -14.58 43.27 5.88
CA ASN F 167 -14.87 42.56 4.64
C ASN F 167 -15.45 41.19 4.96
N THR F 168 -16.69 40.95 4.56
CA THR F 168 -17.32 39.67 4.83
C THR F 168 -17.51 38.92 3.51
N GLN F 169 -16.74 37.84 3.35
CA GLN F 169 -16.71 37.08 2.10
C GLN F 169 -17.30 35.67 2.23
N THR F 170 -18.03 35.27 1.19
CA THR F 170 -18.79 34.04 1.22
C THR F 170 -18.44 33.14 0.02
N ILE F 171 -18.32 31.84 0.28
CA ILE F 171 -18.26 30.87 -0.82
C ILE F 171 -19.34 29.83 -0.61
N GLU F 172 -20.16 29.63 -1.63
CA GLU F 172 -21.39 28.88 -1.48
C GLU F 172 -21.71 27.98 -2.67
N ASP F 173 -22.38 26.86 -2.37
CA ASP F 173 -22.84 25.95 -3.42
C ASP F 173 -24.22 25.35 -3.07
N PRO F 174 -25.30 26.04 -3.47
CA PRO F 174 -25.26 27.33 -4.18
C PRO F 174 -25.41 28.52 -3.21
N VAL F 175 -25.39 29.73 -3.74
CA VAL F 175 -25.84 30.90 -2.98
C VAL F 175 -27.37 30.85 -2.88
N GLU F 176 -27.86 30.74 -1.65
CA GLU F 176 -29.29 30.56 -1.40
C GLU F 176 -30.04 31.88 -1.22
N TYR F 177 -29.60 32.68 -0.25
CA TYR F 177 -30.20 33.97 0.03
C TYR F 177 -29.33 35.10 -0.52
N GLU F 178 -29.95 36.22 -0.87
CA GLU F 178 -29.16 37.36 -1.26
C GLU F 178 -29.09 38.29 -0.07
N ILE F 179 -27.92 38.33 0.56
CA ILE F 179 -27.70 39.09 1.79
C ILE F 179 -27.07 40.50 1.59
N PRO F 180 -27.73 41.52 2.14
CA PRO F 180 -27.17 42.89 2.04
C PRO F 180 -26.00 43.08 3.00
N GLY F 181 -24.93 43.74 2.53
CA GLY F 181 -23.82 44.07 3.40
C GLY F 181 -22.62 43.16 3.21
N ILE F 182 -22.83 42.01 2.61
CA ILE F 182 -21.75 41.07 2.48
C ILE F 182 -21.49 40.68 1.03
N ASN F 183 -20.31 40.13 0.78
CA ASN F 183 -19.92 39.68 -0.54
C ASN F 183 -20.17 38.18 -0.65
N GLN F 184 -20.87 37.75 -1.69
CA GLN F 184 -21.14 36.33 -1.86
C GLN F 184 -20.63 35.82 -3.19
N THR F 185 -20.13 34.59 -3.17
CA THR F 185 -19.60 33.97 -4.37
C THR F 185 -20.15 32.56 -4.43
N GLN F 186 -20.49 32.12 -5.63
CA GLN F 186 -21.07 30.80 -5.81
C GLN F 186 -20.03 29.86 -6.42
N VAL F 187 -19.94 28.63 -5.90
CA VAL F 187 -19.16 27.59 -6.55
C VAL F 187 -19.55 27.33 -8.02
N ASN F 188 -18.58 27.25 -8.92
CA ASN F 188 -18.92 26.97 -10.31
C ASN F 188 -18.02 25.93 -10.97
N PRO F 189 -18.47 24.68 -11.00
CA PRO F 189 -17.72 23.52 -11.52
C PRO F 189 -17.24 23.72 -12.94
N GLN F 190 -18.17 24.16 -13.78
CA GLN F 190 -17.99 24.33 -15.21
C GLN F 190 -16.83 25.26 -15.53
N ALA F 191 -16.62 26.28 -14.69
CA ALA F 191 -15.50 27.22 -14.81
C ALA F 191 -14.25 26.77 -14.02
N GLY F 192 -14.45 25.81 -13.12
CA GLY F 192 -13.38 25.34 -12.26
C GLY F 192 -13.24 26.14 -10.96
N LEU F 193 -14.31 26.84 -10.58
CA LEU F 193 -14.31 27.60 -9.35
C LEU F 193 -14.74 26.73 -8.17
N THR F 194 -13.79 25.98 -7.65
CA THR F 194 -13.98 25.09 -6.50
C THR F 194 -14.21 25.87 -5.22
N PHE F 195 -14.68 25.22 -4.17
CA PHE F 195 -14.50 25.75 -2.82
C PHE F 195 -13.03 26.15 -2.56
N ALA F 196 -12.10 25.25 -2.85
CA ALA F 196 -10.70 25.46 -2.50
C ALA F 196 -10.10 26.55 -3.37
N ARG F 197 -10.49 26.57 -4.64
CA ARG F 197 -9.95 27.59 -5.52
C ARG F 197 -10.49 29.00 -5.14
N ALA F 198 -11.77 29.09 -4.82
CA ALA F 198 -12.36 30.33 -4.31
C ALA F 198 -11.67 30.79 -3.04
N LEU F 199 -11.60 29.89 -2.06
CA LEU F 199 -11.00 30.22 -0.76
C LEU F 199 -9.54 30.71 -0.86
N ARG F 200 -8.76 30.14 -1.78
CA ARG F 200 -7.39 30.58 -2.01
C ARG F 200 -7.35 32.04 -2.47
N ALA F 201 -8.34 32.40 -3.26
CA ALA F 201 -8.45 33.73 -3.78
C ALA F 201 -8.88 34.71 -2.69
N PHE F 202 -9.60 34.21 -1.68
CA PHE F 202 -10.15 35.11 -0.67
C PHE F 202 -9.01 35.67 0.13
N LEU F 203 -7.97 34.87 0.28
CA LEU F 203 -6.79 35.29 1.04
C LEU F 203 -6.00 36.41 0.35
N ARG F 204 -6.28 36.71 -0.92
CA ARG F 204 -5.66 37.90 -1.54
C ARG F 204 -6.72 38.97 -1.75
N GLN F 205 -7.82 38.83 -1.03
CA GLN F 205 -8.94 39.76 -1.12
C GLN F 205 -9.16 40.54 0.17
N ASP F 206 -8.18 40.52 1.05
CA ASP F 206 -8.20 41.30 2.30
C ASP F 206 -9.45 41.06 3.12
N PRO F 207 -9.69 39.80 3.51
CA PRO F 207 -10.97 39.48 4.16
C PRO F 207 -10.89 39.67 5.67
N ASP F 208 -12.04 39.75 6.34
CA ASP F 208 -12.09 39.75 7.80
C ASP F 208 -12.86 38.54 8.28
N ILE F 209 -14.08 38.40 7.77
CA ILE F 209 -14.90 37.25 8.04
C ILE F 209 -15.00 36.40 6.78
N ILE F 210 -14.80 35.10 6.91
CA ILE F 210 -14.96 34.16 5.79
C ILE F 210 -16.03 33.13 6.10
N MET F 211 -16.93 32.91 5.16
CA MET F 211 -17.96 31.90 5.32
C MET F 211 -17.78 30.79 4.29
N VAL F 212 -17.55 29.58 4.78
CA VAL F 212 -17.47 28.41 3.91
C VAL F 212 -18.73 27.57 4.03
N GLY F 213 -19.51 27.55 2.95
CA GLY F 213 -20.83 26.95 2.95
C GLY F 213 -20.79 25.50 3.34
N GLU F 214 -19.76 24.81 2.85
CA GLU F 214 -19.59 23.40 3.13
C GLU F 214 -18.12 22.96 2.95
N ILE F 215 -17.63 22.21 3.92
CA ILE F 215 -16.33 21.59 3.84
C ILE F 215 -16.45 20.13 3.44
N ARG F 216 -16.25 19.84 2.15
CA ARG F 216 -16.37 18.47 1.62
C ARG F 216 -15.03 17.77 1.42
N ASP F 217 -14.06 18.50 0.88
CA ASP F 217 -12.79 17.91 0.50
C ASP F 217 -11.69 18.22 1.50
N SER F 218 -10.60 17.49 1.40
CA SER F 218 -9.50 17.67 2.33
C SER F 218 -8.74 19.01 2.16
N GLU F 219 -8.60 19.48 0.93
CA GLU F 219 -7.91 20.74 0.67
C GLU F 219 -8.64 21.96 1.24
N THR F 220 -9.96 21.98 1.09
CA THR F 220 -10.76 23.08 1.61
C THR F 220 -10.66 23.10 3.13
N ALA F 221 -10.60 21.91 3.73
CA ALA F 221 -10.59 21.87 5.18
C ALA F 221 -9.29 22.45 5.68
N LYS F 222 -8.20 22.22 4.94
CA LYS F 222 -6.90 22.79 5.33
C LYS F 222 -6.81 24.29 5.12
N ILE F 223 -7.30 24.81 3.99
CA ILE F 223 -7.18 26.24 3.72
C ILE F 223 -8.04 27.10 4.66
N ALA F 224 -9.22 26.60 5.01
CA ALA F 224 -10.08 27.33 5.93
C ALA F 224 -9.46 27.37 7.32
N THR F 225 -8.86 26.26 7.74
CA THR F 225 -8.14 26.26 9.01
C THR F 225 -6.94 27.22 8.98
N GLU F 226 -6.20 27.22 7.86
CA GLU F 226 -5.06 28.15 7.68
C GLU F 226 -5.50 29.60 7.80
N ALA F 227 -6.62 29.91 7.15
CA ALA F 227 -7.15 31.27 7.14
C ALA F 227 -7.55 31.69 8.54
N ALA F 228 -8.09 30.73 9.29
CA ALA F 228 -8.41 30.99 10.68
C ALA F 228 -7.14 31.28 11.48
N LEU F 229 -6.12 30.47 11.21
CA LEU F 229 -4.85 30.51 11.92
C LEU F 229 -4.14 31.86 11.84
N THR F 230 -4.15 32.44 10.65
CA THR F 230 -3.40 33.63 10.36
C THR F 230 -4.02 34.90 10.94
N GLY F 231 -5.32 34.85 11.21
CA GLY F 231 -5.99 35.99 11.85
C GLY F 231 -7.35 36.35 11.28
N HIS F 232 -8.04 35.40 10.68
CA HIS F 232 -9.34 35.70 10.11
C HIS F 232 -10.40 34.90 10.82
N LEU F 233 -11.62 35.43 10.80
CA LEU F 233 -12.73 34.72 11.40
C LEU F 233 -13.33 33.87 10.31
N VAL F 234 -13.53 32.58 10.61
CA VAL F 234 -14.08 31.68 9.61
C VAL F 234 -15.29 30.91 10.13
N ILE F 235 -16.42 31.06 9.46
CA ILE F 235 -17.62 30.31 9.82
C ILE F 235 -17.89 29.28 8.74
N ALA F 236 -17.85 28.00 9.11
CA ALA F 236 -17.93 26.91 8.14
C ALA F 236 -18.89 25.80 8.61
N THR F 237 -19.47 25.12 7.64
CA THR F 237 -20.41 24.06 7.91
C THR F 237 -19.81 22.70 7.65
N LEU F 238 -20.06 21.78 8.58
CA LEU F 238 -19.58 20.42 8.49
C LEU F 238 -20.74 19.46 8.82
N HIS F 239 -20.62 18.19 8.44
CA HIS F 239 -21.66 17.18 8.78
C HIS F 239 -21.12 16.17 9.76
N THR F 240 -21.63 16.23 10.99
CA THR F 240 -21.25 15.30 12.05
C THR F 240 -22.43 15.11 12.96
N ASN F 241 -22.49 13.96 13.61
CA ASN F 241 -23.64 13.68 14.45
C ASN F 241 -23.53 14.39 15.81
N ASP F 242 -22.44 15.12 16.00
CA ASP F 242 -22.00 15.49 17.33
C ASP F 242 -21.02 16.67 17.21
N ALA F 243 -21.01 17.55 18.20
CA ALA F 243 -20.05 18.66 18.19
C ALA F 243 -18.62 18.17 18.23
N ALA F 244 -18.32 17.20 19.10
CA ALA F 244 -16.94 16.70 19.24
C ALA F 244 -16.41 16.05 17.96
N GLN F 245 -17.27 15.37 17.21
CA GLN F 245 -16.84 14.72 15.98
C GLN F 245 -16.40 15.66 14.86
N ALA F 246 -16.71 16.96 15.00
CA ALA F 246 -16.24 17.94 14.00
C ALA F 246 -14.73 18.11 14.13
N ILE F 247 -14.22 18.03 15.37
CA ILE F 247 -12.79 18.00 15.61
C ILE F 247 -12.18 16.79 14.95
N THR F 248 -12.70 15.62 15.28
CA THR F 248 -12.16 14.38 14.76
C THR F 248 -12.24 14.32 13.24
N ARG F 249 -13.33 14.84 12.68
CA ARG F 249 -13.50 14.77 11.23
C ARG F 249 -12.43 15.60 10.49
N LEU F 250 -12.12 16.80 11.01
CA LEU F 250 -11.06 17.63 10.42
C LEU F 250 -9.73 16.88 10.41
N ASP F 251 -9.51 16.15 11.49
CA ASP F 251 -8.34 15.29 11.64
C ASP F 251 -8.33 14.26 10.53
N GLU F 252 -9.45 13.51 10.45
CA GLU F 252 -9.62 12.46 9.46
C GLU F 252 -9.52 13.04 8.07
N MET F 253 -9.89 14.30 7.91
CA MET F 253 -9.83 14.91 6.59
C MET F 253 -8.43 15.37 6.23
N GLY F 254 -7.48 15.31 7.18
CA GLY F 254 -6.09 15.68 6.95
C GLY F 254 -5.53 16.95 7.59
N VAL F 255 -6.33 17.64 8.41
CA VAL F 255 -5.85 18.84 9.06
C VAL F 255 -4.90 18.45 10.22
N GLU F 256 -3.73 19.08 10.29
CA GLU F 256 -2.84 18.85 11.43
C GLU F 256 -3.57 19.20 12.73
N PRO F 257 -3.56 18.27 13.70
CA PRO F 257 -4.21 18.52 15.00
C PRO F 257 -3.69 19.78 15.70
N PHE F 258 -2.44 20.16 15.50
CA PHE F 258 -1.93 21.36 16.17
C PHE F 258 -2.51 22.58 15.54
N ASN F 259 -2.88 22.46 14.26
CA ASN F 259 -3.57 23.51 13.55
C ASN F 259 -5.03 23.63 13.99
N ILE F 260 -5.66 22.49 14.23
CA ILE F 260 -7.02 22.49 14.74
C ILE F 260 -7.08 23.11 16.11
N SER F 261 -6.19 22.68 17.01
CA SER F 261 -6.22 23.19 18.38
C SER F 261 -5.91 24.69 18.44
N ALA F 262 -5.29 25.18 17.38
CA ALA F 262 -4.81 26.53 17.36
C ALA F 262 -5.87 27.46 16.82
N ALA F 263 -6.63 26.96 15.86
CA ALA F 263 -7.57 27.81 15.16
C ALA F 263 -8.99 27.67 15.62
N LEU F 264 -9.34 26.56 16.26
CA LEU F 264 -10.76 26.28 16.51
C LEU F 264 -11.32 27.09 17.70
N ILE F 265 -12.26 28.00 17.42
CA ILE F 265 -13.02 28.72 18.45
C ILE F 265 -14.02 27.82 19.16
N GLY F 266 -14.78 27.07 18.36
CA GLY F 266 -15.85 26.21 18.87
C GLY F 266 -16.64 25.46 17.80
N VAL F 267 -17.47 24.52 18.26
CA VAL F 267 -18.39 23.81 17.36
C VAL F 267 -19.82 23.97 17.83
N LEU F 268 -20.75 24.06 16.88
CA LEU F 268 -22.18 24.02 17.19
C LEU F 268 -22.81 22.86 16.47
N SER F 269 -23.25 21.87 17.24
CA SER F 269 -24.13 20.83 16.70
C SER F 269 -25.60 21.27 16.87
N GLN F 270 -26.38 21.07 15.82
CA GLN F 270 -27.76 21.54 15.78
C GLN F 270 -28.79 20.56 15.17
N ARG F 271 -29.97 20.47 15.78
CA ARG F 271 -31.14 19.81 15.19
C ARG F 271 -32.35 20.71 15.23
N LEU F 272 -33.41 20.31 14.52
CA LEU F 272 -34.70 20.98 14.61
C LEU F 272 -35.77 20.05 15.16
N VAL F 273 -36.45 20.48 16.23
CA VAL F 273 -37.57 19.75 16.80
C VAL F 273 -38.86 20.50 16.46
N ARG F 274 -39.98 19.80 16.53
CA ARG F 274 -41.26 20.38 16.20
C ARG F 274 -41.88 21.02 17.44
N ARG F 275 -42.44 22.23 17.29
CA ARG F 275 -43.11 22.87 18.43
C ARG F 275 -44.51 22.30 18.61
N VAL F 276 -44.93 22.18 19.88
CA VAL F 276 -46.29 21.80 20.18
C VAL F 276 -47.26 22.84 19.65
N CYS F 277 -48.22 22.41 18.86
CA CYS F 277 -49.28 23.31 18.45
C CYS F 277 -49.96 23.86 19.71
N GLU F 278 -50.24 25.16 19.73
CA GLU F 278 -50.90 25.64 20.94
C GLU F 278 -52.40 25.90 20.81
N HIS F 279 -53.03 25.21 19.87
CA HIS F 279 -54.47 25.15 19.81
C HIS F 279 -54.90 23.75 20.17
N CYS F 280 -53.92 22.86 20.30
CA CYS F 280 -54.14 21.48 20.73
C CYS F 280 -53.56 21.24 22.10
N LYS F 281 -52.67 22.13 22.49
CA LYS F 281 -51.77 21.89 23.60
C LYS F 281 -52.57 21.46 24.82
N VAL F 282 -52.32 20.25 25.30
CA VAL F 282 -52.92 19.78 26.53
C VAL F 282 -51.81 19.30 27.45
N GLU F 283 -51.83 19.75 28.70
CA GLU F 283 -50.82 19.36 29.68
C GLU F 283 -50.89 17.86 29.96
N VAL F 284 -49.74 17.24 30.18
CA VAL F 284 -49.67 15.80 30.39
C VAL F 284 -48.88 15.51 31.65
N LYS F 285 -49.43 14.68 32.52
CA LYS F 285 -48.75 14.38 33.77
C LYS F 285 -47.55 13.49 33.45
N PRO F 286 -46.33 13.99 33.78
CA PRO F 286 -45.08 13.28 33.47
C PRO F 286 -45.00 11.97 34.20
N ASP F 287 -44.38 10.96 33.59
CA ASP F 287 -44.07 9.71 34.28
C ASP F 287 -42.64 9.70 34.84
N PRO F 288 -42.49 9.80 36.16
CA PRO F 288 -41.19 9.95 36.83
C PRO F 288 -40.19 8.85 36.52
N GLU F 289 -40.66 7.61 36.41
CA GLU F 289 -39.77 6.49 36.18
C GLU F 289 -39.16 6.56 34.79
N THR F 290 -39.92 7.09 33.84
CA THR F 290 -39.42 7.20 32.48
C THR F 290 -38.50 8.43 32.41
N LEU F 291 -38.79 9.43 33.23
CA LEU F 291 -37.95 10.62 33.32
C LEU F 291 -36.70 10.40 34.17
N ARG F 292 -36.56 9.21 34.75
CA ARG F 292 -35.39 8.90 35.56
C ARG F 292 -34.37 8.13 34.73
N ARG F 293 -34.86 7.29 33.82
CA ARG F 293 -33.92 6.56 32.98
C ARG F 293 -33.32 7.55 32.03
N LEU F 294 -34.15 8.48 31.55
CA LEU F 294 -33.67 9.71 30.94
C LEU F 294 -32.99 10.46 32.06
N GLY F 295 -31.72 10.83 31.90
CA GLY F 295 -30.94 11.29 33.05
C GLY F 295 -31.36 12.54 33.81
N LEU F 296 -32.62 12.61 34.21
CA LEU F 296 -33.12 13.79 34.88
C LEU F 296 -33.20 13.56 36.38
N SER F 297 -32.84 14.58 37.16
CA SER F 297 -32.76 14.40 38.61
C SER F 297 -34.13 14.63 39.23
N GLU F 298 -34.22 14.41 40.53
CA GLU F 298 -35.48 14.54 41.24
C GLU F 298 -36.00 15.97 41.23
N ALA F 299 -35.10 16.96 41.32
CA ALA F 299 -35.49 18.37 41.27
C ALA F 299 -36.13 18.69 39.93
N GLU F 300 -35.53 18.19 38.86
CA GLU F 300 -35.99 18.48 37.51
C GLU F 300 -37.33 17.83 37.15
N ILE F 301 -37.71 16.74 37.84
CA ILE F 301 -38.99 16.07 37.58
C ILE F 301 -40.15 16.87 38.19
N GLN F 302 -39.90 17.48 39.34
CA GLN F 302 -40.68 18.62 39.80
C GLN F 302 -40.40 19.77 38.84
N GLY F 303 -41.25 20.77 38.76
CA GLY F 303 -41.01 21.91 37.88
C GLY F 303 -40.95 21.49 36.42
N ALA F 304 -41.50 20.32 36.15
CA ALA F 304 -41.53 19.76 34.81
C ALA F 304 -42.95 19.81 34.29
N ARG F 305 -43.17 20.67 33.31
CA ARG F 305 -44.50 20.77 32.73
C ARG F 305 -44.47 20.27 31.28
N LEU F 306 -44.92 19.03 31.09
CA LEU F 306 -44.96 18.45 29.74
C LEU F 306 -46.25 18.79 29.03
N TYR F 307 -46.23 18.74 27.70
CA TYR F 307 -47.42 19.01 26.90
C TYR F 307 -47.44 18.08 25.69
N LYS F 308 -48.62 17.80 25.18
CA LYS F 308 -48.71 17.16 23.88
C LYS F 308 -49.89 17.81 23.18
N GLY F 309 -49.75 18.03 21.88
CA GLY F 309 -50.84 18.58 21.11
C GLY F 309 -51.84 17.52 20.68
N MET F 310 -53.09 17.69 21.11
CA MET F 310 -54.19 16.88 20.61
C MET F 310 -54.69 17.42 19.27
N GLY F 311 -54.15 16.88 18.17
CA GLY F 311 -54.43 17.36 16.81
C GLY F 311 -55.63 18.26 16.49
N CYS F 312 -55.38 19.31 15.72
CA CYS F 312 -56.43 20.24 15.31
C CYS F 312 -56.29 20.67 13.86
N GLU F 313 -57.30 21.36 13.35
CA GLU F 313 -57.32 21.88 11.99
C GLU F 313 -56.07 22.73 11.69
N ARG F 314 -55.56 23.45 12.68
CA ARG F 314 -54.46 24.36 12.45
C ARG F 314 -53.10 23.64 12.38
N CYS F 315 -53.01 22.48 13.03
CA CYS F 315 -51.76 21.70 13.00
C CYS F 315 -51.85 20.50 12.07
N GLY F 316 -52.92 20.44 11.28
CA GLY F 316 -53.12 19.35 10.35
C GLY F 316 -53.29 18.00 11.04
N GLY F 317 -53.65 18.01 12.33
CA GLY F 317 -53.83 16.78 13.06
C GLY F 317 -52.57 16.26 13.75
N THR F 318 -51.41 16.82 13.40
CA THR F 318 -50.15 16.29 13.93
C THR F 318 -49.88 16.62 15.40
N GLY F 319 -50.44 17.70 15.89
CA GLY F 319 -50.19 18.05 17.27
C GLY F 319 -49.01 19.00 17.32
N TYR F 320 -48.44 19.29 16.16
CA TYR F 320 -47.28 20.19 16.05
C TYR F 320 -47.48 21.33 15.05
N LYS F 321 -47.05 22.53 15.42
CA LYS F 321 -46.91 23.56 14.41
C LYS F 321 -45.63 24.35 14.63
N GLY F 322 -44.81 24.45 13.59
CA GLY F 322 -43.57 25.21 13.66
C GLY F 322 -42.39 24.38 14.15
N ARG F 323 -41.17 24.93 14.04
CA ARG F 323 -40.04 24.19 14.58
C ARG F 323 -39.20 25.02 15.54
N TYR F 324 -38.27 24.35 16.23
CA TYR F 324 -37.44 24.97 17.24
C TYR F 324 -36.06 24.30 17.21
N ALA F 325 -35.01 25.03 17.51
CA ALA F 325 -33.67 24.44 17.43
C ALA F 325 -33.20 23.96 18.78
N ILE F 326 -32.51 22.81 18.78
CA ILE F 326 -31.82 22.32 19.96
C ILE F 326 -30.33 22.37 19.70
N HIS F 327 -29.57 22.69 20.76
CA HIS F 327 -28.18 23.07 20.57
C HIS F 327 -27.23 22.27 21.43
N GLU F 328 -26.11 21.94 20.82
CA GLU F 328 -24.95 21.46 21.55
C GLU F 328 -23.79 22.40 21.16
N LEU F 329 -23.33 23.21 22.10
CA LEU F 329 -22.27 24.18 21.79
C LEU F 329 -20.94 23.83 22.47
N LEU F 330 -20.01 23.25 21.72
CA LEU F 330 -18.64 23.06 22.23
C LEU F 330 -17.86 24.36 22.17
N VAL F 331 -17.42 24.86 23.33
CA VAL F 331 -16.51 26.02 23.39
C VAL F 331 -15.10 25.56 23.72
N VAL F 332 -14.17 25.79 22.79
CA VAL F 332 -12.80 25.31 22.95
C VAL F 332 -12.07 26.13 24.00
N ASP F 333 -11.49 25.46 24.98
CA ASP F 333 -10.63 26.08 25.98
C ASP F 333 -9.27 25.35 25.96
N ASP F 334 -8.44 25.55 26.98
CA ASP F 334 -7.08 25.03 26.91
C ASP F 334 -7.05 23.50 27.04
N GLU F 335 -7.89 22.96 27.92
CA GLU F 335 -7.94 21.52 28.15
C GLU F 335 -8.43 20.72 26.92
N ILE F 336 -9.42 21.28 26.24
CA ILE F 336 -9.86 20.78 24.95
C ILE F 336 -8.75 20.96 23.89
N ARG F 337 -7.95 22.02 24.02
CA ARG F 337 -6.82 22.20 23.10
C ARG F 337 -5.76 21.13 23.31
N HIS F 338 -5.43 20.84 24.55
CA HIS F 338 -4.41 19.83 24.82
C HIS F 338 -4.92 18.45 24.48
N ALA F 339 -6.23 18.26 24.46
CA ALA F 339 -6.78 16.95 24.11
C ALA F 339 -6.91 16.81 22.60
N ILE F 340 -7.06 17.93 21.90
CA ILE F 340 -7.12 17.86 20.46
C ILE F 340 -5.77 17.38 19.94
N VAL F 341 -4.68 18.10 20.25
CA VAL F 341 -3.33 17.51 20.11
C VAL F 341 -3.28 16.41 21.16
N ALA F 342 -2.28 15.52 21.13
CA ALA F 342 -2.35 14.31 21.94
C ALA F 342 -3.46 13.36 21.46
N GLY F 343 -4.09 13.67 20.32
CA GLY F 343 -5.03 12.79 19.65
C GLY F 343 -6.03 12.01 20.49
N LYS F 344 -6.66 12.67 21.45
CA LYS F 344 -7.81 12.08 22.14
C LYS F 344 -8.98 11.87 21.17
N SER F 345 -9.84 10.91 21.52
CA SER F 345 -11.03 10.57 20.76
C SER F 345 -12.14 11.60 20.93
N ALA F 346 -13.12 11.56 20.03
CA ALA F 346 -14.25 12.47 20.12
C ALA F 346 -15.00 12.26 21.44
N THR F 347 -15.13 11.00 21.85
CA THR F 347 -15.80 10.66 23.10
C THR F 347 -15.07 11.28 24.30
N GLU F 348 -13.74 11.21 24.29
CA GLU F 348 -12.93 11.86 25.32
C GLU F 348 -13.12 13.38 25.32
N ILE F 349 -13.03 13.99 24.13
CA ILE F 349 -13.27 15.42 24.00
C ILE F 349 -14.64 15.77 24.57
N LYS F 350 -15.69 15.13 24.05
CA LYS F 350 -17.05 15.35 24.52
C LYS F 350 -17.19 15.35 26.05
N GLU F 351 -16.52 14.43 26.73
CA GLU F 351 -16.72 14.29 28.16
C GLU F 351 -16.02 15.42 28.87
N ILE F 352 -14.94 15.90 28.24
CA ILE F 352 -14.24 17.07 28.71
C ILE F 352 -15.12 18.30 28.57
N ALA F 353 -15.74 18.44 27.41
CA ALA F 353 -16.55 19.60 27.11
C ALA F 353 -17.74 19.67 28.08
N ARG F 354 -18.39 18.54 28.33
CA ARG F 354 -19.56 18.52 29.21
C ARG F 354 -19.16 18.91 30.64
N ARG F 355 -18.05 18.34 31.10
CA ARG F 355 -17.57 18.63 32.45
C ARG F 355 -17.29 20.10 32.59
N LYS F 356 -17.01 20.74 31.47
CA LYS F 356 -16.61 22.12 31.43
C LYS F 356 -17.81 23.02 31.23
N GLY F 357 -18.95 22.43 30.90
CA GLY F 357 -20.21 23.15 30.83
C GLY F 357 -21.14 22.91 29.64
N MET F 358 -20.79 21.97 28.76
CA MET F 358 -21.53 21.78 27.51
C MET F 358 -22.78 20.96 27.77
N LYS F 359 -23.89 21.39 27.21
CA LYS F 359 -25.11 20.60 27.25
C LYS F 359 -25.20 19.81 25.96
N THR F 360 -25.51 18.53 26.05
CA THR F 360 -25.65 17.71 24.84
C THR F 360 -26.94 18.06 24.08
N LEU F 361 -27.10 17.52 22.87
CA LEU F 361 -28.35 17.73 22.13
C LEU F 361 -29.52 17.22 22.95
N ARG F 362 -29.40 15.99 23.45
CA ARG F 362 -30.47 15.40 24.24
C ARG F 362 -30.88 16.30 25.41
N GLU F 363 -29.87 16.76 26.15
CA GLU F 363 -30.10 17.58 27.34
C GLU F 363 -30.79 18.90 27.01
N ASP F 364 -30.34 19.56 25.96
CA ASP F 364 -30.96 20.80 25.51
C ASP F 364 -32.40 20.53 25.06
N GLY F 365 -32.61 19.38 24.40
CA GLY F 365 -33.95 18.91 24.02
C GLY F 365 -34.84 18.66 25.22
N LEU F 366 -34.40 17.81 26.15
CA LEU F 366 -35.14 17.60 27.40
C LEU F 366 -35.46 18.91 28.12
N TYR F 367 -34.46 19.76 28.32
CA TYR F 367 -34.70 21.06 28.96
C TYR F 367 -35.84 21.86 28.32
N LYS F 368 -35.95 21.82 27.00
CA LYS F 368 -36.99 22.58 26.33
C LYS F 368 -38.31 21.83 26.24
N ALA F 369 -38.28 20.50 26.29
CA ALA F 369 -39.51 19.73 26.44
C ALA F 369 -40.16 19.97 27.80
N LEU F 370 -39.36 20.15 28.84
CA LEU F 370 -39.87 20.51 30.16
C LEU F 370 -40.43 21.94 30.20
N GLN F 371 -40.12 22.75 29.19
CA GLN F 371 -40.76 24.07 29.09
C GLN F 371 -42.02 24.00 28.23
N GLY F 372 -42.35 22.81 27.73
CA GLY F 372 -43.46 22.63 26.82
C GLY F 372 -43.28 23.27 25.43
N ILE F 373 -42.04 23.56 25.07
CA ILE F 373 -41.76 24.04 23.72
C ILE F 373 -42.02 22.91 22.73
N THR F 374 -41.54 21.72 23.09
CA THR F 374 -41.70 20.53 22.27
C THR F 374 -42.09 19.35 23.15
N THR F 375 -42.26 18.21 22.54
CA THR F 375 -42.69 17.05 23.29
C THR F 375 -41.48 16.17 23.51
N LEU F 376 -41.66 15.16 24.36
CA LEU F 376 -40.56 14.26 24.71
C LEU F 376 -40.08 13.41 23.53
N GLU F 377 -41.02 12.80 22.80
CA GLU F 377 -40.67 11.89 21.71
C GLU F 377 -39.84 12.58 20.62
N GLU F 378 -40.17 13.83 20.29
CA GLU F 378 -39.44 14.62 19.31
C GLU F 378 -37.99 14.73 19.73
N VAL F 379 -37.76 14.99 21.01
CA VAL F 379 -36.41 15.02 21.53
C VAL F 379 -35.74 13.67 21.34
N LEU F 380 -36.48 12.60 21.61
CA LEU F 380 -35.89 11.27 21.50
C LEU F 380 -35.74 10.82 20.04
N ALA F 381 -36.55 11.36 19.15
CA ALA F 381 -36.47 11.00 17.73
C ALA F 381 -35.41 11.83 16.99
N ARG F 382 -34.95 12.90 17.62
CA ARG F 382 -34.04 13.82 16.96
C ARG F 382 -32.65 13.73 17.57
N THR F 383 -32.52 12.93 18.62
CA THR F 383 -31.25 12.77 19.29
C THR F 383 -30.98 11.30 19.61
N ILE F 384 -29.88 10.76 19.12
CA ILE F 384 -29.33 9.49 19.63
C ILE F 384 -28.53 9.79 20.94
N GLU F 385 -28.88 10.92 21.56
CA GLU F 385 -28.25 11.49 22.77
C GLU F 385 -26.90 12.18 22.46
#